data_2R9E
#
_entry.id   2R9E
#
_cell.length_a   67.061
_cell.length_b   73.498
_cell.length_c   89.983
_cell.angle_alpha   99.35
_cell.angle_beta   98.19
_cell.angle_gamma   113.89
#
_symmetry.space_group_name_H-M   'P 1'
#
loop_
_entity.id
_entity.type
_entity.pdbx_description
1 polymer 'Citrate synthase'
2 non-polymer 's-citryldethia Coenzyme A'
3 water water
#
_entity_poly.entity_id   1
_entity_poly.type   'polypeptide(L)'
_entity_poly.pdbx_seq_one_letter_code
;MPETEEISKGLEDVNIKWTRLTTIDGNKGILRYGGYSVEDIIASGAQDEEIQYLFLYGNLPTEQELRKYKETVQKGYKIP
DFVINAIRQLPRESDAVAMQMAAVAAMAASETKFKWNKDTDRDVAAEMIGRMSAITVNVYRHIMNMPAELPKPSDSYAES
FLNAAFGRKATKEEIDAMNTALILYTDHEVPASTTAGLVAVSTLSDMYSGITAALAALKGPLHGGAAEAAIAQFDEIKDP
AMVEKWFNDNIINGKKRLMGFGHRVYKTYDPRAKIFKGIAEKLSSKKPEVHKVYEIATKLEDFGIKAFGSKGIYPNTDYF
SGIVYMSIGFPLRNNIYTALFALSRVTGWQAHFIEYVEEQQRLIRPRAVYVGPAERKYVPIAERK
;
_entity_poly.pdbx_strand_id   A,B,C,D
#
# COMPACT_ATOMS: atom_id res chain seq x y z
N THR A 4 34.99 0.51 33.90
CA THR A 4 35.12 0.87 32.44
C THR A 4 36.52 0.73 31.81
N GLU A 5 37.38 -0.14 32.34
CA GLU A 5 38.65 -0.39 31.62
C GLU A 5 38.67 -1.71 30.83
N GLU A 6 37.90 -2.72 31.28
CA GLU A 6 37.97 -4.01 30.62
C GLU A 6 37.10 -4.11 29.37
N ILE A 7 37.58 -4.88 28.40
CA ILE A 7 36.84 -5.11 27.17
C ILE A 7 36.11 -6.45 27.28
N SER A 8 34.78 -6.40 27.11
CA SER A 8 33.95 -7.60 26.94
C SER A 8 34.06 -8.20 25.51
N LYS A 9 35.16 -8.90 25.26
CA LYS A 9 35.46 -9.54 23.94
C LYS A 9 34.37 -10.46 23.37
N GLY A 10 33.86 -10.05 22.22
CA GLY A 10 32.70 -10.67 21.60
C GLY A 10 31.45 -10.68 22.47
N LEU A 11 31.40 -9.80 23.47
CA LEU A 11 30.30 -9.75 24.46
C LEU A 11 30.08 -11.10 25.14
N GLU A 12 31.14 -11.92 25.19
CA GLU A 12 30.96 -13.23 25.78
C GLU A 12 30.38 -13.14 27.22
N ASP A 13 29.31 -13.90 27.48
CA ASP A 13 28.60 -13.97 28.80
C ASP A 13 27.97 -12.65 29.27
N VAL A 14 27.94 -11.62 28.39
CA VAL A 14 27.19 -10.39 28.73
C VAL A 14 25.72 -10.70 28.43
N ASN A 15 24.80 -10.39 29.37
CA ASN A 15 23.37 -10.58 29.12
C ASN A 15 22.76 -9.32 28.52
N ILE A 16 22.17 -9.45 27.36
CA ILE A 16 21.68 -8.26 26.68
C ILE A 16 20.16 -8.01 26.89
N LYS A 17 19.43 -9.04 27.32
CA LYS A 17 17.96 -8.92 27.53
C LYS A 17 17.57 -10.13 28.36
N TRP A 18 16.33 -10.15 28.84
CA TRP A 18 15.77 -11.41 29.32
C TRP A 18 14.96 -12.02 28.20
N THR A 19 14.74 -13.34 28.25
CA THR A 19 13.80 -13.90 27.28
C THR A 19 12.87 -15.00 27.87
N ARG A 20 11.68 -15.11 27.32
CA ARG A 20 10.79 -16.23 27.65
C ARG A 20 10.82 -17.31 26.58
N LEU A 21 11.57 -17.08 25.51
CA LEU A 21 11.38 -17.81 24.27
C LEU A 21 12.20 -19.09 24.11
N THR A 22 13.46 -19.05 24.54
CA THR A 22 14.39 -20.10 24.22
C THR A 22 15.43 -20.18 25.31
N THR A 23 15.72 -21.41 25.70
CA THR A 23 16.73 -21.64 26.66
C THR A 23 17.76 -22.65 26.09
N ILE A 24 19.02 -22.41 26.40
CA ILE A 24 20.12 -23.26 25.98
C ILE A 24 20.96 -23.65 27.20
N ASP A 25 21.23 -24.95 27.31
CA ASP A 25 22.22 -25.47 28.25
C ASP A 25 23.45 -25.87 27.45
N GLY A 26 24.51 -25.06 27.52
CA GLY A 26 25.70 -25.25 26.72
C GLY A 26 26.57 -26.41 27.16
N ASN A 27 26.55 -26.74 28.45
CA ASN A 27 27.38 -27.85 28.92
C ASN A 27 26.69 -29.21 28.79
N LYS A 28 25.39 -29.26 29.00
CA LYS A 28 24.62 -30.51 28.82
C LYS A 28 23.97 -30.65 27.43
N GLY A 29 23.89 -29.57 26.68
CA GLY A 29 23.50 -29.68 25.26
C GLY A 29 22.00 -29.79 25.13
N ILE A 30 21.29 -28.91 25.82
CA ILE A 30 19.83 -28.89 25.83
C ILE A 30 19.30 -27.60 25.20
N LEU A 31 18.37 -27.74 24.30
CA LEU A 31 17.67 -26.61 23.70
C LEU A 31 16.16 -26.75 23.91
N ARG A 32 15.52 -25.81 24.60
CA ARG A 32 14.06 -25.84 24.64
C ARG A 32 13.49 -24.59 24.01
N TYR A 33 12.38 -24.73 23.32
CA TYR A 33 11.53 -23.59 22.84
C TYR A 33 10.25 -23.49 23.68
N GLY A 34 10.10 -22.38 24.40
CA GLY A 34 8.92 -22.14 25.27
C GLY A 34 8.69 -23.27 26.29
N GLY A 35 9.78 -23.81 26.82
CA GLY A 35 9.75 -24.99 27.70
C GLY A 35 9.76 -26.38 27.04
N TYR A 36 9.53 -26.44 25.72
CA TYR A 36 9.50 -27.72 24.98
C TYR A 36 10.86 -28.11 24.37
N SER A 37 11.35 -29.32 24.69
CA SER A 37 12.62 -29.75 24.13
C SER A 37 12.46 -29.94 22.62
N VAL A 38 13.47 -29.54 21.85
CA VAL A 38 13.40 -29.62 20.41
CA VAL A 38 13.41 -29.64 20.39
C VAL A 38 13.28 -31.10 19.99
N GLU A 39 13.94 -31.99 20.75
CA GLU A 39 13.85 -33.43 20.50
C GLU A 39 12.40 -33.95 20.64
N ASP A 40 11.71 -33.45 21.67
CA ASP A 40 10.29 -33.74 21.97
C ASP A 40 9.36 -33.14 20.89
N ILE A 41 9.62 -31.88 20.50
CA ILE A 41 8.89 -31.27 19.37
C ILE A 41 8.93 -32.07 18.06
N ILE A 42 10.14 -32.44 17.62
CA ILE A 42 10.30 -33.22 16.39
C ILE A 42 9.71 -34.62 16.55
N ALA A 43 10.07 -35.34 17.61
CA ALA A 43 9.50 -36.67 17.85
C ALA A 43 7.97 -36.64 17.77
N SER A 44 7.36 -35.64 18.43
CA SER A 44 5.88 -35.49 18.46
C SER A 44 5.20 -35.15 17.12
N GLY A 45 5.99 -34.86 16.09
CA GLY A 45 5.49 -34.51 14.76
C GLY A 45 4.89 -33.12 14.63
N ALA A 46 5.35 -32.16 15.41
CA ALA A 46 4.84 -30.79 15.26
C ALA A 46 5.01 -30.24 13.84
N GLN A 47 4.02 -29.46 13.42
CA GLN A 47 4.07 -28.71 12.20
C GLN A 47 4.88 -27.45 12.50
N ASP A 48 5.63 -26.96 11.51
CA ASP A 48 6.42 -25.73 11.71
C ASP A 48 5.54 -24.51 12.11
N GLU A 49 4.32 -24.44 11.58
CA GLU A 49 3.34 -23.38 11.92
C GLU A 49 2.94 -23.38 13.41
N GLU A 50 2.90 -24.54 14.03
CA GLU A 50 2.63 -24.60 15.48
C GLU A 50 3.75 -23.99 16.28
N ILE A 51 4.99 -24.10 15.79
CA ILE A 51 6.15 -23.60 16.53
C ILE A 51 6.30 -22.09 16.31
N GLN A 52 5.97 -21.63 15.09
CA GLN A 52 5.87 -20.20 14.79
C GLN A 52 4.88 -19.50 15.74
N TYR A 53 3.69 -20.09 15.81
CA TYR A 53 2.66 -19.63 16.74
C TYR A 53 3.20 -19.61 18.14
N LEU A 54 3.82 -20.72 18.58
CA LEU A 54 4.46 -20.83 19.90
C LEU A 54 5.35 -19.63 20.23
N PHE A 55 6.19 -19.27 19.26
CA PHE A 55 7.09 -18.12 19.37
C PHE A 55 6.36 -16.78 19.40
N LEU A 56 5.34 -16.60 18.60
CA LEU A 56 4.67 -15.30 18.53
C LEU A 56 3.69 -15.10 19.73
N TYR A 57 3.13 -16.19 20.25
CA TYR A 57 2.02 -16.13 21.24
C TYR A 57 2.36 -16.71 22.61
N GLY A 58 3.38 -17.56 22.71
CA GLY A 58 3.80 -18.02 24.03
C GLY A 58 3.25 -19.39 24.43
N ASN A 59 2.31 -19.90 23.66
CA ASN A 59 1.86 -21.30 23.82
C ASN A 59 1.51 -21.96 22.49
N LEU A 60 1.42 -23.30 22.50
CA LEU A 60 0.95 -24.03 21.33
C LEU A 60 -0.48 -23.64 21.04
N PRO A 61 -0.84 -23.60 19.74
CA PRO A 61 -2.18 -23.19 19.39
C PRO A 61 -3.21 -24.35 19.43
N THR A 62 -4.43 -24.01 19.85
CA THR A 62 -5.60 -24.87 19.69
C THR A 62 -5.90 -24.92 18.21
N GLU A 63 -6.73 -25.89 17.82
CA GLU A 63 -7.07 -26.18 16.43
C GLU A 63 -7.69 -24.95 15.78
N GLN A 64 -8.45 -24.18 16.56
CA GLN A 64 -9.05 -22.91 16.09
C GLN A 64 -7.99 -21.82 15.76
N GLU A 65 -7.12 -21.53 16.74
CA GLU A 65 -6.04 -20.55 16.63
C GLU A 65 -5.10 -20.86 15.46
N LEU A 66 -4.86 -22.15 15.22
CA LEU A 66 -3.95 -22.60 14.17
C LEU A 66 -4.47 -22.35 12.74
N ARG A 67 -5.75 -22.66 12.52
CA ARG A 67 -6.39 -22.36 11.23
C ARG A 67 -6.34 -20.86 10.89
N LYS A 68 -6.64 -20.03 11.88
CA LYS A 68 -6.57 -18.57 11.69
C LYS A 68 -5.10 -18.08 11.45
N TYR A 69 -4.19 -18.52 12.30
CA TYR A 69 -2.75 -18.22 12.17
C TYR A 69 -2.23 -18.51 10.75
N LYS A 70 -2.51 -19.72 10.24
CA LYS A 70 -2.15 -20.09 8.88
C LYS A 70 -2.72 -19.18 7.81
N GLU A 71 -3.92 -18.64 8.03
CA GLU A 71 -4.49 -17.68 7.06
C GLU A 71 -3.71 -16.37 7.01
N THR A 72 -3.39 -15.83 8.19
CA THR A 72 -2.55 -14.62 8.32
C THR A 72 -1.18 -14.83 7.62
N VAL A 73 -0.55 -15.98 7.85
CA VAL A 73 0.74 -16.29 7.23
C VAL A 73 0.66 -16.24 5.71
N GLN A 74 -0.40 -16.85 5.15
CA GLN A 74 -0.62 -16.91 3.71
C GLN A 74 -0.87 -15.57 3.01
N LYS A 75 -1.36 -14.58 3.74
CA LYS A 75 -1.41 -13.22 3.22
C LYS A 75 0.00 -12.76 2.78
N GLY A 76 1.03 -13.21 3.53
CA GLY A 76 2.43 -12.91 3.11
C GLY A 76 2.87 -13.50 1.78
N TYR A 77 2.14 -14.48 1.25
CA TYR A 77 2.52 -15.11 -0.03
C TYR A 77 2.34 -14.18 -1.21
N LYS A 78 1.50 -13.16 -1.03
CA LYS A 78 1.35 -12.11 -2.07
C LYS A 78 2.26 -10.94 -1.72
N ILE A 79 3.30 -10.76 -2.52
CA ILE A 79 4.29 -9.69 -2.32
C ILE A 79 4.31 -8.80 -3.56
N PRO A 80 4.54 -7.47 -3.39
CA PRO A 80 4.46 -6.61 -4.58
C PRO A 80 5.52 -6.90 -5.63
N ASP A 81 5.24 -6.50 -6.87
CA ASP A 81 6.16 -6.79 -7.94
C ASP A 81 7.49 -6.03 -7.79
N PHE A 82 7.52 -4.90 -7.10
CA PHE A 82 8.84 -4.25 -6.88
C PHE A 82 9.70 -5.00 -5.85
N VAL A 83 9.08 -5.74 -4.95
CA VAL A 83 9.84 -6.63 -4.03
C VAL A 83 10.43 -7.82 -4.82
N ILE A 84 9.62 -8.49 -5.63
CA ILE A 84 10.19 -9.47 -6.58
C ILE A 84 11.28 -8.87 -7.42
N ASN A 85 11.05 -7.66 -7.96
CA ASN A 85 12.06 -7.02 -8.82
C ASN A 85 13.35 -6.58 -8.11
N ALA A 86 13.25 -6.33 -6.80
CA ALA A 86 14.44 -6.05 -5.97
C ALA A 86 15.39 -7.25 -6.03
N ILE A 87 14.85 -8.45 -6.19
CA ILE A 87 15.69 -9.61 -6.36
C ILE A 87 16.18 -9.73 -7.83
N ARG A 88 15.23 -9.71 -8.77
CA ARG A 88 15.53 -10.15 -10.14
C ARG A 88 16.37 -9.17 -10.97
N GLN A 89 16.46 -7.92 -10.52
CA GLN A 89 17.31 -6.95 -11.23
C GLN A 89 18.79 -7.03 -10.79
N LEU A 90 19.08 -7.87 -9.77
CA LEU A 90 20.47 -8.08 -9.30
C LEU A 90 21.19 -9.08 -10.18
N PRO A 91 22.53 -9.01 -10.24
CA PRO A 91 23.26 -10.08 -10.94
C PRO A 91 22.90 -11.49 -10.37
N ARG A 92 22.57 -12.42 -11.27
CA ARG A 92 22.33 -13.85 -10.94
C ARG A 92 23.44 -14.55 -10.09
N GLU A 93 24.66 -14.05 -10.20
CA GLU A 93 25.82 -14.54 -9.45
C GLU A 93 25.88 -14.08 -7.95
N SER A 94 24.92 -13.26 -7.53
CA SER A 94 24.93 -12.68 -6.20
C SER A 94 24.66 -13.71 -5.08
N ASP A 95 25.12 -13.40 -3.87
CA ASP A 95 24.83 -14.21 -2.66
C ASP A 95 23.31 -14.24 -2.42
N ALA A 96 22.74 -15.41 -2.20
CA ALA A 96 21.31 -15.56 -1.93
C ALA A 96 20.87 -14.76 -0.69
N VAL A 97 21.70 -14.70 0.36
CA VAL A 97 21.28 -13.97 1.57
C VAL A 97 21.29 -12.48 1.29
N ALA A 98 22.26 -12.01 0.53
CA ALA A 98 22.25 -10.61 0.18
C ALA A 98 21.05 -10.28 -0.75
N MET A 99 20.60 -11.24 -1.56
CA MET A 99 19.33 -11.02 -2.32
C MET A 99 18.12 -10.93 -1.40
N GLN A 100 18.04 -11.81 -0.41
CA GLN A 100 16.99 -11.65 0.61
C GLN A 100 17.05 -10.29 1.29
N MET A 101 18.26 -9.86 1.64
CA MET A 101 18.44 -8.54 2.25
C MET A 101 17.94 -7.40 1.36
N ALA A 102 18.24 -7.47 0.07
CA ALA A 102 17.72 -6.50 -0.91
C ALA A 102 16.20 -6.49 -0.94
N ALA A 103 15.58 -7.66 -0.93
CA ALA A 103 14.13 -7.73 -0.95
C ALA A 103 13.48 -7.21 0.36
N VAL A 104 14.02 -7.58 1.52
CA VAL A 104 13.50 -7.04 2.79
C VAL A 104 13.73 -5.53 2.94
N ALA A 105 14.89 -5.03 2.50
CA ALA A 105 15.13 -3.57 2.51
C ALA A 105 14.09 -2.84 1.67
N ALA A 106 13.76 -3.39 0.50
CA ALA A 106 12.61 -2.87 -0.29
C ALA A 106 11.31 -2.77 0.49
N MET A 107 11.00 -3.78 1.30
CA MET A 107 9.86 -3.70 2.22
C MET A 107 10.05 -2.66 3.30
N ALA A 108 11.25 -2.58 3.91
CA ALA A 108 11.52 -1.59 4.94
C ALA A 108 11.25 -0.18 4.38
N ALA A 109 11.63 0.02 3.12
CA ALA A 109 11.44 1.31 2.46
C ALA A 109 9.96 1.67 2.29
N SER A 110 9.15 0.70 1.89
CA SER A 110 7.79 0.97 1.44
C SER A 110 6.72 0.82 2.54
N GLU A 111 7.04 0.11 3.62
CA GLU A 111 6.09 -0.05 4.73
C GLU A 111 6.10 1.21 5.63
N THR A 112 5.64 2.33 5.06
CA THR A 112 5.67 3.66 5.72
C THR A 112 4.75 3.74 6.93
N LYS A 113 3.78 2.81 7.00
CA LYS A 113 2.79 2.82 8.07
C LYS A 113 3.13 1.93 9.25
N PHE A 114 4.19 1.11 9.16
CA PHE A 114 4.59 0.29 10.30
C PHE A 114 4.77 1.08 11.60
N LYS A 115 4.22 0.57 12.69
CA LYS A 115 4.41 1.16 14.00
C LYS A 115 4.41 0.05 15.01
N TRP A 116 5.33 0.12 15.97
CA TRP A 116 5.40 -0.86 17.05
C TRP A 116 4.12 -0.69 17.88
N ASN A 117 3.38 -1.77 18.09
CA ASN A 117 2.06 -1.75 18.77
C ASN A 117 1.74 -3.18 19.23
N LYS A 118 1.53 -3.37 20.53
CA LYS A 118 1.15 -4.66 21.08
C LYS A 118 -0.04 -5.28 20.36
N ASP A 119 -0.91 -4.44 19.83
CA ASP A 119 -2.14 -4.91 19.16
C ASP A 119 -1.87 -5.60 17.84
N THR A 120 -0.87 -5.10 17.11
CA THR A 120 -0.68 -5.53 15.72
C THR A 120 0.66 -6.21 15.42
N ASP A 121 1.63 -6.15 16.32
CA ASP A 121 2.98 -6.71 16.09
C ASP A 121 2.94 -8.16 15.59
N ARG A 122 2.10 -8.98 16.22
CA ARG A 122 2.10 -10.42 15.92
C ARG A 122 1.51 -10.77 14.55
N ASP A 123 0.47 -10.05 14.13
CA ASP A 123 -0.05 -10.13 12.74
C ASP A 123 0.93 -9.65 11.68
N VAL A 124 1.62 -8.54 11.95
CA VAL A 124 2.71 -8.11 11.08
C VAL A 124 3.77 -9.22 10.94
N ALA A 125 4.20 -9.78 12.08
CA ALA A 125 5.22 -10.82 12.10
C ALA A 125 4.75 -12.08 11.40
N ALA A 126 3.50 -12.50 11.64
CA ALA A 126 2.98 -13.65 10.88
C ALA A 126 2.99 -13.46 9.34
N GLU A 127 2.47 -12.34 8.88
CA GLU A 127 2.49 -12.03 7.46
C GLU A 127 3.91 -11.98 6.88
N MET A 128 4.86 -11.46 7.65
CA MET A 128 6.26 -11.39 7.19
C MET A 128 6.87 -12.80 7.02
N ILE A 129 6.49 -13.75 7.87
CA ILE A 129 6.92 -15.13 7.69
C ILE A 129 6.43 -15.72 6.35
N GLY A 130 5.17 -15.44 5.96
CA GLY A 130 4.72 -15.77 4.61
C GLY A 130 5.54 -15.07 3.54
N ARG A 131 5.81 -13.77 3.72
CA ARG A 131 6.62 -12.98 2.75
C ARG A 131 8.05 -13.52 2.60
N MET A 132 8.63 -13.98 3.70
CA MET A 132 9.93 -14.58 3.65
C MET A 132 9.93 -15.86 2.80
N SER A 133 8.84 -16.63 2.87
CA SER A 133 8.72 -17.78 2.01
C SER A 133 8.70 -17.33 0.52
N ALA A 134 7.87 -16.34 0.20
CA ALA A 134 7.79 -15.79 -1.17
C ALA A 134 9.12 -15.20 -1.66
N ILE A 135 9.81 -14.46 -0.79
CA ILE A 135 11.10 -13.86 -1.13
C ILE A 135 12.10 -14.96 -1.44
N THR A 136 12.18 -15.97 -0.58
CA THR A 136 13.20 -17.03 -0.76
C THR A 136 12.93 -17.88 -1.99
N VAL A 137 11.67 -18.19 -2.26
CA VAL A 137 11.29 -18.85 -3.53
C VAL A 137 11.86 -18.10 -4.70
N ASN A 138 11.67 -16.80 -4.66
CA ASN A 138 12.05 -15.96 -5.76
C ASN A 138 13.55 -15.72 -5.85
N VAL A 139 14.23 -15.72 -4.71
CA VAL A 139 15.70 -15.73 -4.76
C VAL A 139 16.23 -17.00 -5.44
N TYR A 140 15.75 -18.16 -5.00
CA TYR A 140 16.15 -19.42 -5.59
C TYR A 140 15.88 -19.43 -7.12
N ARG A 141 14.66 -19.04 -7.53
CA ARG A 141 14.27 -18.98 -8.95
C ARG A 141 15.15 -18.09 -9.80
N HIS A 142 15.44 -16.90 -9.28
CA HIS A 142 16.32 -15.95 -9.96
C HIS A 142 17.72 -16.55 -10.14
N ILE A 143 18.24 -17.18 -9.08
CA ILE A 143 19.58 -17.78 -9.14
C ILE A 143 19.67 -18.86 -10.23
N MET A 144 18.61 -19.67 -10.31
CA MET A 144 18.54 -20.79 -11.22
C MET A 144 18.00 -20.40 -12.59
N ASN A 145 17.78 -19.10 -12.81
CA ASN A 145 17.31 -18.58 -14.10
C ASN A 145 15.95 -19.19 -14.50
N MET A 146 15.03 -19.23 -13.54
CA MET A 146 13.67 -19.69 -13.73
C MET A 146 12.75 -18.49 -13.63
N PRO A 147 11.50 -18.59 -14.12
CA PRO A 147 10.53 -17.51 -13.97
C PRO A 147 10.14 -17.29 -12.50
N ALA A 148 9.70 -16.07 -12.19
CA ALA A 148 9.15 -15.76 -10.86
C ALA A 148 7.91 -16.59 -10.55
N GLU A 149 7.73 -16.93 -9.28
CA GLU A 149 6.55 -17.67 -8.83
C GLU A 149 6.26 -17.34 -7.38
N LEU A 150 5.00 -17.47 -6.98
CA LEU A 150 4.61 -17.20 -5.61
C LEU A 150 4.12 -18.49 -4.96
N PRO A 151 4.42 -18.68 -3.66
CA PRO A 151 3.83 -19.86 -3.02
C PRO A 151 2.30 -19.71 -2.97
N LYS A 152 1.61 -20.85 -2.87
CA LYS A 152 0.16 -20.90 -2.68
C LYS A 152 -0.18 -21.68 -1.42
N PRO A 153 -1.34 -21.40 -0.78
CA PRO A 153 -1.78 -22.23 0.34
C PRO A 153 -1.80 -23.71 -0.02
N SER A 154 -1.42 -24.55 0.93
CA SER A 154 -1.42 -25.99 0.77
C SER A 154 -1.61 -26.46 2.19
N ASP A 155 -1.49 -27.77 2.42
CA ASP A 155 -1.59 -28.33 3.77
C ASP A 155 -0.47 -27.87 4.72
N SER A 156 0.65 -27.42 4.16
CA SER A 156 1.77 -27.00 5.02
C SER A 156 2.58 -25.84 4.45
N TYR A 157 3.08 -25.03 5.37
CA TYR A 157 4.07 -24.00 5.01
C TYR A 157 5.29 -24.57 4.27
N ALA A 158 5.86 -25.67 4.78
CA ALA A 158 6.98 -26.32 4.10
C ALA A 158 6.63 -26.81 2.68
N GLU A 159 5.43 -27.38 2.53
CA GLU A 159 5.01 -27.83 1.22
C GLU A 159 4.78 -26.63 0.29
N SER A 160 4.15 -25.59 0.81
CA SER A 160 3.94 -24.42 -0.04
C SER A 160 5.25 -23.89 -0.57
N PHE A 161 6.27 -23.88 0.29
CA PHE A 161 7.57 -23.35 -0.08
C PHE A 161 8.26 -24.22 -1.17
N LEU A 162 8.37 -25.51 -0.89
CA LEU A 162 9.06 -26.43 -1.78
C LEU A 162 8.39 -26.48 -3.16
N ASN A 163 7.05 -26.57 -3.18
CA ASN A 163 6.32 -26.70 -4.42
C ASN A 163 6.62 -25.51 -5.32
N ALA A 164 6.65 -24.30 -4.71
CA ALA A 164 6.88 -23.08 -5.45
C ALA A 164 8.35 -22.96 -5.83
N ALA A 165 9.26 -23.32 -4.92
CA ALA A 165 10.71 -23.18 -5.25
C ALA A 165 11.07 -24.09 -6.46
N PHE A 166 10.62 -25.33 -6.44
CA PHE A 166 11.02 -26.26 -7.50
C PHE A 166 10.07 -26.31 -8.70
N GLY A 167 8.85 -25.84 -8.53
CA GLY A 167 7.86 -25.86 -9.62
C GLY A 167 7.33 -27.26 -9.87
N ARG A 168 7.22 -28.06 -8.82
CA ARG A 168 6.73 -29.43 -8.95
C ARG A 168 6.27 -29.83 -7.57
N LYS A 169 5.43 -30.87 -7.49
CA LYS A 169 4.93 -31.35 -6.23
C LYS A 169 6.05 -32.06 -5.42
N ALA A 170 6.25 -31.60 -4.20
CA ALA A 170 7.29 -32.16 -3.34
C ALA A 170 6.75 -33.48 -2.81
N THR A 171 7.62 -34.46 -2.60
CA THR A 171 7.20 -35.69 -1.92
C THR A 171 7.02 -35.48 -0.44
N LYS A 172 6.28 -36.39 0.21
CA LYS A 172 6.04 -36.30 1.65
C LYS A 172 7.35 -36.35 2.48
N GLU A 173 8.29 -37.16 2.03
CA GLU A 173 9.64 -37.25 2.60
C GLU A 173 10.40 -35.89 2.56
N GLU A 174 10.36 -35.23 1.40
CA GLU A 174 10.98 -33.90 1.20
C GLU A 174 10.31 -32.87 2.12
N ILE A 175 8.97 -32.87 2.12
CA ILE A 175 8.20 -31.95 2.91
C ILE A 175 8.56 -32.11 4.39
N ASP A 176 8.63 -33.36 4.85
CA ASP A 176 8.86 -33.64 6.27
C ASP A 176 10.27 -33.19 6.71
N ALA A 177 11.24 -33.41 5.84
CA ALA A 177 12.62 -32.94 6.03
C ALA A 177 12.67 -31.40 6.14
N MET A 178 12.01 -30.71 5.20
CA MET A 178 11.97 -29.24 5.21
C MET A 178 11.28 -28.74 6.46
N ASN A 179 10.15 -29.36 6.81
CA ASN A 179 9.45 -29.03 8.03
C ASN A 179 10.36 -29.14 9.26
N THR A 180 11.16 -30.22 9.33
CA THR A 180 12.10 -30.39 10.46
C THR A 180 13.20 -29.32 10.43
N ALA A 181 13.76 -29.03 9.25
CA ALA A 181 14.80 -27.97 9.11
C ALA A 181 14.25 -26.59 9.56
N LEU A 182 12.98 -26.32 9.25
CA LEU A 182 12.32 -25.09 9.69
C LEU A 182 12.22 -24.99 11.21
N ILE A 183 11.81 -26.08 11.86
CA ILE A 183 11.76 -26.10 13.32
C ILE A 183 13.17 -25.96 13.95
N LEU A 184 14.15 -26.70 13.43
CA LEU A 184 15.47 -26.76 14.06
C LEU A 184 16.16 -25.38 14.04
N TYR A 185 15.91 -24.60 13.00
CA TYR A 185 16.56 -23.30 12.84
C TYR A 185 15.72 -22.12 13.34
N THR A 186 14.54 -22.40 13.93
CA THR A 186 13.62 -21.30 14.30
C THR A 186 14.25 -20.18 15.13
N ASP A 187 14.99 -20.56 16.17
CA ASP A 187 15.56 -19.62 17.10
C ASP A 187 16.71 -20.23 17.91
N HIS A 188 17.58 -19.36 18.40
CA HIS A 188 18.66 -19.83 19.23
C HIS A 188 19.09 -18.77 20.19
N GLU A 189 18.09 -18.11 20.80
CA GLU A 189 18.33 -17.13 21.82
C GLU A 189 18.92 -15.85 21.17
N VAL A 190 20.15 -15.45 21.53
CA VAL A 190 20.73 -14.20 20.91
C VAL A 190 22.08 -14.42 20.19
N PRO A 191 22.05 -15.19 19.10
CA PRO A 191 23.21 -15.30 18.21
C PRO A 191 23.55 -13.94 17.54
N ALA A 192 24.60 -13.87 16.70
CA ALA A 192 25.02 -12.57 16.10
C ALA A 192 23.89 -11.94 15.26
N SER A 193 23.18 -12.75 14.48
CA SER A 193 22.10 -12.21 13.62
C SER A 193 21.02 -11.57 14.48
N THR A 194 20.55 -12.34 15.49
CA THR A 194 19.46 -11.83 16.35
C THR A 194 19.91 -10.56 17.08
N THR A 195 21.15 -10.55 17.51
CA THR A 195 21.76 -9.41 18.20
C THR A 195 21.82 -8.18 17.30
N ALA A 196 22.22 -8.34 16.04
CA ALA A 196 22.32 -7.18 15.14
C ALA A 196 20.93 -6.58 14.96
N GLY A 197 19.95 -7.45 14.72
CA GLY A 197 18.56 -7.06 14.63
C GLY A 197 18.05 -6.37 15.88
N LEU A 198 18.40 -6.88 17.06
CA LEU A 198 17.99 -6.26 18.30
C LEU A 198 18.57 -4.87 18.47
N VAL A 199 19.81 -4.66 18.07
CA VAL A 199 20.43 -3.36 18.11
C VAL A 199 19.66 -2.36 17.26
N ALA A 200 19.32 -2.81 16.04
CA ALA A 200 18.52 -1.97 15.10
C ALA A 200 17.16 -1.60 15.69
N VAL A 201 16.47 -2.58 16.22
CA VAL A 201 15.12 -2.33 16.75
C VAL A 201 15.15 -1.54 18.10
N SER A 202 16.29 -1.59 18.79
CA SER A 202 16.45 -0.81 20.02
C SER A 202 16.44 0.73 19.73
N THR A 203 16.66 1.16 18.50
CA THR A 203 16.53 2.57 18.09
C THR A 203 15.07 2.95 17.75
N LEU A 204 14.24 1.94 17.80
CA LEU A 204 12.81 1.95 17.42
C LEU A 204 12.66 2.04 15.90
N SER A 205 13.69 1.57 15.20
CA SER A 205 13.58 1.31 13.82
C SER A 205 12.55 0.19 13.61
N ASP A 206 12.00 0.11 12.42
CA ASP A 206 10.92 -0.86 12.11
C ASP A 206 11.39 -2.34 12.09
N MET A 207 10.43 -3.26 12.11
CA MET A 207 10.66 -4.72 12.13
C MET A 207 11.43 -5.17 10.89
N TYR A 208 11.11 -4.58 9.73
CA TYR A 208 11.77 -4.98 8.47
C TYR A 208 13.24 -4.59 8.48
N SER A 209 13.58 -3.42 9.01
CA SER A 209 14.99 -3.05 9.19
C SER A 209 15.68 -3.98 10.19
N GLY A 210 15.02 -4.33 11.30
CA GLY A 210 15.61 -5.33 12.20
C GLY A 210 15.98 -6.63 11.47
N ILE A 211 15.07 -7.13 10.63
CA ILE A 211 15.36 -8.33 9.83
C ILE A 211 16.54 -8.08 8.85
N THR A 212 16.61 -6.90 8.27
CA THR A 212 17.69 -6.60 7.30
C THR A 212 19.08 -6.69 7.97
N ALA A 213 19.19 -6.10 9.15
CA ALA A 213 20.41 -6.15 9.95
C ALA A 213 20.78 -7.57 10.38
N ALA A 214 19.77 -8.36 10.73
CA ALA A 214 19.96 -9.77 11.08
C ALA A 214 20.49 -10.56 9.90
N LEU A 215 19.91 -10.37 8.70
CA LEU A 215 20.40 -11.02 7.47
C LEU A 215 21.88 -10.66 7.18
N ALA A 216 22.22 -9.38 7.36
CA ALA A 216 23.60 -8.85 7.21
C ALA A 216 24.61 -9.65 8.01
N ALA A 217 24.27 -9.91 9.28
CA ALA A 217 25.08 -10.72 10.16
C ALA A 217 25.03 -12.23 9.88
N LEU A 218 23.87 -12.78 9.52
CA LEU A 218 23.76 -14.23 9.28
C LEU A 218 24.64 -14.72 8.13
N LYS A 219 24.77 -13.86 7.13
CA LYS A 219 25.54 -14.13 5.92
C LYS A 219 27.00 -14.55 6.22
N GLY A 220 27.56 -14.01 7.29
CA GLY A 220 29.01 -14.25 7.52
C GLY A 220 29.35 -15.71 7.79
N PRO A 221 30.55 -16.18 7.38
CA PRO A 221 30.91 -17.61 7.53
C PRO A 221 31.14 -18.07 8.96
N LEU A 222 31.32 -17.18 9.93
CA LEU A 222 31.41 -17.63 11.33
C LEU A 222 30.02 -17.88 11.93
N HIS A 223 28.99 -17.38 11.25
CA HIS A 223 27.59 -17.56 11.65
C HIS A 223 26.88 -18.42 10.58
N GLY A 224 25.77 -17.93 10.03
CA GLY A 224 24.97 -18.71 9.12
C GLY A 224 25.67 -19.12 7.82
N GLY A 225 26.64 -18.33 7.36
CA GLY A 225 27.47 -18.72 6.21
C GLY A 225 28.14 -20.08 6.34
N ALA A 226 28.23 -20.61 7.57
CA ALA A 226 28.84 -21.93 7.73
C ALA A 226 28.01 -23.04 7.06
N ALA A 227 26.70 -22.80 6.90
CA ALA A 227 25.78 -23.78 6.33
C ALA A 227 26.23 -24.13 4.91
N GLU A 228 26.92 -23.19 4.27
CA GLU A 228 27.54 -23.46 2.98
C GLU A 228 29.03 -23.80 3.08
N ALA A 229 29.76 -23.09 3.95
CA ALA A 229 31.21 -23.30 4.07
C ALA A 229 31.56 -24.72 4.57
N ALA A 230 30.74 -25.29 5.47
CA ALA A 230 31.05 -26.65 5.96
C ALA A 230 30.91 -27.69 4.82
N ILE A 231 29.77 -27.68 4.14
CA ILE A 231 29.59 -28.63 3.06
C ILE A 231 30.59 -28.39 1.89
N ALA A 232 31.00 -27.14 1.72
CA ALA A 232 32.03 -26.86 0.74
C ALA A 232 33.34 -27.56 1.11
N GLN A 233 33.63 -27.76 2.41
CA GLN A 233 34.79 -28.59 2.78
C GLN A 233 34.68 -30.02 2.22
N PHE A 234 33.50 -30.64 2.39
CA PHE A 234 33.28 -32.01 1.95
C PHE A 234 33.43 -32.09 0.42
N ASP A 235 32.86 -31.11 -0.29
CA ASP A 235 32.99 -31.01 -1.73
C ASP A 235 34.45 -30.90 -2.18
N GLU A 236 35.27 -30.22 -1.39
CA GLU A 236 36.68 -30.01 -1.74
C GLU A 236 37.51 -31.29 -1.63
N ILE A 237 37.23 -32.08 -0.60
CA ILE A 237 37.97 -33.30 -0.29
C ILE A 237 37.77 -34.34 -1.36
N LYS A 238 36.51 -34.53 -1.77
CA LYS A 238 36.20 -35.30 -2.99
C LYS A 238 36.38 -36.82 -2.90
N ASP A 239 37.33 -37.29 -2.09
CA ASP A 239 37.64 -38.73 -1.95
C ASP A 239 37.81 -39.02 -0.46
N PRO A 240 37.01 -39.97 0.10
CA PRO A 240 37.13 -40.36 1.51
C PRO A 240 38.53 -40.78 1.98
N ALA A 241 39.32 -41.46 1.12
CA ALA A 241 40.74 -41.78 1.43
C ALA A 241 41.54 -40.51 1.72
N MET A 242 41.09 -39.39 1.16
CA MET A 242 41.81 -38.13 1.25
C MET A 242 41.47 -37.24 2.47
N VAL A 243 40.53 -37.67 3.32
CA VAL A 243 40.02 -36.85 4.41
C VAL A 243 41.11 -36.45 5.40
N GLU A 244 41.86 -37.44 5.92
CA GLU A 244 42.83 -37.11 6.96
C GLU A 244 43.94 -36.21 6.48
N LYS A 245 44.33 -36.39 5.23
CA LYS A 245 45.30 -35.55 4.55
C LYS A 245 44.83 -34.09 4.47
N TRP A 246 43.59 -33.92 4.02
CA TRP A 246 42.97 -32.61 3.94
C TRP A 246 42.96 -31.95 5.34
N PHE A 247 42.53 -32.72 6.32
CA PHE A 247 42.32 -32.23 7.67
C PHE A 247 43.66 -31.78 8.23
N ASN A 248 44.71 -32.57 8.00
CA ASN A 248 46.05 -32.21 8.48
C ASN A 248 46.62 -31.00 7.72
N ASP A 249 46.39 -30.93 6.41
CA ASP A 249 46.86 -29.81 5.61
C ASP A 249 46.13 -28.50 5.86
N ASN A 250 44.84 -28.54 6.17
CA ASN A 250 44.06 -27.34 6.25
C ASN A 250 43.78 -26.84 7.67
N ILE A 251 43.56 -27.79 8.57
CA ILE A 251 43.07 -27.49 9.87
C ILE A 251 44.20 -27.64 10.90
N ILE A 252 44.83 -28.81 10.98
CA ILE A 252 45.77 -29.05 12.08
C ILE A 252 47.01 -28.17 11.97
N ASN A 253 47.53 -27.95 10.77
CA ASN A 253 48.60 -26.92 10.61
C ASN A 253 48.19 -25.45 10.93
N GLY A 254 46.90 -25.24 11.21
CA GLY A 254 46.38 -23.95 11.68
C GLY A 254 46.01 -23.00 10.56
N LYS A 255 46.00 -23.50 9.32
CA LYS A 255 45.67 -22.67 8.19
C LYS A 255 44.22 -22.09 8.27
N LYS A 256 43.24 -22.94 8.65
CA LYS A 256 41.78 -22.65 8.65
C LYS A 256 41.01 -23.28 9.83
N ARG A 257 39.85 -22.71 10.17
CA ARG A 257 38.97 -23.33 11.19
C ARG A 257 38.15 -24.44 10.53
N LEU A 258 37.83 -25.45 11.31
CA LEU A 258 36.96 -26.51 10.83
C LEU A 258 35.49 -25.99 10.83
N MET A 259 34.95 -25.74 9.64
CA MET A 259 33.61 -25.10 9.50
C MET A 259 32.52 -26.12 9.89
N GLY A 260 31.52 -25.68 10.67
CA GLY A 260 30.48 -26.59 11.16
C GLY A 260 30.90 -27.22 12.48
N PHE A 261 32.07 -26.84 13.01
CA PHE A 261 32.44 -27.22 14.40
C PHE A 261 32.52 -25.98 15.25
N GLY A 262 32.20 -26.10 16.54
CA GLY A 262 32.44 -25.05 17.49
C GLY A 262 31.20 -24.20 17.68
N HIS A 263 31.12 -23.53 18.82
CA HIS A 263 29.93 -22.74 19.16
C HIS A 263 30.23 -21.84 20.35
N ARG A 264 29.74 -20.61 20.32
CA ARG A 264 29.90 -19.73 21.48
C ARG A 264 29.32 -20.34 22.78
N VAL A 265 28.21 -21.07 22.65
CA VAL A 265 27.45 -21.53 23.81
C VAL A 265 27.69 -23.03 24.07
N TYR A 266 27.43 -23.90 23.08
CA TYR A 266 27.60 -25.36 23.21
C TYR A 266 29.04 -25.78 23.34
N LYS A 267 29.36 -26.50 24.40
CA LYS A 267 30.69 -27.05 24.62
C LYS A 267 30.56 -28.56 24.59
N THR A 268 29.56 -29.01 23.86
CA THR A 268 29.24 -30.39 23.61
C THR A 268 28.56 -30.42 22.24
N TYR A 269 28.23 -31.64 21.78
CA TYR A 269 27.50 -31.83 20.53
C TYR A 269 26.22 -31.01 20.49
N ASP A 270 25.99 -30.27 19.39
CA ASP A 270 24.80 -29.42 19.26
C ASP A 270 23.58 -30.39 19.16
N PRO A 271 22.54 -30.18 20.00
CA PRO A 271 21.38 -31.08 19.91
C PRO A 271 20.65 -31.02 18.58
N ARG A 272 20.66 -29.85 17.93
CA ARG A 272 20.13 -29.75 16.56
C ARG A 272 20.95 -30.54 15.52
N ALA A 273 22.25 -30.62 15.75
CA ALA A 273 23.15 -31.30 14.82
C ALA A 273 22.96 -32.81 14.90
N LYS A 274 22.63 -33.33 16.08
CA LYS A 274 22.29 -34.75 16.21
C LYS A 274 21.07 -35.10 15.36
N ILE A 275 20.07 -34.23 15.44
CA ILE A 275 18.85 -34.40 14.67
C ILE A 275 19.11 -34.26 13.17
N PHE A 276 19.83 -33.20 12.76
CA PHE A 276 20.16 -33.02 11.34
C PHE A 276 20.95 -34.22 10.81
N LYS A 277 21.85 -34.78 11.63
CA LYS A 277 22.70 -35.87 11.23
C LYS A 277 21.88 -37.10 10.88
N GLY A 278 20.95 -37.44 11.77
CA GLY A 278 20.00 -38.54 11.53
C GLY A 278 19.25 -38.39 10.21
N ILE A 279 18.72 -37.20 9.93
CA ILE A 279 18.05 -36.94 8.64
C ILE A 279 18.97 -36.97 7.41
N ALA A 280 20.16 -36.37 7.54
CA ALA A 280 21.15 -36.31 6.46
C ALA A 280 21.47 -37.74 6.01
N GLU A 281 21.66 -38.63 6.99
CA GLU A 281 22.00 -40.02 6.76
C GLU A 281 20.87 -40.74 5.97
N LYS A 282 19.65 -40.65 6.49
CA LYS A 282 18.46 -41.28 5.85
C LYS A 282 18.21 -40.76 4.44
N LEU A 283 18.18 -39.44 4.26
CA LEU A 283 17.94 -38.86 2.94
C LEU A 283 19.04 -38.98 1.92
N SER A 284 20.29 -38.78 2.36
CA SER A 284 21.42 -38.89 1.43
C SER A 284 21.64 -40.33 0.96
N SER A 285 21.31 -41.31 1.81
CA SER A 285 21.48 -42.71 1.41
C SER A 285 20.62 -43.07 0.18
N LYS A 286 19.56 -42.30 -0.09
CA LYS A 286 18.72 -42.49 -1.29
C LYS A 286 19.28 -41.90 -2.61
N LYS A 287 20.33 -41.08 -2.51
CA LYS A 287 20.98 -40.43 -3.66
C LYS A 287 22.47 -40.69 -3.51
N PRO A 288 23.02 -41.62 -4.31
CA PRO A 288 24.43 -41.99 -4.08
C PRO A 288 25.46 -40.86 -4.18
N GLU A 289 25.28 -39.90 -5.08
CA GLU A 289 26.22 -38.77 -5.17
C GLU A 289 26.21 -37.91 -3.86
N VAL A 290 25.03 -37.77 -3.26
CA VAL A 290 24.90 -37.09 -1.98
C VAL A 290 25.36 -37.97 -0.82
N HIS A 291 25.09 -39.29 -0.88
CA HIS A 291 25.60 -40.19 0.12
C HIS A 291 27.13 -40.09 0.24
N LYS A 292 27.80 -39.96 -0.89
CA LYS A 292 29.25 -39.76 -0.89
C LYS A 292 29.72 -38.56 -0.07
N VAL A 293 29.01 -37.44 -0.23
CA VAL A 293 29.20 -36.26 0.63
C VAL A 293 29.03 -36.54 2.14
N TYR A 294 27.92 -37.16 2.51
CA TYR A 294 27.68 -37.63 3.89
C TYR A 294 28.81 -38.52 4.43
N GLU A 295 29.29 -39.48 3.62
CA GLU A 295 30.40 -40.33 4.09
C GLU A 295 31.74 -39.57 4.35
N ILE A 296 32.10 -38.62 3.49
CA ILE A 296 33.21 -37.68 3.74
C ILE A 296 32.96 -36.90 5.04
N ALA A 297 31.75 -36.36 5.19
CA ALA A 297 31.38 -35.61 6.40
C ALA A 297 31.55 -36.44 7.66
N THR A 298 31.07 -37.68 7.70
CA THR A 298 31.18 -38.43 8.97
C THR A 298 32.62 -38.84 9.28
N LYS A 299 33.42 -39.07 8.23
CA LYS A 299 34.84 -39.41 8.40
C LYS A 299 35.61 -38.21 8.99
N LEU A 300 35.37 -37.06 8.39
CA LEU A 300 35.94 -35.81 8.89
C LEU A 300 35.46 -35.48 10.31
N GLU A 301 34.19 -35.78 10.61
CA GLU A 301 33.63 -35.53 11.93
C GLU A 301 34.38 -36.31 13.00
N ASP A 302 34.76 -37.56 12.69
CA ASP A 302 35.47 -38.40 13.65
C ASP A 302 36.85 -37.81 13.97
N PHE A 303 37.57 -37.35 12.94
CA PHE A 303 38.84 -36.67 13.15
C PHE A 303 38.70 -35.38 13.94
N GLY A 304 37.69 -34.60 13.59
CA GLY A 304 37.42 -33.33 14.28
C GLY A 304 37.15 -33.50 15.76
N ILE A 305 36.29 -34.44 16.13
CA ILE A 305 35.95 -34.58 17.55
C ILE A 305 37.16 -35.06 18.37
N LYS A 306 37.98 -35.95 17.77
CA LYS A 306 39.22 -36.42 18.40
C LYS A 306 40.22 -35.26 18.58
N ALA A 307 40.33 -34.38 17.58
CA ALA A 307 41.22 -33.24 17.70
C ALA A 307 40.72 -32.14 18.61
N PHE A 308 39.40 -31.90 18.63
CA PHE A 308 38.85 -30.64 19.23
C PHE A 308 37.88 -30.83 20.39
N GLY A 309 37.42 -32.07 20.56
CA GLY A 309 36.49 -32.46 21.62
C GLY A 309 36.93 -31.96 23.00
N SER A 310 38.20 -32.16 23.33
CA SER A 310 38.71 -31.76 24.65
C SER A 310 38.63 -30.24 24.87
N LYS A 311 38.56 -29.48 23.78
CA LYS A 311 38.40 -28.03 23.92
C LYS A 311 36.92 -27.60 23.90
N GLY A 312 35.99 -28.56 23.93
CA GLY A 312 34.55 -28.29 23.85
C GLY A 312 34.16 -27.79 22.45
N ILE A 313 34.91 -28.21 21.41
CA ILE A 313 34.60 -27.85 20.02
C ILE A 313 34.03 -29.09 19.29
N TYR A 314 32.73 -29.06 19.01
CA TYR A 314 31.97 -30.19 18.49
C TYR A 314 31.15 -29.76 17.24
N PRO A 315 30.60 -30.73 16.50
CA PRO A 315 29.69 -30.38 15.38
C PRO A 315 28.56 -29.46 15.86
N ASN A 316 28.31 -28.42 15.09
CA ASN A 316 27.18 -27.58 15.28
C ASN A 316 26.16 -27.88 14.17
N THR A 317 25.03 -27.21 14.28
CA THR A 317 23.95 -27.31 13.31
C THR A 317 24.37 -27.20 11.80
N ASP A 318 25.34 -26.33 11.49
CA ASP A 318 25.70 -26.10 10.10
C ASP A 318 26.54 -27.21 9.48
N TYR A 319 27.03 -28.14 10.29
CA TYR A 319 27.86 -29.24 9.75
C TYR A 319 27.07 -30.23 8.88
N PHE A 320 25.83 -30.50 9.27
CA PHE A 320 24.95 -31.44 8.58
C PHE A 320 23.81 -30.83 7.78
N SER A 321 23.49 -29.56 8.02
CA SER A 321 22.31 -28.95 7.44
C SER A 321 22.38 -28.84 5.90
N GLY A 322 23.55 -28.49 5.38
CA GLY A 322 23.80 -28.43 3.92
C GLY A 322 23.51 -29.77 3.25
N ILE A 323 23.81 -30.89 3.93
CA ILE A 323 23.56 -32.22 3.35
C ILE A 323 22.06 -32.51 3.22
N VAL A 324 21.30 -32.07 4.21
CA VAL A 324 19.87 -32.26 4.22
C VAL A 324 19.28 -31.46 3.10
N TYR A 325 19.70 -30.19 2.97
CA TYR A 325 19.16 -29.36 1.92
C TYR A 325 19.56 -29.92 0.56
N MET A 326 20.79 -30.39 0.44
CA MET A 326 21.23 -31.01 -0.82
C MET A 326 20.38 -32.23 -1.20
N SER A 327 20.05 -33.06 -0.21
CA SER A 327 19.20 -34.25 -0.36
C SER A 327 17.76 -33.90 -0.80
N ILE A 328 17.24 -32.77 -0.32
CA ILE A 328 15.93 -32.21 -0.70
C ILE A 328 15.92 -31.70 -2.15
N GLY A 329 17.10 -31.36 -2.71
CA GLY A 329 17.11 -30.82 -4.08
C GLY A 329 17.80 -29.46 -4.31
N PHE A 330 18.28 -28.82 -3.23
CA PHE A 330 18.92 -27.50 -3.33
C PHE A 330 20.39 -27.66 -3.64
N PRO A 331 20.86 -26.96 -4.69
CA PRO A 331 22.27 -27.03 -5.11
C PRO A 331 23.22 -26.25 -4.21
N LEU A 332 24.49 -26.61 -4.31
CA LEU A 332 25.57 -25.99 -3.54
C LEU A 332 26.12 -24.81 -4.36
N ARG A 333 25.52 -23.64 -4.21
CA ARG A 333 25.97 -22.46 -4.94
C ARG A 333 25.28 -21.22 -4.37
N ASN A 334 25.92 -20.05 -4.52
CA ASN A 334 25.31 -18.76 -4.17
C ASN A 334 24.82 -18.62 -2.72
N ASN A 335 25.37 -19.41 -1.78
CA ASN A 335 24.99 -19.30 -0.36
C ASN A 335 23.50 -19.61 -0.16
N ILE A 336 22.92 -20.43 -1.03
CA ILE A 336 21.51 -20.84 -0.91
C ILE A 336 21.20 -21.49 0.42
N TYR A 337 22.11 -22.32 0.92
CA TYR A 337 21.85 -22.98 2.25
C TYR A 337 21.69 -21.99 3.41
N THR A 338 22.43 -20.90 3.38
CA THR A 338 22.29 -19.82 4.35
C THR A 338 20.95 -19.10 4.21
N ALA A 339 20.48 -18.90 2.96
CA ALA A 339 19.13 -18.34 2.74
C ALA A 339 17.99 -19.20 3.33
N LEU A 340 18.20 -20.51 3.31
CA LEU A 340 17.22 -21.45 3.85
C LEU A 340 17.26 -21.44 5.39
N PHE A 341 18.46 -21.26 5.95
CA PHE A 341 18.62 -20.94 7.37
C PHE A 341 17.79 -19.67 7.71
N ALA A 342 17.96 -18.61 6.94
CA ALA A 342 17.32 -17.34 7.21
C ALA A 342 15.82 -17.50 7.11
N LEU A 343 15.36 -18.25 6.10
CA LEU A 343 13.90 -18.58 5.93
C LEU A 343 13.25 -19.03 7.28
N SER A 344 13.91 -19.96 7.97
CA SER A 344 13.49 -20.50 9.26
C SER A 344 13.62 -19.45 10.39
N ARG A 345 14.79 -18.80 10.45
CA ARG A 345 15.14 -18.03 11.61
C ARG A 345 14.36 -16.70 11.68
N VAL A 346 13.74 -16.28 10.57
CA VAL A 346 12.95 -15.04 10.59
C VAL A 346 11.91 -15.08 11.72
N THR A 347 11.42 -16.28 12.07
CA THR A 347 10.41 -16.39 13.15
C THR A 347 10.98 -15.97 14.51
N GLY A 348 12.12 -16.55 14.86
CA GLY A 348 12.85 -16.20 16.08
C GLY A 348 13.26 -14.74 16.13
N TRP A 349 13.80 -14.22 15.02
CA TRP A 349 14.20 -12.82 14.96
C TRP A 349 13.01 -11.95 15.38
N GLN A 350 11.89 -12.09 14.71
CA GLN A 350 10.75 -11.22 14.98
C GLN A 350 10.21 -11.39 16.36
N ALA A 351 10.13 -12.64 16.78
CA ALA A 351 9.64 -12.92 18.15
C ALA A 351 10.55 -12.24 19.17
N HIS A 352 11.88 -12.28 18.96
CA HIS A 352 12.78 -11.55 19.87
C HIS A 352 12.63 -10.02 19.82
N PHE A 353 12.47 -9.47 18.62
CA PHE A 353 12.38 -8.05 18.47
C PHE A 353 11.12 -7.56 19.17
N ILE A 354 10.03 -8.31 18.98
CA ILE A 354 8.76 -7.96 19.59
C ILE A 354 8.91 -8.01 21.11
N GLU A 355 9.52 -9.05 21.64
CA GLU A 355 9.72 -9.18 23.11
C GLU A 355 10.58 -8.00 23.68
N TYR A 356 11.58 -7.57 22.92
CA TYR A 356 12.47 -6.52 23.39
C TYR A 356 11.75 -5.17 23.41
N VAL A 357 11.19 -4.79 22.26
CA VAL A 357 10.57 -3.46 22.10
C VAL A 357 9.37 -3.33 23.04
N GLU A 358 8.51 -4.34 23.07
CA GLU A 358 7.28 -4.32 23.89
C GLU A 358 7.51 -4.24 25.41
N GLU A 359 8.52 -4.93 25.91
CA GLU A 359 8.64 -5.17 27.34
C GLU A 359 9.92 -4.76 28.03
N GLN A 360 10.97 -4.43 27.26
CA GLN A 360 12.26 -4.13 27.91
C GLN A 360 13.03 -3.17 27.03
N GLN A 361 12.30 -2.32 26.32
CA GLN A 361 12.93 -1.37 25.39
C GLN A 361 14.03 -0.52 26.06
N ARG A 362 15.23 -0.53 25.48
CA ARG A 362 16.21 0.50 25.77
C ARG A 362 17.21 0.54 24.60
N LEU A 363 17.60 1.74 24.21
CA LEU A 363 18.64 1.91 23.21
C LEU A 363 19.86 1.05 23.55
N ILE A 364 20.38 0.30 22.58
CA ILE A 364 21.63 -0.42 22.78
C ILE A 364 22.83 0.43 22.28
N ARG A 365 23.76 0.76 23.17
CA ARG A 365 24.76 1.78 22.85
C ARG A 365 25.89 1.58 23.81
N PRO A 366 26.88 0.73 23.45
CA PRO A 366 28.00 0.42 24.34
C PRO A 366 29.07 1.52 24.27
N ARG A 367 30.26 1.23 24.78
CA ARG A 367 31.42 2.13 24.75
C ARG A 367 32.59 1.33 24.18
N ALA A 368 33.67 2.05 23.94
CA ALA A 368 34.95 1.50 23.55
C ALA A 368 36.02 2.10 24.45
N VAL A 369 37.13 1.40 24.56
CA VAL A 369 38.28 1.93 25.33
C VAL A 369 39.18 2.65 24.32
N TYR A 370 39.56 3.89 24.62
CA TYR A 370 40.38 4.66 23.68
C TYR A 370 41.86 4.37 23.89
N VAL A 371 42.52 3.96 22.80
CA VAL A 371 43.96 3.68 22.80
C VAL A 371 44.68 4.47 21.72
N GLY A 372 44.06 5.54 21.23
CA GLY A 372 44.69 6.27 20.13
C GLY A 372 45.55 7.45 20.60
N PRO A 373 45.93 8.33 19.65
CA PRO A 373 46.79 9.49 19.97
C PRO A 373 46.23 10.39 21.08
N ALA A 374 47.11 10.86 21.95
CA ALA A 374 46.77 11.89 22.92
C ALA A 374 46.46 13.22 22.18
N GLU A 375 45.88 14.16 22.91
CA GLU A 375 45.47 15.45 22.36
C GLU A 375 46.62 16.09 21.60
N ARG A 376 46.37 16.56 20.39
CA ARG A 376 47.40 17.20 19.56
C ARG A 376 46.76 18.31 18.72
N LYS A 377 47.57 19.29 18.36
CA LYS A 377 47.12 20.49 17.66
C LYS A 377 46.97 20.17 16.19
N TYR A 378 45.92 20.71 15.57
CA TYR A 378 45.72 20.55 14.15
C TYR A 378 46.82 21.32 13.39
N VAL A 379 47.38 20.67 12.39
CA VAL A 379 48.44 21.23 11.59
C VAL A 379 47.88 21.41 10.19
N PRO A 380 47.94 22.64 9.63
CA PRO A 380 47.35 22.89 8.29
C PRO A 380 48.11 22.12 7.23
N ILE A 381 47.43 21.79 6.12
CA ILE A 381 47.96 20.79 5.17
C ILE A 381 49.28 21.20 4.46
N ALA A 382 49.43 22.51 4.24
CA ALA A 382 50.65 23.11 3.70
C ALA A 382 51.91 22.81 4.52
N GLU A 383 51.78 22.68 5.84
CA GLU A 383 52.92 22.43 6.74
C GLU A 383 53.13 20.98 7.19
N ARG A 384 52.46 20.03 6.54
CA ARG A 384 52.59 18.62 6.95
C ARG A 384 53.74 17.95 6.23
N GLU B 6 23.39 -10.77 36.06
CA GLU B 6 22.32 -10.57 35.08
C GLU B 6 22.53 -9.41 34.05
N ILE B 7 21.56 -8.51 33.92
CA ILE B 7 21.35 -7.79 32.63
C ILE B 7 22.05 -6.45 32.46
N SER B 8 22.84 -6.34 31.39
CA SER B 8 23.50 -5.09 31.03
C SER B 8 22.56 -4.32 30.10
N LYS B 9 21.61 -3.56 30.67
CA LYS B 9 20.53 -2.93 29.93
C LYS B 9 21.06 -1.88 28.97
N GLY B 10 20.76 -2.06 27.69
CA GLY B 10 21.24 -1.16 26.64
C GLY B 10 22.74 -1.22 26.42
N LEU B 11 23.40 -2.28 26.93
CA LEU B 11 24.87 -2.43 26.99
C LEU B 11 25.58 -1.24 27.64
N GLU B 12 24.88 -0.58 28.56
CA GLU B 12 25.42 0.68 29.09
C GLU B 12 26.75 0.43 29.79
N ASP B 13 27.78 1.22 29.44
CA ASP B 13 29.14 1.05 29.98
C ASP B 13 29.85 -0.31 29.68
N VAL B 14 29.30 -1.10 28.76
CA VAL B 14 29.99 -2.32 28.36
C VAL B 14 30.96 -1.90 27.26
N ASN B 15 32.24 -2.24 27.36
CA ASN B 15 33.17 -1.97 26.26
C ASN B 15 33.26 -3.10 25.28
N ILE B 16 32.97 -2.81 24.01
CA ILE B 16 32.84 -3.85 23.03
C ILE B 16 34.14 -3.99 22.20
N LYS B 17 34.99 -2.96 22.24
CA LYS B 17 36.28 -2.97 21.53
C LYS B 17 37.22 -1.91 22.11
N TRP B 18 38.48 -1.88 21.65
CA TRP B 18 39.24 -0.67 21.81
C TRP B 18 39.20 0.09 20.48
N THR B 19 39.53 1.37 20.52
CA THR B 19 39.61 2.14 19.30
C THR B 19 40.73 3.18 19.41
N ARG B 20 41.34 3.49 18.28
CA ARG B 20 42.26 4.63 18.17
C ARG B 20 41.58 5.80 17.49
N LEU B 21 40.31 5.64 17.12
CA LEU B 21 39.70 6.57 16.18
C LEU B 21 39.11 7.85 16.80
N THR B 22 38.47 7.69 17.94
CA THR B 22 37.57 8.73 18.46
C THR B 22 37.51 8.56 19.96
N THR B 23 37.63 9.67 20.68
CA THR B 23 37.36 9.73 22.12
C THR B 23 36.26 10.69 22.45
N ILE B 24 35.45 10.32 23.43
CA ILE B 24 34.37 11.15 23.93
C ILE B 24 34.51 11.24 25.45
N ASP B 25 34.51 12.47 25.98
CA ASP B 25 34.32 12.69 27.42
C ASP B 25 32.88 13.18 27.59
N GLY B 26 31.99 12.32 28.01
CA GLY B 26 30.59 12.67 28.20
C GLY B 26 30.31 13.68 29.32
N ASN B 27 31.21 13.78 30.30
CA ASN B 27 31.01 14.74 31.40
C ASN B 27 31.54 16.12 31.10
N LYS B 28 32.64 16.19 30.35
CA LYS B 28 33.12 17.49 29.92
C LYS B 28 32.73 17.89 28.49
N GLY B 29 32.05 17.00 27.76
CA GLY B 29 31.53 17.30 26.43
C GLY B 29 32.67 17.60 25.46
N ILE B 30 33.59 16.66 25.37
CA ILE B 30 34.80 16.84 24.57
C ILE B 30 34.80 15.71 23.56
N LEU B 31 35.05 16.04 22.30
CA LEU B 31 35.09 15.04 21.25
C LEU B 31 36.37 15.24 20.47
N ARG B 32 37.13 14.19 20.32
CA ARG B 32 38.35 14.26 19.49
C ARG B 32 38.36 13.13 18.46
N TYR B 33 38.82 13.45 17.24
CA TYR B 33 39.09 12.51 16.17
C TYR B 33 40.62 12.31 16.07
N GLY B 34 41.11 11.11 16.39
CA GLY B 34 42.56 10.79 16.38
C GLY B 34 43.43 11.82 17.12
N GLY B 35 42.91 12.34 18.23
CA GLY B 35 43.60 13.35 19.02
C GLY B 35 43.30 14.82 18.69
N TYR B 36 42.71 15.08 17.54
CA TYR B 36 42.34 16.47 17.17
C TYR B 36 40.94 16.85 17.66
N SER B 37 40.77 18.01 18.31
CA SER B 37 39.43 18.37 18.73
C SER B 37 38.59 18.72 17.49
N VAL B 38 37.31 18.37 17.49
CA VAL B 38 36.51 18.66 16.33
CA VAL B 38 36.43 18.68 16.36
C VAL B 38 36.33 20.18 16.15
N GLU B 39 36.36 20.95 17.25
CA GLU B 39 36.40 22.43 17.18
C GLU B 39 37.59 22.98 16.35
N ASP B 40 38.79 22.49 16.66
CA ASP B 40 40.06 22.77 15.96
C ASP B 40 39.95 22.43 14.47
N ILE B 41 39.50 21.20 14.17
CA ILE B 41 39.27 20.81 12.76
C ILE B 41 38.34 21.78 12.03
N ILE B 42 37.21 22.14 12.64
CA ILE B 42 36.22 23.05 12.00
C ILE B 42 36.81 24.48 11.80
N ALA B 43 37.43 25.03 12.85
CA ALA B 43 38.06 26.37 12.82
C ALA B 43 39.12 26.42 11.73
N SER B 44 39.82 25.30 11.56
CA SER B 44 40.92 25.23 10.62
C SER B 44 40.45 25.32 9.19
N GLY B 45 39.17 25.02 8.98
CA GLY B 45 38.65 24.88 7.61
C GLY B 45 39.13 23.62 6.85
N ALA B 46 39.57 22.58 7.56
CA ALA B 46 39.91 21.26 6.94
C ALA B 46 38.81 20.80 5.99
N GLN B 47 39.22 20.19 4.86
CA GLN B 47 38.24 19.59 3.95
C GLN B 47 37.81 18.25 4.53
N ASP B 48 36.57 17.86 4.27
CA ASP B 48 36.11 16.56 4.77
C ASP B 48 36.99 15.40 4.29
N GLU B 49 37.49 15.44 3.05
CA GLU B 49 38.40 14.37 2.59
C GLU B 49 39.64 14.19 3.51
N GLU B 50 40.20 15.27 4.05
CA GLU B 50 41.33 15.20 4.98
C GLU B 50 40.96 14.39 6.25
N ILE B 51 39.75 14.60 6.73
CA ILE B 51 39.25 13.86 7.89
C ILE B 51 38.88 12.39 7.49
N GLN B 52 38.33 12.17 6.30
CA GLN B 52 38.15 10.76 5.84
C GLN B 52 39.49 10.01 5.81
N TYR B 53 40.51 10.66 5.25
CA TYR B 53 41.87 10.10 5.24
C TYR B 53 42.41 9.77 6.65
N LEU B 54 42.24 10.73 7.54
CA LEU B 54 42.59 10.52 8.93
C LEU B 54 41.97 9.26 9.53
N PHE B 55 40.69 9.04 9.24
CA PHE B 55 40.00 7.85 9.76
C PHE B 55 40.51 6.54 9.15
N LEU B 56 40.78 6.57 7.85
CA LEU B 56 41.21 5.36 7.17
C LEU B 56 42.69 4.97 7.40
N TYR B 57 43.56 5.98 7.62
CA TYR B 57 45.04 5.82 7.66
C TYR B 57 45.68 6.15 8.99
N GLY B 58 44.99 6.91 9.83
CA GLY B 58 45.46 7.16 11.17
C GLY B 58 46.23 8.47 11.34
N ASN B 59 46.41 9.22 10.26
CA ASN B 59 47.05 10.54 10.32
C ASN B 59 46.52 11.44 9.26
N LEU B 60 46.76 12.75 9.43
CA LEU B 60 46.32 13.71 8.46
C LEU B 60 47.17 13.54 7.18
N PRO B 61 46.60 13.77 5.98
CA PRO B 61 47.45 13.53 4.81
C PRO B 61 48.30 14.75 4.44
N THR B 62 49.44 14.50 3.81
CA THR B 62 50.19 15.57 3.11
C THR B 62 49.41 15.93 1.84
N GLU B 63 49.77 17.00 1.14
CA GLU B 63 49.11 17.34 -0.12
C GLU B 63 49.15 16.19 -1.16
N GLN B 64 50.27 15.45 -1.18
CA GLN B 64 50.49 14.34 -2.11
C GLN B 64 49.55 13.14 -1.80
N GLU B 65 49.51 12.75 -0.54
CA GLU B 65 48.62 11.68 -0.07
C GLU B 65 47.17 12.05 -0.35
N LEU B 66 46.82 13.32 -0.13
CA LEU B 66 45.44 13.78 -0.36
C LEU B 66 45.01 13.69 -1.82
N ARG B 67 45.89 14.14 -2.73
CA ARG B 67 45.63 13.97 -4.17
C ARG B 67 45.37 12.51 -4.52
N LYS B 68 46.23 11.63 -4.01
CA LYS B 68 46.11 10.21 -4.27
C LYS B 68 44.75 9.69 -3.73
N TYR B 69 44.41 10.11 -2.51
CA TYR B 69 43.20 9.63 -1.83
C TYR B 69 41.89 10.00 -2.57
N LYS B 70 41.79 11.28 -2.97
CA LYS B 70 40.65 11.81 -3.65
C LYS B 70 40.37 11.08 -4.94
N GLU B 71 41.45 10.68 -5.63
CA GLU B 71 41.32 9.88 -6.85
C GLU B 71 40.63 8.52 -6.59
N THR B 72 40.99 7.87 -5.50
CA THR B 72 40.30 6.64 -5.09
C THR B 72 38.81 6.85 -4.73
N VAL B 73 38.51 7.91 -3.99
CA VAL B 73 37.10 8.23 -3.62
C VAL B 73 36.23 8.51 -4.86
N GLN B 74 36.78 9.28 -5.82
CA GLN B 74 36.03 9.61 -7.01
C GLN B 74 35.78 8.38 -7.91
N LYS B 75 36.56 7.31 -7.74
CA LYS B 75 36.24 5.99 -8.36
C LYS B 75 34.81 5.57 -7.99
N GLY B 76 34.40 5.83 -6.74
CA GLY B 76 33.04 5.50 -6.30
C GLY B 76 31.92 6.33 -6.89
N TYR B 77 32.22 7.41 -7.58
CA TYR B 77 31.15 8.24 -8.14
C TYR B 77 30.39 7.56 -9.29
N LYS B 78 31.03 6.59 -9.91
CA LYS B 78 30.39 5.74 -10.88
C LYS B 78 29.83 4.51 -10.17
N ILE B 79 28.54 4.29 -10.30
CA ILE B 79 27.93 3.12 -9.67
C ILE B 79 27.09 2.42 -10.73
N PRO B 80 26.96 1.08 -10.61
CA PRO B 80 26.19 0.31 -11.60
C PRO B 80 24.76 0.80 -11.78
N ASP B 81 24.22 0.55 -12.97
CA ASP B 81 22.85 0.91 -13.30
C ASP B 81 21.87 0.22 -12.35
N PHE B 82 22.17 -1.01 -11.96
CA PHE B 82 21.27 -1.73 -11.03
C PHE B 82 21.26 -1.17 -9.60
N VAL B 83 22.36 -0.56 -9.15
CA VAL B 83 22.36 0.09 -7.81
C VAL B 83 21.47 1.32 -7.81
N ILE B 84 21.55 2.12 -8.90
CA ILE B 84 20.65 3.24 -9.09
C ILE B 84 19.22 2.75 -9.19
N ASN B 85 19.05 1.69 -9.96
CA ASN B 85 17.75 1.12 -10.17
C ASN B 85 17.21 0.43 -8.91
N ALA B 86 18.10 -0.05 -8.02
CA ALA B 86 17.60 -0.54 -6.73
C ALA B 86 16.89 0.58 -5.98
N ILE B 87 17.29 1.83 -6.20
CA ILE B 87 16.60 2.97 -5.59
C ILE B 87 15.32 3.36 -6.32
N ARG B 88 15.46 3.53 -7.64
CA ARG B 88 14.38 4.15 -8.43
C ARG B 88 13.19 3.23 -8.70
N GLN B 89 13.41 1.92 -8.57
CA GLN B 89 12.34 0.96 -8.72
C GLN B 89 11.42 0.90 -7.48
N LEU B 90 11.80 1.61 -6.40
CA LEU B 90 11.00 1.76 -5.17
C LEU B 90 9.96 2.90 -5.22
N PRO B 91 8.85 2.80 -4.46
CA PRO B 91 7.92 3.95 -4.36
C PRO B 91 8.57 5.23 -3.80
N ARG B 92 8.11 6.39 -4.27
CA ARG B 92 8.66 7.70 -3.85
C ARG B 92 8.36 8.15 -2.40
N GLU B 93 7.25 7.72 -1.81
CA GLU B 93 6.99 8.07 -0.41
C GLU B 93 7.89 7.31 0.60
N SER B 94 8.81 6.50 0.07
CA SER B 94 9.69 5.66 0.88
C SER B 94 10.74 6.45 1.64
N ASP B 95 11.09 5.94 2.81
CA ASP B 95 12.05 6.54 3.72
C ASP B 95 13.42 6.60 3.02
N ALA B 96 14.06 7.77 3.05
CA ALA B 96 15.36 7.96 2.37
C ALA B 96 16.44 7.00 2.84
N VAL B 97 16.49 6.70 4.16
CA VAL B 97 17.50 5.77 4.68
C VAL B 97 17.27 4.34 4.23
N ALA B 98 16.02 3.90 4.24
CA ALA B 98 15.64 2.58 3.70
C ALA B 98 16.06 2.45 2.22
N MET B 99 15.93 3.56 1.49
CA MET B 99 16.42 3.63 0.11
C MET B 99 17.92 3.46 0.02
N GLN B 100 18.67 4.12 0.91
CA GLN B 100 20.10 3.86 0.98
C GLN B 100 20.37 2.38 1.31
N MET B 101 19.64 1.82 2.28
CA MET B 101 19.84 0.40 2.61
C MET B 101 19.67 -0.48 1.38
N ALA B 102 18.59 -0.25 0.62
CA ALA B 102 18.29 -1.00 -0.62
C ALA B 102 19.45 -0.96 -1.58
N ALA B 103 20.04 0.21 -1.75
CA ALA B 103 21.17 0.38 -2.66
C ALA B 103 22.41 -0.29 -2.15
N VAL B 104 22.72 -0.12 -0.86
CA VAL B 104 23.89 -0.80 -0.32
C VAL B 104 23.68 -2.34 -0.34
N ALA B 105 22.46 -2.81 -0.08
CA ALA B 105 22.19 -4.25 -0.12
C ALA B 105 22.50 -4.81 -1.53
N ALA B 106 22.08 -4.06 -2.55
CA ALA B 106 22.45 -4.35 -3.96
C ALA B 106 23.95 -4.55 -4.20
N MET B 107 24.81 -3.72 -3.60
CA MET B 107 26.26 -3.97 -3.67
C MET B 107 26.74 -5.11 -2.82
N ALA B 108 26.25 -5.19 -1.58
CA ALA B 108 26.53 -6.36 -0.79
C ALA B 108 26.34 -7.59 -1.71
N ALA B 109 25.21 -7.64 -2.43
CA ALA B 109 24.82 -8.80 -3.23
C ALA B 109 25.80 -9.08 -4.38
N SER B 110 26.21 -8.04 -5.08
CA SER B 110 26.94 -8.14 -6.32
C SER B 110 28.46 -8.13 -6.13
N GLU B 111 28.94 -7.63 -4.98
CA GLU B 111 30.39 -7.65 -4.73
C GLU B 111 30.86 -9.04 -4.27
N THR B 112 30.76 -10.03 -5.15
CA THR B 112 31.06 -11.43 -4.78
C THR B 112 32.53 -11.67 -4.44
N LYS B 113 33.40 -10.75 -4.88
CA LYS B 113 34.84 -10.88 -4.67
C LYS B 113 35.35 -10.20 -3.37
N PHE B 114 34.51 -9.42 -2.67
CA PHE B 114 34.99 -8.82 -1.43
C PHE B 114 35.62 -9.85 -0.48
N LYS B 115 36.77 -9.50 0.07
CA LYS B 115 37.45 -10.29 1.09
C LYS B 115 38.10 -9.33 2.08
N TRP B 116 38.07 -9.68 3.37
CA TRP B 116 38.73 -8.84 4.37
C TRP B 116 40.22 -9.05 4.16
N ASN B 117 40.93 -7.97 3.91
CA ASN B 117 42.38 -8.08 3.63
C ASN B 117 43.07 -6.76 3.93
N LYS B 118 44.07 -6.79 4.80
CA LYS B 118 44.95 -5.66 5.13
C LYS B 118 45.31 -4.79 3.92
N ASP B 119 45.56 -5.45 2.80
CA ASP B 119 46.10 -4.78 1.62
C ASP B 119 45.07 -4.04 0.78
N THR B 120 43.78 -4.37 0.92
CA THR B 120 42.73 -3.79 0.08
C THR B 120 41.64 -3.03 0.88
N ASP B 121 41.59 -3.20 2.20
CA ASP B 121 40.45 -2.72 3.01
C ASP B 121 40.24 -1.22 2.86
N ARG B 122 41.32 -0.44 2.99
CA ARG B 122 41.23 1.03 2.92
C ARG B 122 40.81 1.55 1.56
N ASP B 123 41.24 0.89 0.48
CA ASP B 123 40.81 1.31 -0.85
C ASP B 123 39.33 0.96 -1.12
N VAL B 124 38.87 -0.19 -0.62
CA VAL B 124 37.46 -0.53 -0.75
C VAL B 124 36.66 0.56 -0.04
N ALA B 125 37.08 0.90 1.18
CA ALA B 125 36.39 1.91 2.01
C ALA B 125 36.40 3.29 1.38
N ALA B 126 37.52 3.68 0.79
CA ALA B 126 37.58 4.99 0.13
C ALA B 126 36.62 5.03 -1.05
N GLU B 127 36.62 3.99 -1.89
CA GLU B 127 35.69 3.96 -3.02
C GLU B 127 34.21 3.94 -2.56
N MET B 128 33.95 3.26 -1.45
CA MET B 128 32.57 3.21 -0.90
C MET B 128 32.06 4.61 -0.38
N ILE B 129 32.98 5.41 0.16
CA ILE B 129 32.63 6.79 0.57
C ILE B 129 32.18 7.54 -0.67
N GLY B 130 32.92 7.37 -1.78
CA GLY B 130 32.44 7.88 -3.06
C GLY B 130 31.07 7.34 -3.48
N ARG B 131 30.83 6.02 -3.33
CA ARG B 131 29.52 5.48 -3.78
C ARG B 131 28.37 5.96 -2.89
N MET B 132 28.68 6.29 -1.64
CA MET B 132 27.64 6.76 -0.72
C MET B 132 27.16 8.12 -1.18
N SER B 133 28.08 8.97 -1.61
CA SER B 133 27.69 10.19 -2.29
C SER B 133 26.76 9.93 -3.49
N ALA B 134 27.21 9.11 -4.45
CA ALA B 134 26.42 8.71 -5.61
C ALA B 134 25.02 8.17 -5.23
N ILE B 135 24.96 7.25 -4.25
CA ILE B 135 23.68 6.69 -3.82
C ILE B 135 22.80 7.79 -3.21
N THR B 136 23.39 8.65 -2.39
CA THR B 136 22.60 9.70 -1.66
C THR B 136 22.06 10.77 -2.63
N VAL B 137 22.88 11.20 -3.58
CA VAL B 137 22.38 12.00 -4.72
C VAL B 137 21.13 11.37 -5.34
N ASN B 138 21.20 10.08 -5.68
CA ASN B 138 20.10 9.39 -6.37
C ASN B 138 18.90 9.09 -5.48
N VAL B 139 19.14 8.90 -4.19
CA VAL B 139 18.04 8.92 -3.23
C VAL B 139 17.23 10.24 -3.23
N TYR B 140 17.95 11.35 -3.13
CA TYR B 140 17.32 12.66 -3.13
C TYR B 140 16.61 12.92 -4.48
N ARG B 141 17.26 12.61 -5.59
CA ARG B 141 16.62 12.85 -6.89
C ARG B 141 15.32 12.06 -7.08
N HIS B 142 15.36 10.76 -6.78
CA HIS B 142 14.17 9.92 -6.80
C HIS B 142 13.03 10.44 -5.92
N ILE B 143 13.32 10.76 -4.65
CA ILE B 143 12.30 11.36 -3.78
C ILE B 143 11.66 12.63 -4.38
N MET B 144 12.48 13.42 -5.06
CA MET B 144 12.02 14.70 -5.63
C MET B 144 11.55 14.55 -7.08
N ASN B 145 11.61 13.32 -7.61
CA ASN B 145 11.09 12.97 -8.94
C ASN B 145 11.89 13.70 -10.02
N MET B 146 13.21 13.63 -9.91
CA MET B 146 14.11 14.25 -10.83
C MET B 146 14.82 13.12 -11.58
N PRO B 147 15.43 13.41 -12.74
CA PRO B 147 16.30 12.43 -13.39
C PRO B 147 17.43 11.96 -12.46
N ALA B 148 17.89 10.73 -12.66
CA ALA B 148 19.12 10.21 -12.04
C ALA B 148 20.34 11.02 -12.47
N GLU B 149 21.32 11.15 -11.58
CA GLU B 149 22.53 11.91 -11.84
C GLU B 149 23.63 11.39 -10.94
N LEU B 150 24.88 11.52 -11.41
CA LEU B 150 26.05 11.13 -10.63
C LEU B 150 26.91 12.34 -10.25
N PRO B 151 27.54 12.28 -9.06
CA PRO B 151 28.50 13.33 -8.76
C PRO B 151 29.71 13.29 -9.70
N LYS B 152 30.25 14.48 -9.97
CA LYS B 152 31.41 14.66 -10.83
C LYS B 152 32.57 15.13 -9.99
N PRO B 153 33.82 14.77 -10.35
CA PRO B 153 34.99 15.32 -9.66
C PRO B 153 34.97 16.86 -9.66
N SER B 154 35.33 17.47 -8.52
CA SER B 154 35.32 18.93 -8.37
C SER B 154 36.38 19.32 -7.36
N ASP B 155 36.37 20.59 -6.94
CA ASP B 155 37.25 21.08 -5.88
C ASP B 155 37.02 20.38 -4.53
N SER B 156 35.83 19.85 -4.31
CA SER B 156 35.55 19.16 -3.05
C SER B 156 34.42 18.12 -3.10
N TYR B 157 34.56 17.11 -2.23
CA TYR B 157 33.52 16.13 -2.01
C TYR B 157 32.16 16.77 -1.69
N ALA B 158 32.16 17.72 -0.76
CA ALA B 158 30.93 18.42 -0.42
C ALA B 158 30.32 19.11 -1.65
N GLU B 159 31.15 19.81 -2.42
CA GLU B 159 30.65 20.53 -3.59
C GLU B 159 30.16 19.52 -4.63
N SER B 160 30.94 18.46 -4.87
CA SER B 160 30.49 17.45 -5.83
C SER B 160 29.11 16.90 -5.47
N PHE B 161 28.90 16.65 -4.17
CA PHE B 161 27.62 16.09 -3.69
C PHE B 161 26.47 17.07 -3.89
N LEU B 162 26.66 18.31 -3.43
CA LEU B 162 25.58 19.28 -3.50
C LEU B 162 25.21 19.63 -4.93
N ASN B 163 26.22 19.70 -5.81
CA ASN B 163 25.97 20.10 -7.21
C ASN B 163 25.14 19.05 -7.95
N ALA B 164 25.46 17.76 -7.75
CA ALA B 164 24.71 16.66 -8.34
C ALA B 164 23.33 16.52 -7.69
N ALA B 165 23.24 16.70 -6.36
CA ALA B 165 21.92 16.57 -5.68
C ALA B 165 20.92 17.60 -6.18
N PHE B 166 21.32 18.85 -6.18
CA PHE B 166 20.42 19.93 -6.58
C PHE B 166 20.42 20.23 -8.07
N GLY B 167 21.46 19.81 -8.79
CA GLY B 167 21.52 20.04 -10.23
C GLY B 167 21.75 21.49 -10.61
N ARG B 168 22.40 22.23 -9.71
CA ARG B 168 22.80 23.61 -9.92
C ARG B 168 24.15 23.79 -9.25
N LYS B 169 24.75 24.97 -9.37
CA LYS B 169 26.01 25.23 -8.70
C LYS B 169 25.71 25.70 -7.27
N ALA B 170 26.21 24.97 -6.26
CA ALA B 170 26.07 25.41 -4.86
C ALA B 170 26.94 26.63 -4.56
N THR B 171 26.48 27.51 -3.68
CA THR B 171 27.28 28.65 -3.24
C THR B 171 28.38 28.21 -2.27
N LYS B 172 29.39 29.06 -2.11
CA LYS B 172 30.45 28.86 -1.13
C LYS B 172 29.92 28.62 0.29
N GLU B 173 28.90 29.36 0.69
CA GLU B 173 28.40 29.22 2.04
C GLU B 173 27.71 27.88 2.26
N GLU B 174 26.94 27.43 1.26
CA GLU B 174 26.36 26.10 1.24
C GLU B 174 27.38 24.98 1.28
N ILE B 175 28.38 25.04 0.41
CA ILE B 175 29.48 24.07 0.39
C ILE B 175 30.20 24.00 1.75
N ASP B 176 30.48 25.16 2.33
CA ASP B 176 31.23 25.20 3.62
C ASP B 176 30.38 24.59 4.75
N ALA B 177 29.08 24.89 4.78
CA ALA B 177 28.17 24.29 5.75
C ALA B 177 28.04 22.77 5.56
N MET B 178 27.90 22.31 4.32
CA MET B 178 27.89 20.86 4.04
C MET B 178 29.20 20.17 4.45
N ASN B 179 30.35 20.81 4.14
CA ASN B 179 31.64 20.31 4.55
C ASN B 179 31.74 20.14 6.06
N THR B 180 31.25 21.14 6.78
CA THR B 180 31.27 21.02 8.24
C THR B 180 30.33 19.92 8.74
N ALA B 181 29.10 19.85 8.21
CA ALA B 181 28.16 18.74 8.48
C ALA B 181 28.80 17.37 8.29
N LEU B 182 29.52 17.22 7.18
CA LEU B 182 30.22 15.97 6.91
C LEU B 182 31.19 15.61 8.02
N ILE B 183 32.01 16.59 8.43
CA ILE B 183 33.02 16.40 9.45
C ILE B 183 32.34 16.11 10.83
N LEU B 184 31.28 16.86 11.15
CA LEU B 184 30.64 16.74 12.47
C LEU B 184 29.99 15.37 12.68
N TYR B 185 29.45 14.78 11.61
CA TYR B 185 28.85 13.47 11.73
C TYR B 185 29.77 12.29 11.37
N THR B 186 31.07 12.52 11.15
CA THR B 186 31.95 11.44 10.66
C THR B 186 31.93 10.21 11.55
N ASP B 187 32.03 10.42 12.86
CA ASP B 187 32.08 9.30 13.75
C ASP B 187 31.74 9.63 15.18
N HIS B 188 31.33 8.64 15.95
CA HIS B 188 31.07 8.91 17.35
C HIS B 188 31.26 7.71 18.22
N GLU B 189 32.33 7.00 17.93
CA GLU B 189 32.76 5.83 18.67
C GLU B 189 31.82 4.65 18.38
N VAL B 190 31.09 4.16 19.37
CA VAL B 190 30.20 3.01 19.11
C VAL B 190 28.68 3.26 19.42
N PRO B 191 28.05 4.16 18.66
CA PRO B 191 26.57 4.30 18.78
C PRO B 191 25.84 3.07 18.25
N ALA B 192 24.51 3.03 18.36
CA ALA B 192 23.71 1.85 17.92
C ALA B 192 24.03 1.47 16.47
N SER B 193 24.18 2.46 15.57
CA SER B 193 24.40 2.13 14.14
C SER B 193 25.75 1.41 13.94
N THR B 194 26.82 1.98 14.49
CA THR B 194 28.15 1.39 14.38
C THR B 194 28.16 0.03 15.06
N THR B 195 27.45 -0.09 16.18
CA THR B 195 27.37 -1.39 16.92
C THR B 195 26.69 -2.47 16.10
N ALA B 196 25.56 -2.15 15.45
CA ALA B 196 24.90 -3.13 14.66
C ALA B 196 25.80 -3.57 13.51
N GLY B 197 26.48 -2.61 12.90
CA GLY B 197 27.46 -2.93 11.84
C GLY B 197 28.60 -3.81 12.36
N LEU B 198 29.11 -3.50 13.55
CA LEU B 198 30.17 -4.30 14.17
C LEU B 198 29.74 -5.73 14.40
N VAL B 199 28.50 -5.91 14.86
CA VAL B 199 27.98 -7.27 15.05
C VAL B 199 27.99 -8.01 13.73
N ALA B 200 27.46 -7.36 12.67
CA ALA B 200 27.50 -8.00 11.35
C ALA B 200 28.92 -8.34 10.89
N VAL B 201 29.89 -7.41 11.00
CA VAL B 201 31.21 -7.79 10.45
C VAL B 201 31.98 -8.75 11.33
N SER B 202 31.54 -8.88 12.60
CA SER B 202 32.18 -9.84 13.48
C SER B 202 31.88 -11.29 13.09
N THR B 203 30.89 -11.53 12.20
CA THR B 203 30.71 -12.87 11.64
C THR B 203 31.56 -13.09 10.38
N LEU B 204 32.34 -12.07 10.04
CA LEU B 204 33.16 -11.95 8.80
C LEU B 204 32.33 -11.75 7.56
N SER B 205 31.10 -11.28 7.77
CA SER B 205 30.30 -10.76 6.69
C SER B 205 30.97 -9.51 6.10
N ASP B 206 30.64 -9.18 4.86
CA ASP B 206 31.38 -8.17 4.07
C ASP B 206 31.11 -6.77 4.56
N MET B 207 31.97 -5.83 4.18
CA MET B 207 31.83 -4.40 4.48
C MET B 207 30.46 -3.82 4.15
N TYR B 208 29.91 -4.20 3.02
CA TYR B 208 28.65 -3.61 2.56
C TYR B 208 27.45 -4.03 3.43
N SER B 209 27.42 -5.31 3.84
CA SER B 209 26.44 -5.83 4.82
C SER B 209 26.59 -5.13 6.14
N GLY B 210 27.82 -4.91 6.57
CA GLY B 210 28.07 -4.06 7.73
C GLY B 210 27.45 -2.67 7.63
N ILE B 211 27.61 -2.00 6.49
CA ILE B 211 26.94 -0.73 6.26
C ILE B 211 25.40 -0.82 6.29
N THR B 212 24.86 -1.87 5.65
CA THR B 212 23.43 -2.14 5.58
C THR B 212 22.86 -2.29 7.02
N ALA B 213 23.52 -3.06 7.86
CA ALA B 213 23.06 -3.20 9.26
C ALA B 213 23.10 -1.87 10.03
N ALA B 214 24.15 -1.09 9.82
CA ALA B 214 24.33 0.19 10.47
C ALA B 214 23.23 1.19 10.09
N LEU B 215 22.92 1.24 8.78
CA LEU B 215 21.77 1.97 8.26
C LEU B 215 20.41 1.54 8.87
N ALA B 216 20.20 0.23 9.04
CA ALA B 216 18.97 -0.27 9.69
C ALA B 216 18.74 0.33 11.08
N ALA B 217 19.81 0.47 11.86
CA ALA B 217 19.78 1.06 13.19
C ALA B 217 19.70 2.59 13.17
N LEU B 218 20.51 3.22 12.30
CA LEU B 218 20.50 4.68 12.15
C LEU B 218 19.11 5.23 11.94
N LYS B 219 18.32 4.50 11.15
CA LYS B 219 16.98 4.90 10.76
C LYS B 219 16.02 5.26 11.95
N GLY B 220 16.14 4.56 13.09
CA GLY B 220 15.20 4.69 14.19
C GLY B 220 15.22 6.07 14.84
N PRO B 221 14.06 6.50 15.35
CA PRO B 221 13.91 7.82 15.95
C PRO B 221 14.77 8.09 17.16
N LEU B 222 15.21 7.05 17.86
CA LEU B 222 16.04 7.26 19.05
C LEU B 222 17.49 7.51 18.67
N HIS B 223 17.85 7.14 17.43
CA HIS B 223 19.22 7.33 16.94
C HIS B 223 19.09 8.41 15.84
N GLY B 224 19.63 8.18 14.66
CA GLY B 224 19.69 9.21 13.60
C GLY B 224 18.36 9.70 13.04
N GLY B 225 17.31 8.87 13.13
CA GLY B 225 15.97 9.38 12.88
C GLY B 225 15.56 10.63 13.66
N ALA B 226 16.19 10.91 14.81
CA ALA B 226 15.91 12.16 15.51
C ALA B 226 16.28 13.41 14.65
N ALA B 227 17.10 13.25 13.61
CA ALA B 227 17.54 14.37 12.75
C ALA B 227 16.36 14.96 11.97
N GLU B 228 15.30 14.18 11.88
CA GLU B 228 14.04 14.59 11.29
C GLU B 228 12.96 14.79 12.34
N ALA B 229 12.95 13.96 13.37
CA ALA B 229 11.92 14.12 14.41
C ALA B 229 12.06 15.40 15.27
N ALA B 230 13.28 15.89 15.49
CA ALA B 230 13.50 17.11 16.26
C ALA B 230 12.91 18.33 15.54
N ILE B 231 13.35 18.53 14.31
CA ILE B 231 12.86 19.63 13.51
C ILE B 231 11.35 19.51 13.24
N ALA B 232 10.82 18.28 13.17
CA ALA B 232 9.35 18.11 13.06
C ALA B 232 8.61 18.68 14.27
N GLN B 233 9.21 18.64 15.47
CA GLN B 233 8.62 19.30 16.64
C GLN B 233 8.47 20.80 16.41
N PHE B 234 9.50 21.44 15.82
CA PHE B 234 9.51 22.91 15.65
C PHE B 234 8.42 23.28 14.65
N ASP B 235 8.33 22.46 13.60
CA ASP B 235 7.30 22.54 12.52
C ASP B 235 5.85 22.40 13.04
N GLU B 236 5.63 21.53 14.04
CA GLU B 236 4.35 21.43 14.73
C GLU B 236 4.02 22.70 15.50
N ILE B 237 5.03 23.29 16.11
CA ILE B 237 4.79 24.41 17.02
C ILE B 237 4.34 25.62 16.19
N LYS B 238 5.00 25.86 15.06
CA LYS B 238 4.58 26.85 14.07
C LYS B 238 4.78 28.31 14.44
N ASP B 239 4.55 28.63 15.70
CA ASP B 239 4.56 29.99 16.19
C ASP B 239 5.22 30.00 17.59
N PRO B 240 6.25 30.86 17.79
CA PRO B 240 7.00 30.89 19.06
C PRO B 240 6.15 31.12 20.30
N ALA B 241 5.10 31.93 20.18
CA ALA B 241 4.15 32.13 21.29
C ALA B 241 3.64 30.80 21.80
N MET B 242 3.52 29.82 20.89
CA MET B 242 2.98 28.48 21.22
C MET B 242 3.95 27.49 21.89
N VAL B 243 5.20 27.89 22.09
CA VAL B 243 6.22 26.94 22.59
C VAL B 243 5.91 26.36 23.99
N GLU B 244 5.74 27.25 24.98
CA GLU B 244 5.48 26.82 26.37
C GLU B 244 4.31 25.84 26.50
N LYS B 245 3.21 26.14 25.80
CA LYS B 245 2.02 25.31 25.81
C LYS B 245 2.30 23.94 25.19
N TRP B 246 2.93 23.94 24.01
CA TRP B 246 3.31 22.70 23.33
C TRP B 246 4.17 21.85 24.26
N PHE B 247 5.15 22.50 24.90
CA PHE B 247 6.09 21.83 25.80
C PHE B 247 5.39 21.19 27.03
N ASN B 248 4.50 21.94 27.67
CA ASN B 248 3.71 21.37 28.76
C ASN B 248 2.74 20.29 28.28
N ASP B 249 2.13 20.49 27.12
CA ASP B 249 1.20 19.51 26.54
C ASP B 249 1.87 18.17 26.15
N ASN B 250 3.04 18.25 25.53
CA ASN B 250 3.73 17.07 25.01
C ASN B 250 4.76 16.43 25.93
N ILE B 251 5.54 17.26 26.61
CA ILE B 251 6.74 16.80 27.27
C ILE B 251 6.53 16.66 28.78
N ILE B 252 6.09 17.73 29.43
CA ILE B 252 5.76 17.67 30.87
C ILE B 252 4.50 16.83 31.12
N ASN B 253 3.42 17.12 30.40
CA ASN B 253 2.18 16.41 30.70
C ASN B 253 1.86 15.24 29.81
N GLY B 254 2.46 15.18 28.62
CA GLY B 254 2.18 14.11 27.67
C GLY B 254 3.18 12.95 27.66
N LYS B 255 4.13 12.98 28.61
CA LYS B 255 5.27 12.01 28.72
C LYS B 255 6.07 11.63 27.43
N LYS B 256 5.96 12.42 26.35
CA LYS B 256 6.78 12.16 25.16
C LYS B 256 8.21 12.67 25.42
N ARG B 257 9.21 12.08 24.75
CA ARG B 257 10.58 12.60 24.87
C ARG B 257 10.78 13.84 23.99
N LEU B 258 11.60 14.75 24.48
CA LEU B 258 12.02 15.92 23.71
C LEU B 258 13.09 15.48 22.71
N MET B 259 12.75 15.51 21.42
CA MET B 259 13.64 14.92 20.42
C MET B 259 14.79 15.89 20.14
N GLY B 260 16.01 15.37 20.00
CA GLY B 260 17.16 16.24 19.93
C GLY B 260 17.76 16.63 21.28
N PHE B 261 17.23 16.05 22.35
CA PHE B 261 17.83 16.20 23.69
C PHE B 261 18.21 14.82 24.15
N GLY B 262 19.27 14.73 24.92
CA GLY B 262 19.60 13.51 25.59
C GLY B 262 20.67 12.79 24.80
N HIS B 263 21.39 11.92 25.51
CA HIS B 263 22.47 11.18 24.93
C HIS B 263 22.91 10.09 25.87
N ARG B 264 23.26 8.95 25.29
CA ARG B 264 23.79 7.87 26.13
C ARG B 264 25.09 8.31 26.82
N VAL B 265 25.94 9.07 26.10
CA VAL B 265 27.26 9.44 26.63
C VAL B 265 27.30 10.87 27.19
N TYR B 266 26.87 11.87 26.41
CA TYR B 266 26.95 13.26 26.87
C TYR B 266 25.94 13.54 27.98
N LYS B 267 26.44 14.04 29.11
CA LYS B 267 25.56 14.50 30.18
C LYS B 267 25.70 16.00 30.28
N THR B 268 26.03 16.62 29.16
CA THR B 268 26.23 18.06 29.07
C THR B 268 25.90 18.38 27.60
N TYR B 269 25.98 19.65 27.22
CA TYR B 269 25.77 20.08 25.83
C TYR B 269 26.68 19.31 24.86
N ASP B 270 26.12 18.78 23.80
CA ASP B 270 26.91 18.01 22.81
C ASP B 270 27.83 19.01 22.10
N PRO B 271 29.16 18.79 22.12
CA PRO B 271 30.01 19.79 21.45
C PRO B 271 29.70 19.95 19.95
N ARG B 272 29.16 18.93 19.28
CA ARG B 272 28.79 19.07 17.87
C ARG B 272 27.53 19.91 17.70
N ALA B 273 26.58 19.74 18.63
CA ALA B 273 25.36 20.55 18.70
C ALA B 273 25.72 22.06 18.76
N LYS B 274 26.73 22.43 19.56
CA LYS B 274 27.13 23.85 19.67
C LYS B 274 27.57 24.42 18.33
N ILE B 275 28.28 23.63 17.53
CA ILE B 275 28.79 24.10 16.26
C ILE B 275 27.63 24.18 15.26
N PHE B 276 26.82 23.13 15.24
CA PHE B 276 25.63 23.12 14.38
C PHE B 276 24.71 24.32 14.70
N LYS B 277 24.53 24.64 15.98
CA LYS B 277 23.73 25.80 16.38
C LYS B 277 24.27 27.10 15.78
N GLY B 278 25.60 27.31 15.85
CA GLY B 278 26.25 28.48 15.24
C GLY B 278 25.99 28.60 13.75
N ILE B 279 26.17 27.51 13.00
CA ILE B 279 25.83 27.47 11.59
C ILE B 279 24.34 27.70 11.28
N ALA B 280 23.46 27.01 12.00
CA ALA B 280 22.02 27.20 11.85
C ALA B 280 21.64 28.68 11.96
N GLU B 281 22.18 29.37 12.98
CA GLU B 281 21.91 30.79 13.24
C GLU B 281 22.37 31.62 12.03
N LYS B 282 23.58 31.37 11.57
CA LYS B 282 24.15 32.16 10.49
C LYS B 282 23.45 31.89 9.15
N LEU B 283 23.33 30.62 8.78
CA LEU B 283 22.68 30.23 7.54
C LEU B 283 21.21 30.56 7.46
N SER B 284 20.46 30.37 8.55
CA SER B 284 19.01 30.59 8.52
C SER B 284 18.59 32.05 8.47
N SER B 285 19.41 32.94 9.02
CA SER B 285 19.01 34.33 9.20
C SER B 285 18.78 34.95 7.82
N LYS B 286 19.37 34.34 6.81
CA LYS B 286 19.25 34.77 5.41
C LYS B 286 17.98 34.29 4.74
N LYS B 287 17.26 33.38 5.41
CA LYS B 287 16.05 32.75 4.86
C LYS B 287 14.91 32.85 5.88
N PRO B 288 13.94 33.76 5.64
CA PRO B 288 12.88 34.06 6.59
C PRO B 288 12.07 32.87 7.10
N GLU B 289 11.77 31.90 6.23
CA GLU B 289 10.99 30.72 6.65
C GLU B 289 11.82 29.82 7.56
N VAL B 290 13.10 29.68 7.25
CA VAL B 290 14.00 28.88 8.06
C VAL B 290 14.37 29.59 9.36
N HIS B 291 14.59 30.90 9.28
CA HIS B 291 14.94 31.66 10.45
C HIS B 291 13.88 31.48 11.53
N LYS B 292 12.63 31.43 11.13
CA LYS B 292 11.62 31.25 12.15
C LYS B 292 11.60 29.84 12.78
N VAL B 293 12.09 28.83 12.07
CA VAL B 293 12.24 27.50 12.66
C VAL B 293 13.33 27.57 13.75
N TYR B 294 14.43 28.25 13.41
CA TYR B 294 15.54 28.50 14.34
C TYR B 294 15.07 29.17 15.61
N GLU B 295 14.27 30.21 15.46
CA GLU B 295 13.69 30.94 16.60
C GLU B 295 12.84 30.07 17.54
N ILE B 296 11.95 29.28 16.95
CA ILE B 296 11.20 28.24 17.69
C ILE B 296 12.14 27.26 18.43
N ALA B 297 13.17 26.77 17.71
CA ALA B 297 14.13 25.84 18.29
C ALA B 297 14.86 26.44 19.51
N THR B 298 15.31 27.69 19.43
CA THR B 298 16.03 28.30 20.57
C THR B 298 15.13 28.58 21.77
N LYS B 299 13.89 28.91 21.52
CA LYS B 299 12.93 29.12 22.62
C LYS B 299 12.61 27.78 23.32
N LEU B 300 12.31 26.77 22.51
CA LEU B 300 12.11 25.41 23.02
C LEU B 300 13.32 24.92 23.84
N GLU B 301 14.53 25.16 23.33
CA GLU B 301 15.79 24.71 23.95
C GLU B 301 15.89 25.27 25.38
N ASP B 302 15.53 26.55 25.54
CA ASP B 302 15.52 27.11 26.88
C ASP B 302 14.64 26.39 27.87
N PHE B 303 13.40 26.09 27.47
CA PHE B 303 12.52 25.25 28.28
C PHE B 303 13.10 23.86 28.58
N GLY B 304 13.65 23.20 27.55
CA GLY B 304 14.23 21.87 27.72
C GLY B 304 15.36 21.84 28.73
N ILE B 305 16.25 22.82 28.64
CA ILE B 305 17.43 22.86 29.50
C ILE B 305 17.01 23.10 30.97
N LYS B 306 15.98 23.94 31.16
CA LYS B 306 15.46 24.24 32.48
C LYS B 306 14.80 22.99 33.08
N ALA B 307 14.07 22.23 32.26
CA ALA B 307 13.46 20.99 32.73
C ALA B 307 14.42 19.76 32.90
N PHE B 308 15.46 19.65 32.06
CA PHE B 308 16.20 18.41 31.88
C PHE B 308 17.68 18.48 32.19
N GLY B 309 18.22 19.71 32.17
CA GLY B 309 19.64 19.97 32.45
C GLY B 309 20.13 19.28 33.70
N SER B 310 19.30 19.30 34.73
CA SER B 310 19.66 18.72 36.02
C SER B 310 19.69 17.18 35.98
N LYS B 311 19.04 16.60 34.98
CA LYS B 311 19.05 15.15 34.76
C LYS B 311 20.21 14.77 33.81
N GLY B 312 21.02 15.75 33.42
CA GLY B 312 22.10 15.55 32.45
C GLY B 312 21.59 15.34 31.01
N ILE B 313 20.42 15.92 30.69
CA ILE B 313 19.79 15.70 29.37
C ILE B 313 19.81 17.08 28.70
N TYR B 314 20.62 17.18 27.64
CA TYR B 314 20.91 18.46 26.98
C TYR B 314 20.73 18.32 25.47
N PRO B 315 20.76 19.44 24.71
CA PRO B 315 20.71 19.29 23.23
C PRO B 315 21.79 18.40 22.70
N ASN B 316 21.41 17.55 21.77
CA ASN B 316 22.39 16.77 21.01
C ASN B 316 22.43 17.29 19.53
N THR B 317 23.33 16.73 18.72
CA THR B 317 23.54 17.14 17.30
C THR B 317 22.26 17.24 16.49
N ASP B 318 21.37 16.29 16.73
CA ASP B 318 20.14 16.19 15.98
C ASP B 318 19.12 17.30 16.27
N TYR B 319 19.30 18.05 17.35
CA TYR B 319 18.42 19.19 17.62
C TYR B 319 18.58 20.33 16.58
N PHE B 320 19.81 20.51 16.08
CA PHE B 320 20.12 21.62 15.16
C PHE B 320 20.48 21.23 13.73
N SER B 321 20.93 19.99 13.54
CA SER B 321 21.42 19.58 12.22
C SER B 321 20.35 19.72 11.12
N GLY B 322 19.10 19.45 11.46
CA GLY B 322 17.97 19.58 10.49
C GLY B 322 17.86 21.00 9.94
N ILE B 323 17.95 21.99 10.84
CA ILE B 323 17.93 23.41 10.42
C ILE B 323 19.09 23.72 9.48
N VAL B 324 20.26 23.16 9.78
CA VAL B 324 21.44 23.31 8.89
C VAL B 324 21.15 22.75 7.49
N TYR B 325 20.59 21.54 7.44
CA TYR B 325 20.23 20.92 6.18
C TYR B 325 19.13 21.67 5.41
N MET B 326 18.13 22.13 6.15
CA MET B 326 17.05 22.96 5.59
C MET B 326 17.60 24.26 4.94
N SER B 327 18.51 24.92 5.66
CA SER B 327 19.13 26.14 5.15
C SER B 327 20.00 25.87 3.91
N ILE B 328 20.66 24.71 3.86
CA ILE B 328 21.44 24.29 2.66
C ILE B 328 20.50 24.03 1.46
N GLY B 329 19.25 23.68 1.71
CA GLY B 329 18.28 23.53 0.63
C GLY B 329 17.55 22.20 0.59
N PHE B 330 17.77 21.37 1.60
CA PHE B 330 17.12 20.05 1.69
C PHE B 330 15.78 20.16 2.40
N PRO B 331 14.76 19.54 1.80
CA PRO B 331 13.42 19.62 2.37
C PRO B 331 13.21 18.66 3.55
N LEU B 332 12.24 18.99 4.39
CA LEU B 332 11.86 18.17 5.52
C LEU B 332 10.80 17.15 5.07
N ARG B 333 11.28 15.98 4.62
CA ARG B 333 10.44 14.91 4.11
C ARG B 333 11.23 13.62 3.95
N ASN B 334 10.52 12.48 4.04
CA ASN B 334 11.08 11.16 3.77
C ASN B 334 12.36 10.88 4.58
N ASN B 335 12.56 11.51 5.74
CA ASN B 335 13.75 11.23 6.56
C ASN B 335 15.02 11.51 5.75
N ILE B 336 14.95 12.49 4.84
CA ILE B 336 16.13 12.95 4.12
C ILE B 336 17.29 13.36 5.07
N TYR B 337 16.98 14.07 6.14
CA TYR B 337 18.01 14.55 7.05
C TYR B 337 18.84 13.40 7.65
N THR B 338 18.16 12.30 7.94
CA THR B 338 18.82 11.09 8.47
C THR B 338 19.72 10.46 7.38
N ALA B 339 19.31 10.56 6.12
CA ALA B 339 20.14 10.03 5.00
C ALA B 339 21.44 10.83 4.84
N LEU B 340 21.33 12.13 5.12
CA LEU B 340 22.50 13.05 5.12
C LEU B 340 23.45 12.75 6.28
N PHE B 341 22.91 12.51 7.46
CA PHE B 341 23.70 11.94 8.58
C PHE B 341 24.48 10.68 8.09
N ALA B 342 23.78 9.72 7.45
CA ALA B 342 24.40 8.43 7.01
C ALA B 342 25.53 8.63 5.99
N LEU B 343 25.32 9.58 5.08
CA LEU B 343 26.33 9.92 4.09
C LEU B 343 27.67 10.26 4.77
N SER B 344 27.60 11.02 5.85
CA SER B 344 28.78 11.42 6.59
C SER B 344 29.32 10.24 7.41
N ARG B 345 28.41 9.56 8.12
CA ARG B 345 28.79 8.56 9.09
C ARG B 345 29.44 7.31 8.44
N VAL B 346 29.24 7.14 7.13
CA VAL B 346 29.74 5.95 6.44
C VAL B 346 31.27 5.84 6.58
N THR B 347 31.98 6.97 6.68
CA THR B 347 33.42 6.96 6.90
C THR B 347 33.76 6.31 8.26
N GLY B 348 33.10 6.76 9.33
CA GLY B 348 33.34 6.22 10.69
C GLY B 348 32.96 4.75 10.80
N TRP B 349 31.80 4.36 10.24
CA TRP B 349 31.39 2.93 10.19
C TRP B 349 32.49 2.07 9.60
N GLN B 350 32.93 2.42 8.41
CA GLN B 350 33.97 1.60 7.78
C GLN B 350 35.30 1.54 8.51
N ALA B 351 35.72 2.69 9.06
CA ALA B 351 36.98 2.75 9.79
C ALA B 351 36.92 1.82 11.04
N HIS B 352 35.76 1.82 11.73
CA HIS B 352 35.52 0.90 12.84
C HIS B 352 35.48 -0.59 12.49
N PHE B 353 34.87 -0.92 11.35
CA PHE B 353 34.77 -2.29 10.94
C PHE B 353 36.16 -2.80 10.57
N ILE B 354 36.96 -1.96 9.92
CA ILE B 354 38.32 -2.36 9.51
C ILE B 354 39.22 -2.58 10.74
N GLU B 355 39.19 -1.64 11.68
CA GLU B 355 39.91 -1.73 12.94
C GLU B 355 39.52 -2.97 13.74
N TYR B 356 38.22 -3.29 13.73
CA TYR B 356 37.69 -4.46 14.45
C TYR B 356 38.18 -5.79 13.81
N VAL B 357 37.92 -5.94 12.52
CA VAL B 357 38.22 -7.17 11.79
C VAL B 357 39.74 -7.42 11.68
N GLU B 358 40.49 -6.38 11.33
CA GLU B 358 41.97 -6.47 11.17
C GLU B 358 42.69 -6.83 12.48
N GLU B 359 42.27 -6.21 13.58
CA GLU B 359 43.09 -6.21 14.79
C GLU B 359 42.53 -6.83 16.08
N GLN B 360 41.23 -7.06 16.15
CA GLN B 360 40.63 -7.55 17.42
C GLN B 360 39.36 -8.37 17.12
N GLN B 361 39.43 -9.15 16.05
CA GLN B 361 38.30 -9.91 15.54
C GLN B 361 37.85 -10.95 16.56
N ARG B 362 36.56 -10.93 16.86
CA ARG B 362 35.92 -12.00 17.59
C ARG B 362 34.43 -11.89 17.31
N LEU B 363 33.80 -13.05 17.12
CA LEU B 363 32.34 -13.10 16.93
C LEU B 363 31.62 -12.38 18.09
N ILE B 364 30.67 -11.52 17.79
CA ILE B 364 29.92 -10.87 18.90
C ILE B 364 28.63 -11.65 19.16
N ARG B 365 28.51 -12.27 20.33
CA ARG B 365 27.48 -13.27 20.58
C ARG B 365 27.26 -13.30 22.08
N PRO B 366 26.32 -12.46 22.57
CA PRO B 366 26.03 -12.34 23.98
C PRO B 366 25.06 -13.43 24.41
N ARG B 367 24.45 -13.28 25.58
CA ARG B 367 23.46 -14.20 26.09
C ARG B 367 22.16 -13.44 26.48
N ALA B 368 21.13 -14.21 26.81
CA ALA B 368 19.93 -13.67 27.44
C ALA B 368 19.68 -14.39 28.79
N VAL B 369 18.96 -13.76 29.71
CA VAL B 369 18.47 -14.44 30.96
C VAL B 369 17.09 -15.04 30.69
N TYR B 370 16.96 -16.35 30.92
CA TYR B 370 15.71 -17.05 30.64
C TYR B 370 14.76 -16.87 31.83
N VAL B 371 13.55 -16.40 31.52
CA VAL B 371 12.50 -16.17 32.52
C VAL B 371 11.19 -16.79 31.97
N GLY B 372 11.31 -17.73 31.04
CA GLY B 372 10.12 -18.32 30.44
C GLY B 372 9.67 -19.55 31.22
N PRO B 373 8.79 -20.39 30.62
CA PRO B 373 8.28 -21.65 31.20
C PRO B 373 9.35 -22.69 31.53
N ALA B 374 9.15 -23.40 32.65
CA ALA B 374 9.96 -24.59 33.00
C ALA B 374 9.79 -25.67 31.93
N GLU B 375 10.69 -26.65 31.90
CA GLU B 375 10.53 -27.81 31.00
C GLU B 375 9.13 -28.35 31.17
N ARG B 376 8.52 -28.70 30.06
CA ARG B 376 7.17 -29.25 29.99
C ARG B 376 7.04 -30.17 28.76
N LYS B 377 6.14 -31.15 28.85
CA LYS B 377 5.97 -32.17 27.80
C LYS B 377 5.17 -31.59 26.65
N TYR B 378 5.56 -31.95 25.43
CA TYR B 378 4.84 -31.51 24.25
C TYR B 378 3.38 -31.97 24.33
N VAL B 379 2.49 -30.98 24.36
CA VAL B 379 1.04 -31.17 24.50
C VAL B 379 0.40 -31.52 23.15
N PRO B 380 -0.48 -32.55 23.13
CA PRO B 380 -1.22 -32.78 21.88
C PRO B 380 -2.32 -31.74 21.72
N ILE B 381 -2.78 -31.52 20.49
CA ILE B 381 -3.65 -30.38 20.14
C ILE B 381 -4.99 -30.26 20.94
N ALA B 382 -5.64 -31.40 21.19
CA ALA B 382 -6.92 -31.46 21.92
C ALA B 382 -6.79 -31.00 23.39
N GLU B 383 -5.64 -31.26 23.98
CA GLU B 383 -5.42 -30.98 25.40
C GLU B 383 -4.81 -29.59 25.69
N ARG B 384 -4.72 -28.74 24.66
CA ARG B 384 -4.23 -27.36 24.82
C ARG B 384 -5.32 -26.42 25.34
N GLU C 6 -47.51 -0.98 -7.80
CA GLU C 6 -47.35 -0.05 -6.62
C GLU C 6 -45.95 0.63 -6.51
N ILE C 7 -45.78 1.78 -7.16
CA ILE C 7 -44.43 2.27 -7.47
C ILE C 7 -44.05 3.44 -6.58
N SER C 8 -42.88 3.32 -5.94
CA SER C 8 -42.30 4.44 -5.21
C SER C 8 -41.54 5.35 -6.18
N LYS C 9 -42.27 6.20 -6.89
CA LYS C 9 -41.70 7.12 -7.89
C LYS C 9 -40.58 8.03 -7.34
N GLY C 10 -39.37 7.86 -7.87
CA GLY C 10 -38.22 8.62 -7.40
C GLY C 10 -37.84 8.29 -5.98
N LEU C 11 -38.34 7.17 -5.45
CA LEU C 11 -38.12 6.70 -4.06
C LEU C 11 -38.50 7.78 -3.03
N GLU C 12 -39.44 8.64 -3.43
CA GLU C 12 -39.83 9.73 -2.59
C GLU C 12 -40.41 9.22 -1.27
N ASP C 13 -39.83 9.69 -0.17
CA ASP C 13 -40.21 9.33 1.20
C ASP C 13 -39.73 7.94 1.68
N VAL C 14 -39.03 7.18 0.84
CA VAL C 14 -38.51 5.88 1.23
C VAL C 14 -37.25 6.10 2.02
N ASN C 15 -37.14 5.47 3.21
CA ASN C 15 -35.90 5.48 3.99
C ASN C 15 -34.96 4.35 3.63
N ILE C 16 -33.79 4.72 3.16
CA ILE C 16 -32.85 3.73 2.64
C ILE C 16 -31.85 3.33 3.72
N LYS C 17 -31.72 4.16 4.77
CA LYS C 17 -30.77 3.90 5.86
C LYS C 17 -31.11 4.83 7.05
N TRP C 18 -30.48 4.61 8.19
CA TRP C 18 -30.43 5.62 9.24
C TRP C 18 -29.09 6.35 9.16
N THR C 19 -29.05 7.57 9.69
CA THR C 19 -27.78 8.33 9.72
C THR C 19 -27.63 9.12 11.01
N ARG C 20 -26.39 9.31 11.42
CA ARG C 20 -26.02 10.23 12.47
C ARG C 20 -25.41 11.49 11.91
N LEU C 21 -25.31 11.57 10.58
CA LEU C 21 -24.44 12.59 9.99
C LEU C 21 -25.07 13.94 9.76
N THR C 22 -26.28 13.97 9.20
CA THR C 22 -26.88 15.19 8.71
C THR C 22 -28.40 15.10 8.86
N THR C 23 -29.01 16.21 9.29
CA THR C 23 -30.45 16.33 9.36
C THR C 23 -30.90 17.49 8.52
N ILE C 24 -32.04 17.33 7.88
CA ILE C 24 -32.67 18.36 7.09
C ILE C 24 -34.12 18.47 7.57
N ASP C 25 -34.54 19.70 7.87
CA ASP C 25 -35.97 19.99 7.98
C ASP C 25 -36.38 20.76 6.72
N GLY C 26 -37.18 20.15 5.86
CA GLY C 26 -37.54 20.74 4.58
C GLY C 26 -38.56 21.87 4.64
N ASN C 27 -39.36 21.90 5.71
CA ASN C 27 -40.40 22.94 5.84
C ASN C 27 -39.89 24.18 6.49
N LYS C 28 -39.00 24.01 7.46
CA LYS C 28 -38.42 25.15 8.13
C LYS C 28 -37.08 25.54 7.54
N GLY C 29 -36.55 24.70 6.65
CA GLY C 29 -35.32 25.05 5.95
C GLY C 29 -34.14 25.07 6.91
N ILE C 30 -33.95 23.97 7.62
CA ILE C 30 -32.91 23.82 8.62
C ILE C 30 -31.94 22.71 8.20
N LEU C 31 -30.63 22.96 8.27
CA LEU C 31 -29.61 21.98 7.92
C LEU C 31 -28.60 21.86 9.05
N ARG C 32 -28.47 20.67 9.61
CA ARG C 32 -27.44 20.45 10.65
C ARG C 32 -26.49 19.32 10.28
N TYR C 33 -25.20 19.53 10.53
CA TYR C 33 -24.18 18.52 10.44
C TYR C 33 -23.83 18.11 11.85
N GLY C 34 -24.12 16.86 12.23
CA GLY C 34 -23.72 16.33 13.54
C GLY C 34 -24.29 17.13 14.71
N GLY C 35 -25.51 17.64 14.55
CA GLY C 35 -26.16 18.53 15.51
C GLY C 35 -25.84 20.02 15.38
N TYR C 36 -24.78 20.36 14.66
CA TYR C 36 -24.39 21.76 14.48
C TYR C 36 -25.03 22.41 13.25
N SER C 37 -25.81 23.48 13.43
CA SER C 37 -26.42 24.12 12.26
C SER C 37 -25.31 24.70 11.34
N VAL C 38 -25.56 24.68 10.02
CA VAL C 38 -24.59 25.21 9.05
CA VAL C 38 -24.58 25.20 9.08
C VAL C 38 -24.33 26.71 9.28
N GLU C 39 -25.38 27.46 9.56
CA GLU C 39 -25.23 28.91 9.83
C GLU C 39 -24.28 29.21 10.98
N ASP C 40 -24.44 28.47 12.08
CA ASP C 40 -23.54 28.51 13.24
C ASP C 40 -22.08 28.16 12.87
N ILE C 41 -21.89 27.07 12.12
CA ILE C 41 -20.56 26.71 11.62
C ILE C 41 -19.95 27.82 10.80
N ILE C 42 -20.71 28.40 9.87
CA ILE C 42 -20.12 29.43 8.99
C ILE C 42 -19.82 30.70 9.80
N ALA C 43 -20.78 31.15 10.62
CA ALA C 43 -20.61 32.35 11.45
C ALA C 43 -19.42 32.25 12.40
N SER C 44 -19.15 31.03 12.86
CA SER C 44 -18.13 30.79 13.84
C SER C 44 -16.75 30.66 13.26
N GLY C 45 -16.64 30.61 11.93
CA GLY C 45 -15.31 30.61 11.30
C GLY C 45 -14.64 29.24 11.27
N ALA C 46 -15.43 28.17 11.35
CA ALA C 46 -14.87 26.83 11.25
C ALA C 46 -14.03 26.60 9.97
N GLN C 47 -12.91 25.91 10.13
CA GLN C 47 -12.10 25.49 8.97
C GLN C 47 -12.78 24.28 8.33
N ASP C 48 -12.72 24.17 7.00
CA ASP C 48 -13.29 22.98 6.37
C ASP C 48 -12.76 21.65 6.94
N GLU C 49 -11.47 21.61 7.29
CA GLU C 49 -10.83 20.42 7.84
C GLU C 49 -11.52 19.98 9.15
N GLU C 50 -11.96 20.94 9.97
CA GLU C 50 -12.71 20.59 11.17
C GLU C 50 -14.05 19.91 10.87
N ILE C 51 -14.68 20.30 9.75
CA ILE C 51 -15.97 19.76 9.36
C ILE C 51 -15.77 18.35 8.76
N GLN C 52 -14.72 18.19 7.97
CA GLN C 52 -14.31 16.86 7.50
C GLN C 52 -14.15 15.90 8.70
N TYR C 53 -13.39 16.35 9.71
CA TYR C 53 -13.12 15.52 10.88
C TYR C 53 -14.44 15.15 11.52
N LEU C 54 -15.33 16.13 11.71
CA LEU C 54 -16.67 15.91 12.26
C LEU C 54 -17.42 14.78 11.53
N PHE C 55 -17.33 14.79 10.21
CA PHE C 55 -17.95 13.76 9.40
C PHE C 55 -17.34 12.40 9.58
N LEU C 56 -16.01 12.31 9.56
CA LEU C 56 -15.34 11.01 9.67
C LEU C 56 -15.29 10.39 11.07
N TYR C 57 -15.39 11.22 12.11
CA TYR C 57 -15.12 10.78 13.53
C TYR C 57 -16.27 11.00 14.51
N GLY C 58 -17.23 11.85 14.16
CA GLY C 58 -18.42 11.96 14.98
C GLY C 58 -18.45 13.18 15.89
N ASN C 59 -17.31 13.85 15.99
CA ASN C 59 -17.21 15.05 16.80
C ASN C 59 -16.21 16.04 16.23
N LEU C 60 -16.32 17.29 16.69
CA LEU C 60 -15.31 18.31 16.36
C LEU C 60 -13.93 17.94 16.90
N PRO C 61 -12.87 18.18 16.11
CA PRO C 61 -11.57 17.77 16.63
C PRO C 61 -10.99 18.74 17.68
N THR C 62 -10.16 18.21 18.59
CA THR C 62 -9.27 19.03 19.41
C THR C 62 -8.08 19.53 18.57
N GLU C 63 -7.38 20.43 19.07
CA GLU C 63 -6.23 20.93 18.34
C GLU C 63 -5.24 19.81 18.03
N GLN C 64 -4.99 18.92 18.87
CA GLN C 64 -4.07 17.82 18.61
C GLN C 64 -4.57 16.87 17.52
N GLU C 65 -5.86 16.54 17.60
CA GLU C 65 -6.55 15.67 16.63
C GLU C 65 -6.58 16.29 15.22
N LEU C 66 -6.90 17.58 15.15
CA LEU C 66 -6.89 18.30 13.86
C LEU C 66 -5.52 18.25 13.20
N ARG C 67 -4.46 18.55 13.97
CA ARG C 67 -3.06 18.53 13.49
C ARG C 67 -2.70 17.20 12.83
N LYS C 68 -3.06 16.08 13.45
CA LYS C 68 -2.78 14.77 12.88
C LYS C 68 -3.71 14.43 11.70
N TYR C 69 -4.96 14.89 11.77
CA TYR C 69 -5.89 14.71 10.65
C TYR C 69 -5.33 15.34 9.37
N LYS C 70 -4.83 16.59 9.48
CA LYS C 70 -4.35 17.37 8.35
C LYS C 70 -3.19 16.72 7.69
N GLU C 71 -2.31 16.13 8.49
CA GLU C 71 -1.19 15.39 7.95
C GLU C 71 -1.64 14.17 7.15
N THR C 72 -2.70 13.49 7.57
CA THR C 72 -3.26 12.36 6.79
C THR C 72 -3.86 12.82 5.44
N VAL C 73 -4.63 13.91 5.47
CA VAL C 73 -5.20 14.47 4.24
C VAL C 73 -4.11 14.86 3.25
N GLN C 74 -3.06 15.51 3.77
CA GLN C 74 -1.94 15.97 2.97
C GLN C 74 -1.13 14.83 2.32
N LYS C 75 -1.19 13.62 2.88
CA LYS C 75 -0.66 12.45 2.17
C LYS C 75 -1.36 12.24 0.80
N GLY C 76 -2.63 12.64 0.73
CA GLY C 76 -3.40 12.50 -0.52
C GLY C 76 -2.98 13.43 -1.63
N TYR C 77 -2.25 14.50 -1.27
CA TYR C 77 -1.79 15.46 -2.27
C TYR C 77 -0.78 14.80 -3.21
N LYS C 78 -0.18 13.70 -2.75
CA LYS C 78 0.73 12.91 -3.57
C LYS C 78 -0.06 11.87 -4.33
N ILE C 79 -0.21 12.09 -5.62
CA ILE C 79 -1.05 11.23 -6.42
C ILE C 79 -0.21 10.57 -7.52
N PRO C 80 -0.47 9.28 -7.82
CA PRO C 80 0.36 8.60 -8.87
C PRO C 80 0.30 9.27 -10.24
N ASP C 81 1.41 9.18 -10.95
CA ASP C 81 1.53 9.66 -12.31
C ASP C 81 0.40 9.18 -13.23
N PHE C 82 -0.04 7.92 -13.07
CA PHE C 82 -1.03 7.37 -14.01
C PHE C 82 -2.46 7.92 -13.73
N VAL C 83 -2.69 8.35 -12.48
CA VAL C 83 -3.94 9.03 -12.11
C VAL C 83 -3.97 10.38 -12.80
N ILE C 84 -2.85 11.10 -12.72
CA ILE C 84 -2.77 12.39 -13.39
C ILE C 84 -2.93 12.18 -14.88
N ASN C 85 -2.22 11.18 -15.41
CA ASN C 85 -2.38 10.84 -16.85
C ASN C 85 -3.77 10.38 -17.25
N ALA C 86 -4.51 9.79 -16.32
CA ALA C 86 -5.90 9.38 -16.61
C ALA C 86 -6.73 10.59 -17.00
N ILE C 87 -6.41 11.75 -16.42
CA ILE C 87 -7.04 13.01 -16.79
C ILE C 87 -6.48 13.58 -18.10
N ARG C 88 -5.16 13.74 -18.12
CA ARG C 88 -4.48 14.50 -19.19
C ARG C 88 -4.46 13.81 -20.57
N GLN C 89 -4.60 12.48 -20.59
CA GLN C 89 -4.78 11.78 -21.89
C GLN C 89 -6.17 11.93 -22.51
N LEU C 90 -7.15 12.45 -21.75
CA LEU C 90 -8.50 12.72 -22.25
C LEU C 90 -8.49 13.99 -23.11
N PRO C 91 -9.49 14.15 -24.01
CA PRO C 91 -9.68 15.42 -24.73
C PRO C 91 -10.03 16.59 -23.79
N ARG C 92 -9.41 17.74 -24.07
CA ARG C 92 -9.56 18.99 -23.31
C ARG C 92 -10.99 19.49 -23.17
N GLU C 93 -11.83 19.26 -24.18
CA GLU C 93 -13.23 19.67 -24.14
C GLU C 93 -14.11 18.77 -23.27
N SER C 94 -13.52 17.76 -22.63
CA SER C 94 -14.29 16.81 -21.81
C SER C 94 -14.94 17.50 -20.60
N ASP C 95 -16.01 16.90 -20.09
CA ASP C 95 -16.69 17.39 -18.93
C ASP C 95 -15.79 17.18 -17.68
N ALA C 96 -15.63 18.23 -16.86
CA ALA C 96 -14.80 18.19 -15.65
C ALA C 96 -15.18 17.07 -14.68
N VAL C 97 -16.48 16.83 -14.49
CA VAL C 97 -16.86 15.79 -13.52
C VAL C 97 -16.53 14.40 -14.07
N ALA C 98 -16.68 14.22 -15.38
CA ALA C 98 -16.30 12.98 -16.04
C ALA C 98 -14.78 12.76 -15.98
N MET C 99 -13.98 13.83 -16.08
CA MET C 99 -12.54 13.73 -15.87
C MET C 99 -12.22 13.30 -14.42
N GLN C 100 -12.97 13.81 -13.45
CA GLN C 100 -12.79 13.33 -12.08
C GLN C 100 -13.16 11.86 -11.95
N MET C 101 -14.24 11.47 -12.62
CA MET C 101 -14.70 10.07 -12.65
C MET C 101 -13.62 9.12 -13.22
N ALA C 102 -13.03 9.50 -14.35
CA ALA C 102 -11.91 8.77 -14.93
C ALA C 102 -10.72 8.60 -13.98
N ALA C 103 -10.38 9.64 -13.21
CA ALA C 103 -9.25 9.55 -12.31
C ALA C 103 -9.57 8.72 -11.06
N VAL C 104 -10.79 8.80 -10.53
CA VAL C 104 -11.18 7.97 -9.40
C VAL C 104 -11.29 6.49 -9.84
N ALA C 105 -11.75 6.25 -11.06
CA ALA C 105 -11.80 4.89 -11.59
C ALA C 105 -10.41 4.27 -11.71
N ALA C 106 -9.44 5.06 -12.19
CA ALA C 106 -8.01 4.69 -12.16
C ALA C 106 -7.54 4.23 -10.80
N MET C 107 -8.02 4.91 -9.76
CA MET C 107 -7.70 4.51 -8.39
C MET C 107 -8.43 3.28 -7.93
N ALA C 108 -9.73 3.19 -8.26
CA ALA C 108 -10.50 1.99 -7.95
C ALA C 108 -9.81 0.78 -8.56
N ALA C 109 -9.31 0.96 -9.78
CA ALA C 109 -8.58 -0.09 -10.49
C ALA C 109 -7.32 -0.52 -9.73
N SER C 110 -6.53 0.46 -9.32
CA SER C 110 -5.21 0.21 -8.79
C SER C 110 -5.16 -0.16 -7.30
N GLU C 111 -6.14 0.27 -6.52
CA GLU C 111 -6.16 -0.02 -5.08
C GLU C 111 -6.61 -1.46 -4.80
N THR C 112 -5.77 -2.44 -5.19
CA THR C 112 -6.10 -3.88 -5.14
C THR C 112 -6.21 -4.38 -3.72
N LYS C 113 -5.69 -3.60 -2.80
CA LYS C 113 -5.62 -4.00 -1.40
C LYS C 113 -6.67 -3.33 -0.52
N PHE C 114 -7.54 -2.50 -1.09
CA PHE C 114 -8.60 -1.91 -0.28
C PHE C 114 -9.49 -3.00 0.33
N LYS C 115 -9.80 -2.85 1.61
CA LYS C 115 -10.82 -3.69 2.23
C LYS C 115 -11.59 -2.91 3.30
N TRP C 116 -12.90 -3.16 3.38
CA TRP C 116 -13.75 -2.51 4.38
C TRP C 116 -13.27 -3.03 5.72
N ASN C 117 -12.90 -2.10 6.60
CA ASN C 117 -12.31 -2.41 7.90
C ASN C 117 -12.36 -1.19 8.80
N LYS C 118 -13.13 -1.27 9.86
CA LYS C 118 -13.24 -0.16 10.81
C LYS C 118 -11.89 0.40 11.30
N ASP C 119 -10.80 -0.35 11.08
CA ASP C 119 -9.50 0.08 11.58
C ASP C 119 -8.88 1.13 10.67
N THR C 120 -9.23 1.06 9.39
CA THR C 120 -8.51 1.79 8.35
C THR C 120 -9.38 2.73 7.52
N ASP C 121 -10.71 2.57 7.56
CA ASP C 121 -11.65 3.32 6.69
C ASP C 121 -11.49 4.84 6.79
N ARG C 122 -11.42 5.33 8.02
CA ARG C 122 -11.23 6.77 8.28
C ARG C 122 -9.92 7.30 7.70
N ASP C 123 -8.83 6.53 7.81
CA ASP C 123 -7.55 6.96 7.23
C ASP C 123 -7.59 6.91 5.69
N VAL C 124 -8.20 5.86 5.13
CA VAL C 124 -8.43 5.81 3.66
C VAL C 124 -9.25 7.04 3.20
N ALA C 125 -10.38 7.30 3.88
CA ALA C 125 -11.24 8.42 3.56
C ALA C 125 -10.54 9.77 3.68
N ALA C 126 -9.78 9.98 4.76
CA ALA C 126 -8.95 11.19 4.90
C ALA C 126 -7.99 11.42 3.73
N GLU C 127 -7.25 10.38 3.37
CA GLU C 127 -6.27 10.51 2.30
C GLU C 127 -6.98 10.75 0.95
N MET C 128 -8.13 10.11 0.78
CA MET C 128 -8.97 10.33 -0.43
C MET C 128 -9.48 11.79 -0.58
N ILE C 129 -9.81 12.45 0.53
CA ILE C 129 -10.13 13.88 0.53
C ILE C 129 -8.96 14.70 -0.02
N GLY C 130 -7.73 14.39 0.42
CA GLY C 130 -6.53 14.95 -0.20
C GLY C 130 -6.38 14.68 -1.69
N ARG C 131 -6.59 13.43 -2.09
CA ARG C 131 -6.47 13.02 -3.49
C ARG C 131 -7.49 13.70 -4.38
N MET C 132 -8.67 13.97 -3.81
CA MET C 132 -9.74 14.67 -4.52
C MET C 132 -9.28 16.10 -4.84
N SER C 133 -8.59 16.74 -3.90
CA SER C 133 -8.05 18.07 -4.18
C SER C 133 -7.01 18.01 -5.33
N ALA C 134 -6.08 17.04 -5.25
CA ALA C 134 -5.08 16.85 -6.34
C ALA C 134 -5.73 16.55 -7.68
N ILE C 135 -6.70 15.65 -7.68
CA ILE C 135 -7.45 15.34 -8.92
C ILE C 135 -8.09 16.57 -9.51
N THR C 136 -8.81 17.30 -8.67
CA THR C 136 -9.57 18.44 -9.14
C THR C 136 -8.66 19.55 -9.70
N VAL C 137 -7.57 19.85 -8.99
CA VAL C 137 -6.51 20.75 -9.50
C VAL C 137 -6.06 20.35 -10.89
N ASN C 138 -5.78 19.06 -11.06
CA ASN C 138 -5.32 18.57 -12.35
C ASN C 138 -6.37 18.54 -13.44
N VAL C 139 -7.62 18.30 -13.05
CA VAL C 139 -8.75 18.45 -13.99
C VAL C 139 -8.83 19.88 -14.53
N TYR C 140 -8.83 20.85 -13.62
CA TYR C 140 -8.83 22.25 -14.00
C TYR C 140 -7.63 22.65 -14.90
N ARG C 141 -6.42 22.26 -14.51
CA ARG C 141 -5.23 22.63 -15.31
C ARG C 141 -5.25 22.05 -16.71
N HIS C 142 -5.67 20.78 -16.78
CA HIS C 142 -5.81 20.11 -18.07
C HIS C 142 -6.82 20.87 -18.94
N ILE C 143 -8.01 21.16 -18.39
CA ILE C 143 -9.04 21.91 -19.15
C ILE C 143 -8.46 23.24 -19.66
N MET C 144 -7.61 23.85 -18.84
CA MET C 144 -7.08 25.17 -19.13
C MET C 144 -5.80 25.14 -19.96
N ASN C 145 -5.34 23.96 -20.38
CA ASN C 145 -4.07 23.82 -21.12
C ASN C 145 -2.85 24.41 -20.35
N MET C 146 -2.75 24.02 -19.08
CA MET C 146 -1.66 24.38 -18.16
C MET C 146 -0.96 23.07 -17.83
N PRO C 147 0.31 23.15 -17.37
CA PRO C 147 0.98 21.96 -16.88
C PRO C 147 0.34 21.40 -15.60
N ALA C 148 0.61 20.14 -15.31
CA ALA C 148 0.20 19.50 -14.07
C ALA C 148 0.82 20.16 -12.83
N GLU C 149 0.06 20.16 -11.73
CA GLU C 149 0.57 20.63 -10.46
C GLU C 149 -0.14 19.87 -9.36
N LEU C 150 0.58 19.67 -8.28
CA LEU C 150 0.06 19.01 -7.09
C LEU C 150 -0.11 20.06 -5.99
N PRO C 151 -1.17 19.94 -5.17
CA PRO C 151 -1.31 20.84 -4.04
C PRO C 151 -0.19 20.57 -3.01
N LYS C 152 0.17 21.59 -2.26
CA LYS C 152 1.21 21.51 -1.23
C LYS C 152 0.61 21.90 0.11
N PRO C 153 1.15 21.37 1.21
CA PRO C 153 0.66 21.76 2.55
C PRO C 153 0.68 23.28 2.74
N SER C 154 -0.33 23.84 3.38
CA SER C 154 -0.35 25.29 3.67
C SER C 154 -1.19 25.47 4.92
N ASP C 155 -1.55 26.72 5.26
CA ASP C 155 -2.43 26.99 6.41
C ASP C 155 -3.83 26.42 6.32
N SER C 156 -4.25 26.02 5.12
CA SER C 156 -5.59 25.45 4.96
C SER C 156 -5.73 24.61 3.69
N TYR C 157 -6.62 23.65 3.76
CA TYR C 157 -7.02 22.84 2.62
C TYR C 157 -7.55 23.73 1.49
N ALA C 158 -8.42 24.68 1.81
CA ALA C 158 -8.89 25.65 0.80
C ALA C 158 -7.75 26.38 0.08
N GLU C 159 -6.80 26.90 0.85
CA GLU C 159 -5.65 27.60 0.32
C GLU C 159 -4.75 26.67 -0.50
N SER C 160 -4.52 25.45 -0.03
CA SER C 160 -3.72 24.50 -0.82
C SER C 160 -4.35 24.24 -2.21
N PHE C 161 -5.67 24.09 -2.20
CA PHE C 161 -6.39 23.82 -3.43
C PHE C 161 -6.28 25.01 -4.43
N LEU C 162 -6.66 26.20 -3.98
CA LEU C 162 -6.61 27.43 -4.83
C LEU C 162 -5.22 27.83 -5.36
N ASN C 163 -4.22 27.76 -4.49
CA ASN C 163 -2.83 28.04 -4.94
C ASN C 163 -2.39 27.10 -6.04
N ALA C 164 -2.69 25.82 -5.88
CA ALA C 164 -2.34 24.84 -6.90
C ALA C 164 -3.19 24.99 -8.17
N ALA C 165 -4.50 25.22 -8.02
CA ALA C 165 -5.36 25.28 -9.21
C ALA C 165 -4.95 26.49 -10.06
N PHE C 166 -4.70 27.63 -9.44
CA PHE C 166 -4.38 28.85 -10.18
C PHE C 166 -2.91 29.09 -10.47
N GLY C 167 -2.04 28.46 -9.69
CA GLY C 167 -0.59 28.66 -9.88
C GLY C 167 -0.12 30.02 -9.37
N ARG C 168 -0.82 30.54 -8.36
CA ARG C 168 -0.48 31.85 -7.76
C ARG C 168 -1.07 31.90 -6.35
N LYS C 169 -0.60 32.81 -5.51
CA LYS C 169 -1.13 32.88 -4.13
C LYS C 169 -2.58 33.38 -4.17
N ALA C 170 -3.46 32.67 -3.47
CA ALA C 170 -4.86 33.06 -3.33
C ALA C 170 -4.92 34.14 -2.27
N THR C 171 -5.85 35.05 -2.43
CA THR C 171 -6.03 36.10 -1.40
C THR C 171 -6.89 35.57 -0.27
N LYS C 172 -6.82 36.22 0.91
CA LYS C 172 -7.58 35.70 2.03
C LYS C 172 -9.10 35.77 1.78
N GLU C 173 -9.53 36.71 0.93
CA GLU C 173 -10.92 36.76 0.50
C GLU C 173 -11.36 35.52 -0.32
N GLU C 174 -10.54 35.13 -1.30
CA GLU C 174 -10.83 33.95 -2.14
C GLU C 174 -10.76 32.68 -1.27
N ILE C 175 -9.75 32.62 -0.39
CA ILE C 175 -9.56 31.45 0.47
C ILE C 175 -10.79 31.23 1.35
N ASP C 176 -11.27 32.30 2.00
CA ASP C 176 -12.42 32.22 2.93
C ASP C 176 -13.73 31.80 2.25
N ALA C 177 -13.99 32.37 1.07
CA ALA C 177 -15.12 31.95 0.21
C ALA C 177 -15.06 30.47 -0.20
N MET C 178 -13.88 30.00 -0.62
CA MET C 178 -13.69 28.59 -0.96
C MET C 178 -13.90 27.66 0.26
N ASN C 179 -13.45 28.11 1.42
CA ASN C 179 -13.60 27.35 2.63
C ASN C 179 -15.08 27.22 3.00
N THR C 180 -15.82 28.32 2.87
CA THR C 180 -17.25 28.31 3.08
C THR C 180 -17.95 27.41 2.02
N ALA C 181 -17.55 27.56 0.76
CA ALA C 181 -18.13 26.70 -0.28
C ALA C 181 -17.92 25.22 0.04
N LEU C 182 -16.72 24.86 0.50
CA LEU C 182 -16.41 23.48 0.90
C LEU C 182 -17.26 22.98 2.05
N ILE C 183 -17.45 23.80 3.06
CA ILE C 183 -18.37 23.44 4.17
C ILE C 183 -19.82 23.27 3.69
N LEU C 184 -20.32 24.26 2.93
CA LEU C 184 -21.71 24.26 2.52
C LEU C 184 -22.08 23.04 1.70
N TYR C 185 -21.16 22.54 0.88
CA TYR C 185 -21.42 21.38 0.01
C TYR C 185 -21.03 19.99 0.58
N THR C 186 -20.57 19.97 1.83
CA THR C 186 -20.02 18.74 2.45
C THR C 186 -20.94 17.54 2.36
N ASP C 187 -22.19 17.75 2.71
CA ASP C 187 -23.13 16.66 2.81
C ASP C 187 -24.55 17.11 2.74
N HIS C 188 -25.41 16.23 2.25
CA HIS C 188 -26.81 16.56 2.26
C HIS C 188 -27.69 15.33 2.41
N GLU C 189 -27.32 14.51 3.37
CA GLU C 189 -28.04 13.27 3.66
C GLU C 189 -27.97 12.25 2.50
N VAL C 190 -29.09 11.92 1.86
CA VAL C 190 -29.06 10.96 0.72
C VAL C 190 -29.63 11.49 -0.62
N PRO C 191 -28.96 12.48 -1.21
CA PRO C 191 -29.27 12.92 -2.57
C PRO C 191 -28.95 11.82 -3.60
N ALA C 192 -29.25 12.05 -4.87
CA ALA C 192 -29.06 11.03 -5.88
C ALA C 192 -27.59 10.59 -5.93
N SER C 193 -26.64 11.51 -5.76
CA SER C 193 -25.22 11.08 -5.81
C SER C 193 -24.84 10.10 -4.67
N THR C 194 -25.12 10.51 -3.43
CA THR C 194 -24.84 9.64 -2.28
C THR C 194 -25.55 8.27 -2.41
N THR C 195 -26.78 8.28 -2.91
CA THR C 195 -27.58 7.09 -3.15
C THR C 195 -26.96 6.11 -4.16
N ALA C 196 -26.46 6.65 -5.28
CA ALA C 196 -25.82 5.81 -6.28
C ALA C 196 -24.57 5.16 -5.71
N GLY C 197 -23.82 5.95 -4.93
CA GLY C 197 -22.64 5.48 -4.23
C GLY C 197 -23.00 4.43 -3.18
N LEU C 198 -24.08 4.64 -2.44
CA LEU C 198 -24.55 3.62 -1.48
C LEU C 198 -24.89 2.30 -2.11
N VAL C 199 -25.61 2.32 -3.24
CA VAL C 199 -25.96 1.12 -3.94
C VAL C 199 -24.69 0.38 -4.31
N ALA C 200 -23.73 1.11 -4.88
CA ALA C 200 -22.41 0.50 -5.24
C ALA C 200 -21.67 -0.11 -4.03
N VAL C 201 -21.58 0.57 -2.90
CA VAL C 201 -20.85 -0.03 -1.75
C VAL C 201 -21.70 -1.10 -1.03
N SER C 202 -23.03 -1.12 -1.28
CA SER C 202 -23.90 -2.15 -0.71
C SER C 202 -23.58 -3.57 -1.26
N THR C 203 -22.78 -3.64 -2.34
CA THR C 203 -22.37 -4.95 -2.89
C THR C 203 -20.99 -5.32 -2.37
N LEU C 204 -20.52 -4.49 -1.43
CA LEU C 204 -19.16 -4.53 -0.88
C LEU C 204 -18.08 -4.19 -1.87
N SER C 205 -18.46 -3.50 -2.94
CA SER C 205 -17.52 -2.84 -3.81
C SER C 205 -16.72 -1.82 -3.01
N ASP C 206 -15.53 -1.50 -3.52
CA ASP C 206 -14.58 -0.63 -2.81
C ASP C 206 -15.05 0.86 -2.71
N MET C 207 -14.42 1.61 -1.82
CA MET C 207 -14.72 3.02 -1.58
C MET C 207 -14.59 3.88 -2.83
N TYR C 208 -13.56 3.61 -3.64
CA TYR C 208 -13.30 4.40 -4.86
C TYR C 208 -14.38 4.20 -5.93
N SER C 209 -14.88 2.97 -6.06
CA SER C 209 -16.04 2.67 -6.94
C SER C 209 -17.33 3.34 -6.43
N GLY C 210 -17.56 3.33 -5.13
CA GLY C 210 -18.67 4.10 -4.56
C GLY C 210 -18.59 5.60 -4.96
N ILE C 211 -17.40 6.20 -4.88
CA ILE C 211 -17.25 7.61 -5.25
C ILE C 211 -17.46 7.76 -6.77
N THR C 212 -16.96 6.80 -7.54
CA THR C 212 -17.17 6.82 -9.00
C THR C 212 -18.67 6.82 -9.38
N ALA C 213 -19.47 5.97 -8.73
CA ALA C 213 -20.92 5.96 -8.99
C ALA C 213 -21.58 7.30 -8.61
N ALA C 214 -21.08 7.91 -7.52
CA ALA C 214 -21.66 9.14 -6.99
C ALA C 214 -21.36 10.27 -7.97
N LEU C 215 -20.16 10.30 -8.53
CA LEU C 215 -19.79 11.32 -9.54
C LEU C 215 -20.66 11.17 -10.80
N ALA C 216 -20.89 9.92 -11.23
CA ALA C 216 -21.77 9.61 -12.36
C ALA C 216 -23.17 10.23 -12.19
N ALA C 217 -23.75 10.12 -10.99
CA ALA C 217 -25.02 10.76 -10.70
C ALA C 217 -24.92 12.28 -10.54
N LEU C 218 -23.87 12.78 -9.87
CA LEU C 218 -23.77 14.22 -9.55
C LEU C 218 -23.73 15.08 -10.82
N LYS C 219 -23.17 14.51 -11.87
CA LYS C 219 -22.97 15.18 -13.14
C LYS C 219 -24.32 15.68 -13.74
N GLY C 220 -25.42 14.95 -13.55
CA GLY C 220 -26.65 15.26 -14.33
C GLY C 220 -27.19 16.64 -13.90
N PRO C 221 -27.87 17.34 -14.82
CA PRO C 221 -28.41 18.72 -14.63
C PRO C 221 -29.53 18.84 -13.59
N LEU C 222 -30.19 17.74 -13.21
CA LEU C 222 -31.17 17.81 -12.12
C LEU C 222 -30.52 17.73 -10.76
N HIS C 223 -29.26 17.29 -10.73
CA HIS C 223 -28.49 17.21 -9.47
C HIS C 223 -27.38 18.25 -9.50
N GLY C 224 -26.12 17.84 -9.41
CA GLY C 224 -25.04 18.77 -9.29
C GLY C 224 -24.73 19.55 -10.54
N GLY C 225 -25.15 19.04 -11.71
CA GLY C 225 -25.01 19.78 -12.98
C GLY C 225 -25.76 21.13 -12.99
N ALA C 226 -26.73 21.30 -12.09
CA ALA C 226 -27.42 22.56 -11.92
C ALA C 226 -26.47 23.71 -11.57
N ALA C 227 -25.33 23.41 -10.92
CA ALA C 227 -24.31 24.41 -10.57
C ALA C 227 -23.81 25.17 -11.81
N GLU C 228 -23.72 24.48 -12.96
CA GLU C 228 -23.40 25.15 -14.23
C GLU C 228 -24.64 25.55 -15.00
N ALA C 229 -25.68 24.73 -14.98
CA ALA C 229 -26.90 25.05 -15.73
C ALA C 229 -27.63 26.32 -15.23
N ALA C 230 -27.62 26.58 -13.93
CA ALA C 230 -28.35 27.79 -13.45
C ALA C 230 -27.64 29.08 -13.92
N ILE C 231 -26.32 29.12 -13.72
CA ILE C 231 -25.58 30.29 -14.14
C ILE C 231 -25.55 30.44 -15.69
N ALA C 232 -25.58 29.31 -16.42
CA ALA C 232 -25.80 29.37 -17.88
C ALA C 232 -27.11 30.06 -18.31
N GLN C 233 -28.18 29.95 -17.51
CA GLN C 233 -29.39 30.79 -17.71
C GLN C 233 -29.08 32.28 -17.68
N PHE C 234 -28.43 32.73 -16.60
CA PHE C 234 -28.14 34.14 -16.38
C PHE C 234 -27.34 34.67 -17.56
N ASP C 235 -26.36 33.85 -17.94
CA ASP C 235 -25.47 34.06 -19.06
C ASP C 235 -26.26 34.25 -20.35
N GLU C 236 -27.29 33.44 -20.59
CA GLU C 236 -28.02 33.56 -21.87
C GLU C 236 -29.02 34.73 -21.93
N ILE C 237 -29.49 35.16 -20.78
CA ILE C 237 -30.44 36.27 -20.66
C ILE C 237 -29.74 37.57 -21.06
N LYS C 238 -28.48 37.74 -20.62
CA LYS C 238 -27.58 38.80 -21.14
C LYS C 238 -27.84 40.21 -20.62
N ASP C 239 -29.10 40.65 -20.65
CA ASP C 239 -29.48 41.99 -20.17
C ASP C 239 -30.63 41.89 -19.17
N PRO C 240 -30.48 42.51 -17.98
CA PRO C 240 -31.51 42.49 -16.94
C PRO C 240 -32.91 42.98 -17.37
N ALA C 241 -33.00 43.94 -18.28
CA ALA C 241 -34.34 44.35 -18.78
C ALA C 241 -35.05 43.20 -19.53
N MET C 242 -34.28 42.23 -20.01
CA MET C 242 -34.80 41.03 -20.68
C MET C 242 -35.20 39.83 -19.79
N VAL C 243 -35.01 39.94 -18.48
CA VAL C 243 -35.30 38.81 -17.57
C VAL C 243 -36.75 38.31 -17.70
N GLU C 244 -37.71 39.22 -17.57
CA GLU C 244 -39.13 38.84 -17.56
C GLU C 244 -39.57 38.18 -18.89
N LYS C 245 -39.15 38.74 -20.03
CA LYS C 245 -39.37 38.11 -21.33
C LYS C 245 -38.78 36.68 -21.42
N TRP C 246 -37.53 36.51 -21.00
CA TRP C 246 -36.88 35.21 -21.03
C TRP C 246 -37.69 34.22 -20.18
N PHE C 247 -38.08 34.67 -19.00
CA PHE C 247 -38.75 33.83 -18.01
C PHE C 247 -40.12 33.36 -18.54
N ASN C 248 -40.88 34.29 -19.10
CA ASN C 248 -42.14 33.91 -19.74
C ASN C 248 -41.92 32.99 -20.95
N ASP C 249 -40.89 33.26 -21.75
CA ASP C 249 -40.59 32.51 -23.00
C ASP C 249 -40.11 31.07 -22.77
N ASN C 250 -39.42 30.83 -21.65
CA ASN C 250 -38.77 29.55 -21.39
C ASN C 250 -39.36 28.71 -20.25
N ILE C 251 -39.81 29.41 -19.21
CA ILE C 251 -40.17 28.78 -17.95
C ILE C 251 -41.71 28.71 -17.79
N ILE C 252 -42.40 29.85 -17.82
CA ILE C 252 -43.86 29.89 -17.50
C ILE C 252 -44.68 29.07 -18.50
N ASN C 253 -44.29 29.10 -19.77
CA ASN C 253 -44.95 28.25 -20.78
C ASN C 253 -44.59 26.75 -20.75
N GLY C 254 -43.84 26.30 -19.74
CA GLY C 254 -43.45 24.89 -19.58
C GLY C 254 -42.30 24.35 -20.44
N LYS C 255 -41.58 25.21 -21.15
CA LYS C 255 -40.53 24.72 -22.06
C LYS C 255 -39.38 24.02 -21.29
N LYS C 256 -38.89 24.65 -20.22
CA LYS C 256 -37.84 24.06 -19.38
C LYS C 256 -38.00 24.44 -17.93
N ARG C 257 -37.38 23.66 -17.05
CA ARG C 257 -37.38 23.97 -15.61
C ARG C 257 -36.44 25.13 -15.31
N LEU C 258 -36.78 25.91 -14.27
CA LEU C 258 -35.90 26.93 -13.75
C LEU C 258 -34.74 26.30 -12.94
N MET C 259 -33.55 26.33 -13.53
CA MET C 259 -32.40 25.68 -12.95
C MET C 259 -31.93 26.44 -11.73
N GLY C 260 -31.65 25.69 -10.64
CA GLY C 260 -31.33 26.35 -9.36
C GLY C 260 -32.52 26.65 -8.45
N PHE C 261 -33.72 26.26 -8.87
CA PHE C 261 -34.94 26.28 -8.04
C PHE C 261 -35.45 24.85 -7.81
N GLY C 262 -36.12 24.62 -6.70
CA GLY C 262 -36.74 23.30 -6.46
C GLY C 262 -35.78 22.38 -5.72
N HIS C 263 -36.36 21.41 -5.00
CA HIS C 263 -35.59 20.48 -4.22
C HIS C 263 -36.51 19.36 -3.80
N ARG C 264 -36.00 18.14 -3.78
CA ARG C 264 -36.82 17.04 -3.27
C ARG C 264 -37.21 17.23 -1.79
N VAL C 265 -36.32 17.80 -1.00
CA VAL C 265 -36.56 17.92 0.43
C VAL C 265 -37.06 19.34 0.76
N TYR C 266 -36.33 20.38 0.33
CA TYR C 266 -36.71 21.77 0.75
C TYR C 266 -37.95 22.25 0.08
N LYS C 267 -38.91 22.66 0.89
CA LYS C 267 -40.12 23.33 0.40
C LYS C 267 -40.08 24.81 0.79
N THR C 268 -38.88 25.31 1.00
CA THR C 268 -38.67 26.68 1.43
C THR C 268 -37.29 27.05 0.88
N TYR C 269 -36.85 28.29 1.11
CA TYR C 269 -35.52 28.75 0.72
C TYR C 269 -34.44 27.84 1.31
N ASP C 270 -33.55 27.34 0.45
CA ASP C 270 -32.42 26.49 0.90
C ASP C 270 -31.46 27.33 1.79
N PRO C 271 -31.20 26.90 3.05
CA PRO C 271 -30.32 27.60 3.96
C PRO C 271 -28.88 27.81 3.45
N ARG C 272 -28.37 26.89 2.61
CA ARG C 272 -27.06 27.05 2.00
C ARG C 272 -27.13 28.13 0.91
N ALA C 273 -28.27 28.18 0.20
CA ALA C 273 -28.53 29.22 -0.79
C ALA C 273 -28.58 30.61 -0.17
N LYS C 274 -29.08 30.74 1.05
CA LYS C 274 -29.02 32.06 1.72
C LYS C 274 -27.57 32.53 1.86
N ILE C 275 -26.73 31.64 2.38
CA ILE C 275 -25.32 31.96 2.61
C ILE C 275 -24.60 32.27 1.31
N PHE C 276 -24.81 31.41 0.29
CA PHE C 276 -24.15 31.59 -1.00
C PHE C 276 -24.51 32.95 -1.61
N LYS C 277 -25.78 33.33 -1.52
CA LYS C 277 -26.24 34.61 -2.03
C LYS C 277 -25.45 35.78 -1.45
N GLY C 278 -25.25 35.77 -0.13
CA GLY C 278 -24.54 36.90 0.52
C GLY C 278 -23.11 36.98 0.05
N ILE C 279 -22.46 35.82 -0.09
CA ILE C 279 -21.12 35.77 -0.66
C ILE C 279 -21.09 36.18 -2.16
N ALA C 280 -22.06 35.70 -2.92
CA ALA C 280 -22.14 36.04 -4.36
C ALA C 280 -22.25 37.54 -4.49
N GLU C 281 -23.01 38.16 -3.56
CA GLU C 281 -23.23 39.60 -3.61
C GLU C 281 -21.96 40.36 -3.28
N LYS C 282 -21.31 39.99 -2.18
CA LYS C 282 -20.10 40.68 -1.75
C LYS C 282 -18.96 40.54 -2.73
N LEU C 283 -18.67 39.31 -3.19
CA LEU C 283 -17.55 39.10 -4.12
C LEU C 283 -17.80 39.60 -5.53
N SER C 284 -19.02 39.41 -6.05
CA SER C 284 -19.30 39.77 -7.44
C SER C 284 -19.30 41.29 -7.61
N SER C 285 -19.61 42.01 -6.55
CA SER C 285 -19.58 43.48 -6.58
C SER C 285 -18.18 44.06 -6.93
N LYS C 286 -17.11 43.30 -6.69
CA LYS C 286 -15.74 43.74 -6.99
C LYS C 286 -15.34 43.62 -8.47
N LYS C 287 -16.16 42.92 -9.26
CA LYS C 287 -15.87 42.61 -10.67
C LYS C 287 -17.13 42.93 -11.45
N PRO C 288 -17.12 44.05 -12.19
CA PRO C 288 -18.34 44.49 -12.87
C PRO C 288 -19.02 43.45 -13.75
N GLU C 289 -18.26 42.68 -14.50
CA GLU C 289 -18.84 41.70 -15.41
C GLU C 289 -19.57 40.57 -14.67
N VAL C 290 -19.05 40.16 -13.51
CA VAL C 290 -19.67 39.15 -12.66
C VAL C 290 -20.84 39.73 -11.90
N HIS C 291 -20.73 41.02 -11.53
CA HIS C 291 -21.83 41.67 -10.86
C HIS C 291 -23.09 41.77 -11.77
N LYS C 292 -22.89 41.94 -13.06
CA LYS C 292 -24.02 41.94 -13.98
C LYS C 292 -24.75 40.59 -13.94
N VAL C 293 -23.99 39.49 -13.88
CA VAL C 293 -24.60 38.16 -13.68
C VAL C 293 -25.45 38.09 -12.41
N TYR C 294 -24.89 38.55 -11.29
CA TYR C 294 -25.60 38.57 -10.01
C TYR C 294 -26.90 39.37 -10.08
N GLU C 295 -26.87 40.52 -10.75
CA GLU C 295 -28.08 41.34 -10.94
C GLU C 295 -29.19 40.67 -11.78
N ILE C 296 -28.82 39.96 -12.84
CA ILE C 296 -29.77 39.13 -13.59
C ILE C 296 -30.31 38.02 -12.66
N ALA C 297 -29.41 37.36 -11.94
CA ALA C 297 -29.80 36.29 -10.99
C ALA C 297 -30.85 36.76 -9.98
N THR C 298 -30.63 37.90 -9.32
CA THR C 298 -31.55 38.32 -8.23
C THR C 298 -32.88 38.80 -8.79
N LYS C 299 -32.86 39.31 -10.02
CA LYS C 299 -34.08 39.67 -10.75
C LYS C 299 -34.95 38.48 -11.17
N LEU C 300 -34.30 37.47 -11.75
CA LEU C 300 -34.94 36.24 -12.09
C LEU C 300 -35.48 35.53 -10.83
N GLU C 301 -34.73 35.58 -9.73
CA GLU C 301 -35.12 34.97 -8.44
C GLU C 301 -36.47 35.49 -7.92
N ASP C 302 -36.64 36.81 -7.89
CA ASP C 302 -37.92 37.42 -7.47
C ASP C 302 -39.08 36.89 -8.29
N PHE C 303 -38.92 36.85 -9.61
CA PHE C 303 -39.89 36.27 -10.52
C PHE C 303 -40.17 34.79 -10.31
N GLY C 304 -39.11 34.07 -9.96
CA GLY C 304 -39.23 32.65 -9.65
C GLY C 304 -40.04 32.39 -8.41
N ILE C 305 -39.71 33.09 -7.33
CA ILE C 305 -40.35 32.93 -6.03
C ILE C 305 -41.87 33.26 -6.11
N LYS C 306 -42.18 34.34 -6.84
CA LYS C 306 -43.56 34.76 -7.16
C LYS C 306 -44.35 33.68 -7.89
N ALA C 307 -43.77 33.10 -8.93
CA ALA C 307 -44.46 32.07 -9.70
C ALA C 307 -44.53 30.73 -9.00
N PHE C 308 -43.48 30.38 -8.24
CA PHE C 308 -43.26 28.98 -7.86
C PHE C 308 -43.26 28.74 -6.37
N GLY C 309 -43.11 29.81 -5.58
CA GLY C 309 -43.07 29.71 -4.12
C GLY C 309 -44.28 29.02 -3.49
N SER C 310 -45.45 29.14 -4.15
CA SER C 310 -46.70 28.54 -3.65
C SER C 310 -46.68 27.01 -3.79
N LYS C 311 -45.80 26.52 -4.68
CA LYS C 311 -45.66 25.09 -4.93
C LYS C 311 -44.50 24.51 -4.10
N GLY C 312 -43.91 25.34 -3.26
CA GLY C 312 -42.75 24.94 -2.43
C GLY C 312 -41.45 24.84 -3.24
N ILE C 313 -41.37 25.61 -4.32
CA ILE C 313 -40.21 25.61 -5.23
C ILE C 313 -39.48 26.95 -5.08
N TYR C 314 -38.31 26.89 -4.42
CA TYR C 314 -37.47 28.03 -4.05
C TYR C 314 -36.01 27.87 -4.49
N PRO C 315 -35.21 28.97 -4.43
CA PRO C 315 -33.81 28.86 -4.84
C PRO C 315 -33.11 27.76 -4.03
N ASN C 316 -32.36 26.92 -4.73
CA ASN C 316 -31.54 25.94 -4.04
C ASN C 316 -30.06 26.41 -4.06
N THR C 317 -29.20 25.60 -3.46
CA THR C 317 -27.75 25.83 -3.38
C THR C 317 -27.08 26.19 -4.76
N ASP C 318 -27.54 25.53 -5.83
CA ASP C 318 -26.95 25.67 -7.16
C ASP C 318 -27.33 26.97 -7.90
N TYR C 319 -28.31 27.73 -7.38
CA TYR C 319 -28.66 28.99 -8.02
C TYR C 319 -27.53 30.06 -7.87
N PHE C 320 -26.87 30.07 -6.72
CA PHE C 320 -25.87 31.11 -6.44
C PHE C 320 -24.43 30.62 -6.40
N SER C 321 -24.21 29.31 -6.30
CA SER C 321 -22.84 28.82 -6.10
C SER C 321 -21.90 29.14 -7.27
N GLY C 322 -22.44 29.09 -8.48
CA GLY C 322 -21.71 29.38 -9.72
C GLY C 322 -21.14 30.80 -9.70
N ILE C 323 -21.92 31.76 -9.20
CA ILE C 323 -21.50 33.17 -9.13
C ILE C 323 -20.32 33.30 -8.17
N VAL C 324 -20.38 32.57 -7.05
CA VAL C 324 -19.29 32.54 -6.07
C VAL C 324 -18.02 31.96 -6.72
N TYR C 325 -18.12 30.79 -7.37
CA TYR C 325 -16.94 30.23 -8.05
C TYR C 325 -16.41 31.16 -9.13
N MET C 326 -17.31 31.75 -9.91
CA MET C 326 -16.88 32.71 -10.93
C MET C 326 -16.11 33.90 -10.31
N SER C 327 -16.60 34.40 -9.17
CA SER C 327 -15.96 35.49 -8.45
C SER C 327 -14.59 35.09 -7.86
N ILE C 328 -14.41 33.80 -7.58
CA ILE C 328 -13.13 33.30 -7.04
C ILE C 328 -12.10 33.21 -8.17
N GLY C 329 -12.58 32.98 -9.39
CA GLY C 329 -11.68 32.95 -10.55
C GLY C 329 -11.94 31.82 -11.52
N PHE C 330 -12.94 30.97 -11.23
CA PHE C 330 -13.16 29.79 -12.07
C PHE C 330 -14.10 30.10 -13.23
N PRO C 331 -13.76 29.67 -14.45
CA PRO C 331 -14.61 30.05 -15.60
C PRO C 331 -15.85 29.19 -15.80
N LEU C 332 -16.81 29.75 -16.54
CA LEU C 332 -18.03 29.05 -16.88
C LEU C 332 -17.79 28.19 -18.12
N ARG C 333 -17.29 26.97 -17.88
CA ARG C 333 -17.12 26.00 -18.96
C ARG C 333 -16.80 24.60 -18.42
N ASN C 334 -17.06 23.60 -19.28
CA ASN C 334 -16.67 22.22 -19.01
C ASN C 334 -17.21 21.67 -17.71
N ASN C 335 -18.28 22.28 -17.16
CA ASN C 335 -18.94 21.76 -15.96
C ASN C 335 -18.00 21.89 -14.75
N ILE C 336 -17.08 22.84 -14.80
CA ILE C 336 -16.09 23.03 -13.71
C ILE C 336 -16.81 23.28 -12.38
N TYR C 337 -17.91 24.04 -12.36
CA TYR C 337 -18.57 24.29 -11.05
C TYR C 337 -19.07 23.01 -10.38
N THR C 338 -19.52 22.06 -11.19
CA THR C 338 -19.94 20.75 -10.67
C THR C 338 -18.78 19.95 -10.11
N ALA C 339 -17.62 20.08 -10.76
CA ALA C 339 -16.39 19.50 -10.18
C ALA C 339 -16.03 20.04 -8.82
N LEU C 340 -16.25 21.33 -8.59
CA LEU C 340 -15.98 21.94 -7.29
C LEU C 340 -17.00 21.49 -6.21
N PHE C 341 -18.22 21.23 -6.67
CA PHE C 341 -19.29 20.66 -5.82
C PHE C 341 -18.77 19.26 -5.42
N ALA C 342 -18.29 18.48 -6.39
CA ALA C 342 -17.83 17.11 -6.12
C ALA C 342 -16.64 17.14 -5.14
N LEU C 343 -15.72 18.08 -5.33
CA LEU C 343 -14.56 18.23 -4.39
C LEU C 343 -14.98 18.34 -2.93
N SER C 344 -16.00 19.14 -2.66
CA SER C 344 -16.56 19.26 -1.30
C SER C 344 -17.28 17.98 -0.81
N ARG C 345 -18.13 17.41 -1.69
CA ARG C 345 -19.08 16.39 -1.30
C ARG C 345 -18.42 15.02 -1.10
N VAL C 346 -17.20 14.85 -1.59
CA VAL C 346 -16.49 13.59 -1.41
C VAL C 346 -16.40 13.18 0.09
N THR C 347 -16.26 14.18 0.98
CA THR C 347 -16.27 13.96 2.44
C THR C 347 -17.61 13.33 2.89
N GLY C 348 -18.72 13.94 2.49
CA GLY C 348 -20.03 13.42 2.75
C GLY C 348 -20.25 12.02 2.20
N TRP C 349 -19.91 11.81 0.92
CA TRP C 349 -20.08 10.48 0.34
C TRP C 349 -19.39 9.41 1.22
N GLN C 350 -18.12 9.62 1.51
CA GLN C 350 -17.34 8.57 2.15
C GLN C 350 -17.81 8.32 3.56
N ALA C 351 -18.20 9.39 4.25
CA ALA C 351 -18.77 9.27 5.61
C ALA C 351 -20.08 8.46 5.57
N HIS C 352 -20.92 8.69 4.56
CA HIS C 352 -22.08 7.81 4.42
C HIS C 352 -21.81 6.35 4.06
N PHE C 353 -20.79 6.11 3.25
CA PHE C 353 -20.48 4.76 2.80
C PHE C 353 -19.95 3.96 3.99
N ILE C 354 -19.07 4.59 4.78
CA ILE C 354 -18.49 3.96 5.95
C ILE C 354 -19.60 3.57 6.91
N GLU C 355 -20.50 4.53 7.18
CA GLU C 355 -21.58 4.31 8.14
C GLU C 355 -22.51 3.17 7.71
N TYR C 356 -22.81 3.13 6.42
CA TYR C 356 -23.61 2.08 5.85
C TYR C 356 -22.93 0.74 5.95
N VAL C 357 -21.72 0.65 5.43
CA VAL C 357 -21.07 -0.67 5.32
C VAL C 357 -20.75 -1.22 6.74
N GLU C 358 -20.21 -0.37 7.60
CA GLU C 358 -19.83 -0.74 8.97
C GLU C 358 -21.01 -1.15 9.89
N GLU C 359 -22.13 -0.45 9.84
CA GLU C 359 -23.14 -0.65 10.88
C GLU C 359 -24.51 -1.02 10.39
N GLN C 360 -24.71 -1.04 9.08
CA GLN C 360 -26.05 -1.40 8.59
C GLN C 360 -26.00 -2.04 7.22
N GLN C 361 -24.98 -2.84 6.98
CA GLN C 361 -24.72 -3.39 5.66
C GLN C 361 -25.89 -4.29 5.17
N ARG C 362 -26.31 -4.07 3.92
CA ARG C 362 -27.24 -4.95 3.22
C ARG C 362 -27.25 -4.52 1.77
N LEU C 363 -27.23 -5.54 0.89
CA LEU C 363 -27.38 -5.34 -0.56
C LEU C 363 -28.60 -4.51 -0.90
N ILE C 364 -28.41 -3.45 -1.72
CA ILE C 364 -29.55 -2.65 -2.11
C ILE C 364 -30.07 -3.24 -3.43
N ARG C 365 -31.27 -3.79 -3.40
CA ARG C 365 -31.79 -4.52 -4.57
C ARG C 365 -33.30 -4.52 -4.57
N PRO C 366 -33.93 -3.51 -5.25
CA PRO C 366 -35.39 -3.31 -5.27
C PRO C 366 -36.06 -4.20 -6.32
N ARG C 367 -37.32 -3.94 -6.65
CA ARG C 367 -38.06 -4.66 -7.69
C ARG C 367 -38.60 -3.67 -8.69
N ALA C 368 -39.19 -4.21 -9.74
CA ALA C 368 -39.90 -3.43 -10.73
C ALA C 368 -41.27 -4.04 -10.91
N VAL C 369 -42.26 -3.24 -11.31
CA VAL C 369 -43.58 -3.80 -11.65
C VAL C 369 -43.56 -4.20 -13.13
N TYR C 370 -43.84 -5.46 -13.44
CA TYR C 370 -43.82 -5.92 -14.84
C TYR C 370 -45.11 -5.57 -15.55
N VAL C 371 -44.93 -4.95 -16.71
CA VAL C 371 -45.99 -4.34 -17.44
C VAL C 371 -45.83 -4.75 -18.95
N GLY C 372 -44.98 -5.74 -19.22
CA GLY C 372 -44.68 -6.11 -20.63
C GLY C 372 -45.51 -7.29 -21.12
N PRO C 373 -45.15 -7.88 -22.27
CA PRO C 373 -45.84 -9.04 -22.85
C PRO C 373 -46.03 -10.24 -21.90
N ALA C 374 -47.21 -10.84 -21.93
CA ALA C 374 -47.46 -12.15 -21.27
C ALA C 374 -46.57 -13.21 -21.91
N GLU C 375 -46.44 -14.33 -21.24
CA GLU C 375 -45.72 -15.50 -21.80
C GLU C 375 -46.10 -15.82 -23.25
N ARG C 376 -45.09 -15.96 -24.11
CA ARG C 376 -45.26 -16.26 -25.52
C ARG C 376 -44.13 -17.17 -25.98
N LYS C 377 -44.41 -17.95 -27.02
CA LYS C 377 -43.44 -18.91 -27.53
C LYS C 377 -42.43 -18.28 -28.45
N TYR C 378 -41.18 -18.70 -28.35
CA TYR C 378 -40.14 -18.17 -29.21
C TYR C 378 -40.40 -18.62 -30.66
N VAL C 379 -40.32 -17.67 -31.58
CA VAL C 379 -40.56 -17.92 -33.01
C VAL C 379 -39.21 -17.76 -33.70
N PRO C 380 -38.77 -18.78 -34.46
CA PRO C 380 -37.51 -18.74 -35.18
C PRO C 380 -37.49 -17.65 -36.25
N ILE C 381 -36.32 -17.07 -36.50
CA ILE C 381 -36.19 -15.85 -37.32
C ILE C 381 -36.78 -15.99 -38.73
N ALA C 382 -36.57 -17.16 -39.32
CA ALA C 382 -37.14 -17.55 -40.63
C ALA C 382 -38.63 -17.29 -40.84
N GLU C 383 -39.43 -17.39 -39.79
CA GLU C 383 -40.88 -17.13 -39.92
C GLU C 383 -41.40 -15.82 -39.32
N ARG C 384 -40.52 -14.97 -38.81
CA ARG C 384 -41.00 -13.71 -38.27
C ARG C 384 -41.50 -12.80 -39.38
N GLU D 6 -39.23 1.65 9.81
CA GLU D 6 -39.66 2.57 8.71
C GLU D 6 -38.55 2.68 7.69
N ILE D 7 -37.41 2.04 7.98
CA ILE D 7 -36.34 1.89 6.99
C ILE D 7 -36.68 0.71 6.08
N SER D 8 -36.53 0.95 4.79
CA SER D 8 -36.68 -0.13 3.82
C SER D 8 -35.32 -0.75 3.61
N LYS D 9 -34.93 -1.69 4.47
CA LYS D 9 -33.56 -2.26 4.42
C LYS D 9 -33.25 -3.02 3.12
N GLY D 10 -32.20 -2.59 2.43
CA GLY D 10 -31.87 -3.17 1.13
C GLY D 10 -32.84 -2.79 0.04
N LEU D 11 -33.80 -1.91 0.36
CA LEU D 11 -34.90 -1.59 -0.53
C LEU D 11 -35.69 -2.86 -0.88
N GLU D 12 -35.75 -3.81 0.04
CA GLU D 12 -36.44 -5.06 -0.23
C GLU D 12 -37.94 -4.86 -0.57
N ASP D 13 -38.38 -5.45 -1.68
CA ASP D 13 -39.75 -5.27 -2.19
C ASP D 13 -40.21 -3.83 -2.47
N VAL D 14 -39.27 -2.86 -2.51
CA VAL D 14 -39.65 -1.54 -3.01
C VAL D 14 -39.67 -1.57 -4.54
N ASN D 15 -40.74 -1.07 -5.15
CA ASN D 15 -40.79 -0.99 -6.62
C ASN D 15 -40.28 0.35 -7.12
N ILE D 16 -39.20 0.33 -7.89
CA ILE D 16 -38.53 1.59 -8.27
C ILE D 16 -38.98 2.12 -9.65
N LYS D 17 -39.61 1.25 -10.44
CA LYS D 17 -40.09 1.55 -11.81
C LYS D 17 -41.01 0.43 -12.26
N TRP D 18 -41.67 0.64 -13.41
CA TRP D 18 -42.27 -0.46 -14.14
C TRP D 18 -41.33 -0.85 -15.28
N THR D 19 -41.50 -2.06 -15.77
CA THR D 19 -40.71 -2.47 -16.88
C THR D 19 -41.48 -3.39 -17.80
N ARG D 20 -41.15 -3.32 -19.07
CA ARG D 20 -41.67 -4.30 -20.02
C ARG D 20 -40.58 -5.29 -20.40
N LEU D 21 -39.40 -5.13 -19.83
CA LEU D 21 -38.24 -5.89 -20.33
C LEU D 21 -38.10 -7.32 -19.86
N THR D 22 -38.31 -7.52 -18.56
CA THR D 22 -37.90 -8.75 -17.92
C THR D 22 -38.83 -9.00 -16.76
N THR D 23 -39.18 -10.26 -16.59
CA THR D 23 -39.95 -10.62 -15.42
C THR D 23 -39.32 -11.82 -14.69
N ILE D 24 -39.35 -11.78 -13.36
CA ILE D 24 -38.80 -12.86 -12.54
C ILE D 24 -39.90 -13.42 -11.62
N ASP D 25 -40.07 -14.73 -11.59
CA ASP D 25 -40.91 -15.34 -10.53
C ASP D 25 -39.96 -16.00 -9.57
N GLY D 26 -39.79 -15.39 -8.40
CA GLY D 26 -38.76 -15.82 -7.46
C GLY D 26 -39.09 -17.13 -6.76
N ASN D 27 -40.39 -17.42 -6.62
CA ASN D 27 -40.79 -18.67 -5.96
C ASN D 27 -40.78 -19.82 -6.93
N LYS D 28 -41.20 -19.57 -8.15
CA LYS D 28 -41.25 -20.64 -9.13
C LYS D 28 -39.98 -20.73 -9.95
N GLY D 29 -39.09 -19.73 -9.86
CA GLY D 29 -37.80 -19.81 -10.56
C GLY D 29 -37.95 -19.66 -12.07
N ILE D 30 -38.74 -18.68 -12.46
CA ILE D 30 -39.11 -18.44 -13.86
C ILE D 30 -38.50 -17.10 -14.26
N LEU D 31 -37.79 -17.10 -15.38
CA LEU D 31 -37.19 -15.89 -15.91
C LEU D 31 -37.64 -15.73 -17.36
N ARG D 32 -38.21 -14.58 -17.69
CA ARG D 32 -38.61 -14.27 -19.07
C ARG D 32 -38.10 -12.90 -19.54
N TYR D 33 -37.71 -12.86 -20.81
CA TYR D 33 -37.32 -11.64 -21.48
C TYR D 33 -38.40 -11.28 -22.48
N GLY D 34 -39.11 -10.17 -22.22
CA GLY D 34 -40.18 -9.74 -23.15
C GLY D 34 -41.21 -10.81 -23.41
N GLY D 35 -41.48 -11.65 -22.39
CA GLY D 35 -42.44 -12.74 -22.49
C GLY D 35 -41.87 -14.10 -22.90
N TYR D 36 -40.64 -14.13 -23.45
CA TYR D 36 -39.97 -15.38 -23.90
C TYR D 36 -39.16 -15.98 -22.76
N SER D 37 -39.38 -17.25 -22.40
CA SER D 37 -38.54 -17.83 -21.34
C SER D 37 -37.10 -18.01 -21.81
N VAL D 38 -36.18 -17.79 -20.90
CA VAL D 38 -34.75 -17.94 -21.19
CA VAL D 38 -34.76 -17.94 -21.20
C VAL D 38 -34.43 -19.40 -21.63
N GLU D 39 -35.15 -20.38 -21.09
CA GLU D 39 -34.95 -21.76 -21.53
C GLU D 39 -35.32 -21.95 -23.02
N ASP D 40 -36.47 -21.41 -23.41
CA ASP D 40 -36.97 -21.41 -24.82
C ASP D 40 -35.96 -20.68 -25.72
N ILE D 41 -35.46 -19.53 -25.29
CA ILE D 41 -34.47 -18.79 -26.08
C ILE D 41 -33.20 -19.63 -26.31
N ILE D 42 -32.69 -20.27 -25.26
CA ILE D 42 -31.48 -21.08 -25.36
C ILE D 42 -31.75 -22.35 -26.19
N ALA D 43 -32.89 -23.00 -25.95
CA ALA D 43 -33.22 -24.24 -26.65
C ALA D 43 -33.31 -23.97 -28.16
N SER D 44 -33.78 -22.77 -28.52
CA SER D 44 -33.97 -22.43 -29.92
C SER D 44 -32.71 -22.04 -30.68
N GLY D 45 -31.59 -21.88 -29.98
CA GLY D 45 -30.34 -21.47 -30.62
C GLY D 45 -30.33 -20.02 -31.09
N ALA D 46 -31.14 -19.17 -30.48
CA ALA D 46 -31.11 -17.73 -30.77
C ALA D 46 -29.70 -17.16 -30.68
N GLN D 47 -29.38 -16.23 -31.60
CA GLN D 47 -28.12 -15.48 -31.52
C GLN D 47 -28.26 -14.38 -30.50
N ASP D 48 -27.17 -14.06 -29.82
CA ASP D 48 -27.23 -13.01 -28.81
C ASP D 48 -27.75 -11.66 -29.38
N GLU D 49 -27.33 -11.33 -30.61
CA GLU D 49 -27.80 -10.10 -31.28
C GLU D 49 -29.30 -9.96 -31.41
N GLU D 50 -30.00 -11.07 -31.62
CA GLU D 50 -31.46 -11.08 -31.62
C GLU D 50 -32.01 -10.67 -30.27
N ILE D 51 -31.38 -11.14 -29.20
CA ILE D 51 -31.80 -10.77 -27.83
C ILE D 51 -31.47 -9.30 -27.51
N GLN D 52 -30.32 -8.80 -27.95
CA GLN D 52 -30.01 -7.39 -27.82
C GLN D 52 -31.08 -6.56 -28.51
N TYR D 53 -31.49 -6.98 -29.71
CA TYR D 53 -32.47 -6.24 -30.48
C TYR D 53 -33.79 -6.23 -29.71
N LEU D 54 -34.15 -7.41 -29.21
CA LEU D 54 -35.36 -7.56 -28.39
C LEU D 54 -35.39 -6.54 -27.23
N PHE D 55 -34.28 -6.44 -26.49
CA PHE D 55 -34.20 -5.46 -25.40
C PHE D 55 -34.31 -4.00 -25.83
N LEU D 56 -33.67 -3.66 -26.94
CA LEU D 56 -33.66 -2.26 -27.42
C LEU D 56 -34.94 -1.83 -28.15
N TYR D 57 -35.54 -2.76 -28.89
CA TYR D 57 -36.70 -2.45 -29.75
C TYR D 57 -38.01 -3.02 -29.28
N GLY D 58 -37.99 -3.99 -28.38
CA GLY D 58 -39.26 -4.49 -27.87
C GLY D 58 -39.80 -5.70 -28.59
N ASN D 59 -39.11 -6.14 -29.64
CA ASN D 59 -39.55 -7.34 -30.38
C ASN D 59 -38.38 -8.06 -31.02
N LEU D 60 -38.54 -9.34 -31.30
CA LEU D 60 -37.52 -10.09 -31.97
C LEU D 60 -37.39 -9.56 -33.41
N PRO D 61 -36.17 -9.48 -33.96
CA PRO D 61 -36.02 -8.87 -35.30
C PRO D 61 -36.31 -9.85 -36.44
N THR D 62 -36.79 -9.32 -37.57
CA THR D 62 -36.74 -10.07 -38.84
C THR D 62 -35.29 -10.21 -39.33
N GLU D 63 -35.04 -11.02 -40.36
CA GLU D 63 -33.68 -11.12 -40.90
C GLU D 63 -33.12 -9.77 -41.31
N GLN D 64 -33.92 -8.96 -41.98
CA GLN D 64 -33.46 -7.66 -42.50
C GLN D 64 -33.15 -6.72 -41.33
N GLU D 65 -34.04 -6.70 -40.35
CA GLU D 65 -33.84 -5.82 -39.21
C GLU D 65 -32.56 -6.20 -38.50
N LEU D 66 -32.31 -7.51 -38.44
CA LEU D 66 -31.14 -8.02 -37.74
C LEU D 66 -29.87 -7.62 -38.46
N ARG D 67 -29.88 -7.73 -39.78
CA ARG D 67 -28.68 -7.41 -40.50
C ARG D 67 -28.33 -5.91 -40.32
N LYS D 68 -29.33 -5.04 -40.31
CA LYS D 68 -29.11 -3.61 -40.12
C LYS D 68 -28.68 -3.28 -38.68
N TYR D 69 -29.28 -3.98 -37.73
CA TYR D 69 -28.90 -3.80 -36.31
C TYR D 69 -27.43 -4.18 -36.10
N LYS D 70 -27.01 -5.34 -36.63
CA LYS D 70 -25.62 -5.79 -36.55
C LYS D 70 -24.59 -4.80 -37.11
N GLU D 71 -24.88 -4.16 -38.24
CA GLU D 71 -24.04 -3.08 -38.78
C GLU D 71 -23.85 -1.91 -37.77
N THR D 72 -24.93 -1.52 -37.11
CA THR D 72 -24.82 -0.48 -36.05
C THR D 72 -23.94 -0.91 -34.88
N VAL D 73 -24.15 -2.13 -34.39
CA VAL D 73 -23.29 -2.67 -33.31
C VAL D 73 -21.81 -2.64 -33.71
N GLN D 74 -21.54 -3.15 -34.92
CA GLN D 74 -20.16 -3.21 -35.42
C GLN D 74 -19.51 -1.81 -35.58
N LYS D 75 -20.29 -0.74 -35.60
CA LYS D 75 -19.66 0.59 -35.56
C LYS D 75 -18.88 0.79 -34.26
N GLY D 76 -19.28 0.05 -33.23
CA GLY D 76 -18.68 0.20 -31.91
C GLY D 76 -17.37 -0.54 -31.79
N TYR D 77 -17.04 -1.40 -32.76
CA TYR D 77 -15.80 -2.13 -32.72
C TYR D 77 -14.61 -1.20 -32.90
N LYS D 78 -14.84 -0.03 -33.48
CA LYS D 78 -13.80 0.96 -33.58
C LYS D 78 -13.92 1.99 -32.46
N ILE D 79 -13.04 1.88 -31.46
CA ILE D 79 -12.99 2.84 -30.34
C ILE D 79 -11.69 3.67 -30.43
N PRO D 80 -11.74 4.95 -29.97
CA PRO D 80 -10.59 5.87 -30.03
C PRO D 80 -9.36 5.35 -29.29
N ASP D 81 -8.20 5.85 -29.69
CA ASP D 81 -6.97 5.43 -29.04
C ASP D 81 -6.88 5.79 -27.55
N PHE D 82 -7.48 6.92 -27.15
CA PHE D 82 -7.43 7.30 -25.73
C PHE D 82 -8.28 6.40 -24.85
N VAL D 83 -9.31 5.80 -25.45
CA VAL D 83 -10.16 4.78 -24.76
C VAL D 83 -9.36 3.51 -24.47
N ILE D 84 -8.65 3.01 -25.49
CA ILE D 84 -7.72 1.91 -25.27
C ILE D 84 -6.62 2.29 -24.28
N ASN D 85 -6.10 3.49 -24.41
CA ASN D 85 -5.02 3.93 -23.50
C ASN D 85 -5.51 4.11 -22.04
N ALA D 86 -6.80 4.41 -21.87
CA ALA D 86 -7.39 4.52 -20.54
C ALA D 86 -7.22 3.20 -19.81
N ILE D 87 -7.23 2.11 -20.58
CA ILE D 87 -7.08 0.78 -20.01
C ILE D 87 -5.59 0.51 -19.89
N ARG D 88 -4.85 0.69 -20.99
CA ARG D 88 -3.44 0.25 -21.07
C ARG D 88 -2.43 1.06 -20.21
N GLN D 89 -2.80 2.27 -19.79
CA GLN D 89 -1.95 3.07 -18.92
C GLN D 89 -2.08 2.70 -17.42
N LEU D 90 -3.07 1.85 -17.10
CA LEU D 90 -3.27 1.34 -15.72
C LEU D 90 -2.35 0.16 -15.44
N PRO D 91 -2.00 -0.07 -14.15
CA PRO D 91 -1.21 -1.24 -13.75
C PRO D 91 -1.94 -2.54 -14.10
N ARG D 92 -1.22 -3.52 -14.65
CA ARG D 92 -1.90 -4.71 -15.13
C ARG D 92 -2.41 -5.65 -14.01
N GLU D 93 -2.00 -5.44 -12.78
CA GLU D 93 -2.63 -6.12 -11.63
C GLU D 93 -4.05 -5.61 -11.28
N SER D 94 -4.54 -4.58 -11.98
CA SER D 94 -5.85 -3.97 -11.66
C SER D 94 -7.02 -4.91 -11.89
N ASP D 95 -8.13 -4.65 -11.22
CA ASP D 95 -9.38 -5.37 -11.42
C ASP D 95 -9.94 -5.11 -12.83
N ALA D 96 -10.39 -6.16 -13.52
CA ALA D 96 -10.87 -6.04 -14.90
C ALA D 96 -12.08 -5.12 -15.01
N VAL D 97 -13.00 -5.20 -14.03
CA VAL D 97 -14.20 -4.37 -14.04
C VAL D 97 -13.85 -2.92 -13.84
N ALA D 98 -12.94 -2.66 -12.91
CA ALA D 98 -12.39 -1.33 -12.73
C ALA D 98 -11.74 -0.81 -14.02
N MET D 99 -11.09 -1.67 -14.80
CA MET D 99 -10.52 -1.19 -16.07
C MET D 99 -11.61 -0.88 -17.10
N GLN D 100 -12.70 -1.64 -17.04
CA GLN D 100 -13.81 -1.36 -17.93
C GLN D 100 -14.41 0.00 -17.53
N MET D 101 -14.56 0.23 -16.21
CA MET D 101 -15.05 1.54 -15.66
C MET D 101 -14.24 2.73 -16.19
N ALA D 102 -12.90 2.60 -16.18
CA ALA D 102 -11.97 3.60 -16.72
C ALA D 102 -12.18 3.91 -18.19
N ALA D 103 -12.38 2.89 -18.98
CA ALA D 103 -12.71 3.05 -20.40
C ALA D 103 -14.05 3.73 -20.62
N VAL D 104 -15.10 3.25 -19.95
CA VAL D 104 -16.42 3.88 -20.07
C VAL D 104 -16.42 5.32 -19.53
N ALA D 105 -15.75 5.57 -18.41
CA ALA D 105 -15.63 6.94 -17.88
C ALA D 105 -14.97 7.85 -18.93
N ALA D 106 -13.94 7.35 -19.63
CA ALA D 106 -13.27 8.10 -20.69
C ALA D 106 -14.23 8.45 -21.85
N MET D 107 -15.15 7.53 -22.18
CA MET D 107 -16.22 7.85 -23.13
C MET D 107 -17.22 8.87 -22.59
N ALA D 108 -17.67 8.69 -21.35
CA ALA D 108 -18.53 9.66 -20.72
C ALA D 108 -17.92 11.06 -20.77
N ALA D 109 -16.62 11.14 -20.52
CA ALA D 109 -15.90 12.41 -20.58
C ALA D 109 -15.98 13.07 -21.95
N SER D 110 -15.65 12.29 -22.99
CA SER D 110 -15.48 12.78 -24.33
C SER D 110 -16.77 12.90 -25.17
N GLU D 111 -17.80 12.13 -24.83
CA GLU D 111 -19.05 12.18 -25.60
C GLU D 111 -19.89 13.40 -25.24
N THR D 112 -19.37 14.59 -25.52
CA THR D 112 -20.04 15.82 -25.14
C THR D 112 -21.34 16.05 -25.87
N LYS D 113 -21.52 15.40 -27.01
CA LYS D 113 -22.78 15.60 -27.71
C LYS D 113 -23.95 14.71 -27.30
N PHE D 114 -23.73 13.82 -26.31
CA PHE D 114 -24.84 12.93 -25.91
C PHE D 114 -26.05 13.72 -25.43
N LYS D 115 -27.23 13.38 -25.92
CA LYS D 115 -28.47 13.90 -25.38
C LYS D 115 -29.53 12.80 -25.34
N TRP D 116 -30.36 12.79 -24.31
CA TRP D 116 -31.44 11.82 -24.19
C TRP D 116 -32.46 12.17 -25.28
N ASN D 117 -32.76 11.25 -26.18
CA ASN D 117 -33.66 11.56 -27.33
C ASN D 117 -34.21 10.26 -27.87
N LYS D 118 -35.55 10.11 -27.88
CA LYS D 118 -36.22 8.94 -28.43
C LYS D 118 -35.66 8.47 -29.76
N ASP D 119 -35.28 9.38 -30.64
CA ASP D 119 -34.86 8.99 -31.98
C ASP D 119 -33.43 8.50 -32.09
N THR D 120 -32.59 8.82 -31.09
CA THR D 120 -31.19 8.43 -31.18
C THR D 120 -30.72 7.43 -30.13
N ASP D 121 -31.51 7.24 -29.09
CA ASP D 121 -31.14 6.43 -27.91
C ASP D 121 -30.74 5.00 -28.26
N ARG D 122 -31.54 4.33 -29.10
CA ARG D 122 -31.30 2.93 -29.47
C ARG D 122 -30.06 2.73 -30.34
N ASP D 123 -29.78 3.68 -31.24
CA ASP D 123 -28.55 3.64 -32.02
C ASP D 123 -27.30 3.88 -31.14
N VAL D 124 -27.40 4.80 -30.18
CA VAL D 124 -26.30 5.05 -29.24
C VAL D 124 -26.04 3.74 -28.47
N ALA D 125 -27.13 3.10 -28.05
CA ALA D 125 -27.01 1.90 -27.22
C ALA D 125 -26.45 0.73 -28.04
N ALA D 126 -26.93 0.57 -29.27
CA ALA D 126 -26.40 -0.53 -30.17
C ALA D 126 -24.89 -0.40 -30.33
N GLU D 127 -24.44 0.80 -30.66
CA GLU D 127 -23.02 1.08 -30.84
C GLU D 127 -22.22 0.84 -29.55
N MET D 128 -22.79 1.23 -28.42
CA MET D 128 -22.14 1.00 -27.12
C MET D 128 -21.99 -0.51 -26.82
N ILE D 129 -22.93 -1.34 -27.30
CA ILE D 129 -22.80 -2.78 -27.10
C ILE D 129 -21.55 -3.29 -27.86
N GLY D 130 -21.36 -2.76 -29.08
CA GLY D 130 -20.13 -3.03 -29.87
C GLY D 130 -18.91 -2.48 -29.16
N ARG D 131 -19.00 -1.25 -28.62
CA ARG D 131 -17.88 -0.67 -27.85
C ARG D 131 -17.53 -1.48 -26.62
N MET D 132 -18.53 -2.07 -25.96
CA MET D 132 -18.23 -2.87 -24.78
C MET D 132 -17.37 -4.11 -25.12
N SER D 133 -17.65 -4.70 -26.29
CA SER D 133 -16.83 -5.82 -26.78
C SER D 133 -15.35 -5.37 -26.95
N ALA D 134 -15.17 -4.27 -27.67
CA ALA D 134 -13.86 -3.70 -27.91
C ALA D 134 -13.12 -3.37 -26.61
N ILE D 135 -13.82 -2.79 -25.63
CA ILE D 135 -13.21 -2.46 -24.36
C ILE D 135 -12.77 -3.74 -23.66
N THR D 136 -13.67 -4.72 -23.60
CA THR D 136 -13.42 -5.98 -22.87
C THR D 136 -12.27 -6.83 -23.48
N VAL D 137 -12.24 -6.91 -24.80
CA VAL D 137 -11.07 -7.45 -25.52
C VAL D 137 -9.78 -6.77 -25.01
N ASN D 138 -9.81 -5.46 -24.90
CA ASN D 138 -8.62 -4.72 -24.54
C ASN D 138 -8.24 -4.82 -23.09
N VAL D 139 -9.27 -4.96 -22.24
CA VAL D 139 -9.07 -5.25 -20.84
C VAL D 139 -8.32 -6.56 -20.69
N TYR D 140 -8.84 -7.61 -21.35
CA TYR D 140 -8.22 -8.93 -21.29
C TYR D 140 -6.77 -8.92 -21.81
N ARG D 141 -6.57 -8.33 -22.99
CA ARG D 141 -5.27 -8.30 -23.62
C ARG D 141 -4.25 -7.57 -22.76
N HIS D 142 -4.67 -6.46 -22.13
CA HIS D 142 -3.78 -5.73 -21.22
C HIS D 142 -3.40 -6.56 -19.99
N ILE D 143 -4.38 -7.17 -19.35
CA ILE D 143 -4.13 -8.08 -18.20
C ILE D 143 -3.15 -9.21 -18.59
N MET D 144 -3.27 -9.71 -19.81
CA MET D 144 -2.47 -10.83 -20.30
C MET D 144 -1.15 -10.36 -20.93
N ASN D 145 -0.92 -9.06 -20.94
CA ASN D 145 0.28 -8.46 -21.49
C ASN D 145 0.47 -8.78 -22.98
N MET D 146 -0.62 -8.74 -23.72
CA MET D 146 -0.63 -8.89 -25.16
C MET D 146 -0.78 -7.50 -25.79
N PRO D 147 -0.50 -7.36 -27.10
CA PRO D 147 -0.82 -6.08 -27.77
C PRO D 147 -2.33 -5.77 -27.84
N ALA D 148 -2.65 -4.51 -28.06
CA ALA D 148 -4.01 -4.05 -28.37
C ALA D 148 -4.57 -4.75 -29.60
N GLU D 149 -5.90 -4.87 -29.65
CA GLU D 149 -6.60 -5.50 -30.78
C GLU D 149 -8.06 -5.10 -30.78
N LEU D 150 -8.65 -4.96 -31.95
CA LEU D 150 -10.08 -4.66 -32.02
C LEU D 150 -10.90 -5.84 -32.55
N PRO D 151 -12.17 -5.97 -32.13
CA PRO D 151 -12.95 -7.04 -32.76
C PRO D 151 -13.26 -6.64 -34.20
N LYS D 152 -13.44 -7.62 -35.07
CA LYS D 152 -13.79 -7.34 -36.46
C LYS D 152 -15.10 -8.03 -36.73
N PRO D 153 -15.90 -7.53 -37.68
CA PRO D 153 -17.13 -8.25 -38.06
C PRO D 153 -16.86 -9.72 -38.43
N SER D 154 -17.71 -10.63 -37.95
CA SER D 154 -17.70 -12.04 -38.26
C SER D 154 -19.14 -12.54 -38.35
N ASP D 155 -19.32 -13.87 -38.34
CA ASP D 155 -20.64 -14.53 -38.31
C ASP D 155 -21.43 -14.21 -37.05
N SER D 156 -20.72 -13.97 -35.93
CA SER D 156 -21.44 -13.60 -34.71
C SER D 156 -20.68 -12.62 -33.79
N TYR D 157 -21.47 -11.87 -33.03
CA TYR D 157 -20.98 -11.05 -31.95
C TYR D 157 -20.09 -11.81 -31.02
N ALA D 158 -20.52 -13.01 -30.60
CA ALA D 158 -19.76 -13.84 -29.67
C ALA D 158 -18.43 -14.29 -30.30
N GLU D 159 -18.46 -14.65 -31.58
CA GLU D 159 -17.23 -15.02 -32.27
C GLU D 159 -16.26 -13.83 -32.49
N SER D 160 -16.77 -12.67 -32.90
CA SER D 160 -15.93 -11.48 -33.06
C SER D 160 -15.20 -11.22 -31.73
N PHE D 161 -15.91 -11.39 -30.61
CA PHE D 161 -15.35 -11.07 -29.30
C PHE D 161 -14.23 -12.07 -28.94
N LEU D 162 -14.56 -13.35 -29.00
CA LEU D 162 -13.60 -14.40 -28.67
C LEU D 162 -12.39 -14.38 -29.62
N ASN D 163 -12.60 -14.17 -30.92
CA ASN D 163 -11.45 -14.16 -31.86
C ASN D 163 -10.44 -13.06 -31.53
N ALA D 164 -10.94 -11.90 -31.10
CA ALA D 164 -10.11 -10.74 -30.81
C ALA D 164 -9.47 -10.89 -29.45
N ALA D 165 -10.23 -11.42 -28.48
CA ALA D 165 -9.69 -11.65 -27.13
C ALA D 165 -8.51 -12.61 -27.18
N PHE D 166 -8.69 -13.76 -27.82
CA PHE D 166 -7.62 -14.78 -27.82
C PHE D 166 -6.57 -14.71 -28.93
N GLY D 167 -6.85 -13.96 -30.00
CA GLY D 167 -5.92 -13.86 -31.09
C GLY D 167 -5.80 -15.20 -31.81
N ARG D 168 -6.89 -15.98 -31.76
CA ARG D 168 -6.94 -17.30 -32.38
C ARG D 168 -8.41 -17.46 -32.82
N LYS D 169 -8.67 -18.43 -33.70
CA LYS D 169 -10.02 -18.72 -34.16
C LYS D 169 -10.70 -19.59 -33.10
N ALA D 170 -11.83 -19.12 -32.58
CA ALA D 170 -12.59 -19.85 -31.57
C ALA D 170 -13.25 -21.04 -32.21
N THR D 171 -13.36 -22.15 -31.47
CA THR D 171 -14.12 -23.31 -31.93
C THR D 171 -15.64 -23.07 -31.88
N LYS D 172 -16.39 -23.88 -32.62
CA LYS D 172 -17.86 -23.84 -32.60
C LYS D 172 -18.38 -23.94 -31.16
N GLU D 173 -17.88 -24.92 -30.43
CA GLU D 173 -18.27 -25.18 -29.06
C GLU D 173 -18.01 -23.99 -28.12
N GLU D 174 -16.88 -23.31 -28.30
CA GLU D 174 -16.53 -22.10 -27.53
C GLU D 174 -17.49 -20.95 -27.87
N ILE D 175 -17.72 -20.75 -29.15
CA ILE D 175 -18.64 -19.75 -29.61
C ILE D 175 -20.07 -19.93 -29.07
N ASP D 176 -20.56 -21.16 -29.13
CA ASP D 176 -21.93 -21.45 -28.67
C ASP D 176 -22.06 -21.22 -27.15
N ALA D 177 -21.06 -21.65 -26.40
CA ALA D 177 -21.06 -21.44 -24.94
C ALA D 177 -21.00 -19.92 -24.64
N MET D 178 -20.18 -19.16 -25.39
CA MET D 178 -20.12 -17.70 -25.19
C MET D 178 -21.45 -16.96 -25.56
N ASN D 179 -22.03 -17.32 -26.71
CA ASN D 179 -23.35 -16.85 -27.09
C ASN D 179 -24.42 -17.13 -26.00
N THR D 180 -24.37 -18.32 -25.41
CA THR D 180 -25.33 -18.66 -24.36
C THR D 180 -25.11 -17.80 -23.12
N ALA D 181 -23.84 -17.62 -22.73
CA ALA D 181 -23.46 -16.79 -21.59
C ALA D 181 -23.93 -15.36 -21.75
N LEU D 182 -23.75 -14.82 -22.98
CA LEU D 182 -24.22 -13.49 -23.30
C LEU D 182 -25.73 -13.32 -23.10
N ILE D 183 -26.52 -14.27 -23.58
CA ILE D 183 -27.96 -14.22 -23.42
C ILE D 183 -28.33 -14.39 -21.93
N LEU D 184 -27.73 -15.34 -21.23
CA LEU D 184 -28.10 -15.64 -19.84
C LEU D 184 -27.85 -14.44 -18.91
N TYR D 185 -26.81 -13.67 -19.16
CA TYR D 185 -26.53 -12.49 -18.35
C TYR D 185 -27.06 -11.14 -18.88
N THR D 186 -27.85 -11.14 -19.95
CA THR D 186 -28.31 -9.89 -20.60
C THR D 186 -29.04 -8.94 -19.63
N ASP D 187 -29.95 -9.47 -18.84
CA ASP D 187 -30.71 -8.63 -17.93
C ASP D 187 -31.31 -9.38 -16.76
N HIS D 188 -31.56 -8.68 -15.67
CA HIS D 188 -32.26 -9.34 -14.57
C HIS D 188 -33.07 -8.36 -13.74
N GLU D 189 -33.78 -7.49 -14.48
CA GLU D 189 -34.70 -6.51 -13.91
C GLU D 189 -33.94 -5.42 -13.14
N VAL D 190 -34.09 -5.28 -11.83
CA VAL D 190 -33.38 -4.19 -11.10
C VAL D 190 -32.38 -4.63 -9.99
N PRO D 191 -31.36 -5.40 -10.38
CA PRO D 191 -30.29 -5.73 -9.44
C PRO D 191 -29.49 -4.47 -9.00
N ALA D 192 -28.56 -4.62 -8.04
CA ALA D 192 -27.75 -3.47 -7.61
C ALA D 192 -27.09 -2.69 -8.76
N SER D 193 -26.47 -3.36 -9.72
CA SER D 193 -25.78 -2.66 -10.82
C SER D 193 -26.79 -1.78 -11.59
N THR D 194 -27.91 -2.38 -11.97
CA THR D 194 -28.91 -1.69 -12.78
C THR D 194 -29.50 -0.51 -11.99
N THR D 195 -29.76 -0.72 -10.69
CA THR D 195 -30.19 0.32 -9.78
C THR D 195 -29.25 1.52 -9.64
N ALA D 196 -27.95 1.26 -9.49
CA ALA D 196 -26.98 2.32 -9.33
C ALA D 196 -27.01 3.21 -10.59
N GLY D 197 -27.08 2.54 -11.74
CA GLY D 197 -27.12 3.22 -13.07
C GLY D 197 -28.42 4.03 -13.24
N LEU D 198 -29.54 3.45 -12.77
CA LEU D 198 -30.82 4.11 -12.78
C LEU D 198 -30.82 5.39 -12.00
N VAL D 199 -30.23 5.37 -10.78
CA VAL D 199 -30.04 6.56 -9.98
C VAL D 199 -29.24 7.62 -10.75
N ALA D 200 -28.13 7.23 -11.42
CA ALA D 200 -27.33 8.19 -12.12
C ALA D 200 -28.09 8.81 -13.31
N VAL D 201 -28.81 8.01 -14.07
CA VAL D 201 -29.56 8.59 -15.23
C VAL D 201 -30.83 9.35 -14.80
N SER D 202 -31.32 9.09 -13.57
CA SER D 202 -32.48 9.82 -13.08
C SER D 202 -32.15 11.30 -12.85
N THR D 203 -30.85 11.66 -12.82
CA THR D 203 -30.42 13.05 -12.73
C THR D 203 -30.34 13.66 -14.13
N LEU D 204 -30.62 12.83 -15.13
CA LEU D 204 -30.41 13.09 -16.55
C LEU D 204 -28.91 13.14 -16.92
N SER D 205 -28.09 12.47 -16.10
CA SER D 205 -26.72 12.22 -16.48
C SER D 205 -26.72 11.28 -17.71
N ASP D 206 -25.61 11.24 -18.42
CA ASP D 206 -25.57 10.60 -19.77
C ASP D 206 -25.56 9.06 -19.61
N MET D 207 -25.91 8.35 -20.68
CA MET D 207 -25.85 6.88 -20.73
C MET D 207 -24.53 6.27 -20.28
N TYR D 208 -23.40 6.87 -20.69
CA TYR D 208 -22.08 6.33 -20.35
C TYR D 208 -21.83 6.37 -18.83
N SER D 209 -22.24 7.47 -18.20
CA SER D 209 -22.14 7.64 -16.76
C SER D 209 -23.03 6.62 -16.07
N GLY D 210 -24.22 6.41 -16.61
CA GLY D 210 -25.09 5.34 -16.14
C GLY D 210 -24.40 3.99 -16.12
N ILE D 211 -23.77 3.65 -17.24
CA ILE D 211 -22.97 2.42 -17.31
C ILE D 211 -21.82 2.38 -16.30
N THR D 212 -21.14 3.52 -16.12
CA THR D 212 -20.00 3.59 -15.17
C THR D 212 -20.48 3.28 -13.73
N ALA D 213 -21.62 3.86 -13.36
CA ALA D 213 -22.18 3.64 -12.04
C ALA D 213 -22.59 2.17 -11.86
N ALA D 214 -23.29 1.64 -12.87
CA ALA D 214 -23.59 0.22 -12.91
C ALA D 214 -22.37 -0.70 -12.73
N LEU D 215 -21.27 -0.44 -13.45
CA LEU D 215 -20.04 -1.20 -13.29
C LEU D 215 -19.44 -1.11 -11.85
N ALA D 216 -19.51 0.06 -11.24
CA ALA D 216 -19.01 0.26 -9.87
C ALA D 216 -19.71 -0.65 -8.87
N ALA D 217 -21.02 -0.83 -9.05
CA ALA D 217 -21.82 -1.73 -8.22
C ALA D 217 -21.58 -3.21 -8.59
N LEU D 218 -21.48 -3.49 -9.89
CA LEU D 218 -21.35 -4.86 -10.38
C LEU D 218 -20.13 -5.57 -9.78
N LYS D 219 -19.07 -4.79 -9.56
CA LYS D 219 -17.76 -5.28 -9.15
C LYS D 219 -17.79 -5.97 -7.74
N GLY D 220 -18.68 -5.56 -6.84
CA GLY D 220 -18.69 -6.10 -5.46
C GLY D 220 -18.96 -7.61 -5.35
N PRO D 221 -18.36 -8.25 -4.34
CA PRO D 221 -18.49 -9.71 -4.16
C PRO D 221 -19.91 -10.20 -3.91
N LEU D 222 -20.80 -9.36 -3.35
CA LEU D 222 -22.21 -9.75 -3.15
C LEU D 222 -23.03 -9.73 -4.46
N HIS D 223 -22.46 -9.09 -5.48
CA HIS D 223 -23.14 -8.96 -6.78
C HIS D 223 -22.33 -9.73 -7.83
N GLY D 224 -21.89 -9.05 -8.88
CA GLY D 224 -21.25 -9.74 -10.01
C GLY D 224 -19.85 -10.25 -9.68
N GLY D 225 -19.23 -9.66 -8.68
CA GLY D 225 -17.94 -10.16 -8.16
C GLY D 225 -18.00 -11.64 -7.71
N ALA D 226 -19.20 -12.13 -7.41
CA ALA D 226 -19.35 -13.54 -7.05
C ALA D 226 -18.94 -14.48 -8.19
N ALA D 227 -18.96 -14.00 -9.43
CA ALA D 227 -18.59 -14.81 -10.60
C ALA D 227 -17.14 -15.31 -10.51
N GLU D 228 -16.30 -14.51 -9.86
CA GLU D 228 -14.92 -14.93 -9.60
C GLU D 228 -14.84 -15.57 -8.19
N ALA D 229 -15.50 -14.97 -7.21
CA ALA D 229 -15.38 -15.45 -5.83
C ALA D 229 -15.92 -16.88 -5.59
N ALA D 230 -16.97 -17.30 -6.33
CA ALA D 230 -17.51 -18.67 -6.22
C ALA D 230 -16.50 -19.74 -6.69
N ILE D 231 -15.94 -19.54 -7.88
CA ILE D 231 -14.93 -20.46 -8.43
C ILE D 231 -13.57 -20.42 -7.66
N ALA D 232 -13.25 -19.25 -7.11
CA ALA D 232 -12.15 -19.16 -6.15
C ALA D 232 -12.35 -20.13 -4.95
N GLN D 233 -13.59 -20.32 -4.50
CA GLN D 233 -13.89 -21.29 -3.44
C GLN D 233 -13.47 -22.68 -3.87
N PHE D 234 -13.85 -23.06 -5.10
CA PHE D 234 -13.49 -24.36 -5.66
C PHE D 234 -11.98 -24.51 -5.78
N ASP D 235 -11.33 -23.39 -6.11
CA ASP D 235 -9.88 -23.38 -6.22
C ASP D 235 -9.21 -23.61 -4.86
N GLU D 236 -9.69 -22.90 -3.84
CA GLU D 236 -9.27 -23.08 -2.46
C GLU D 236 -9.37 -24.58 -2.07
N ILE D 237 -10.58 -25.14 -2.14
CA ILE D 237 -10.85 -26.56 -1.84
C ILE D 237 -9.88 -27.57 -2.49
N LYS D 238 -9.49 -27.35 -3.74
CA LYS D 238 -8.45 -28.15 -4.40
C LYS D 238 -8.83 -29.62 -4.78
N ASP D 239 -9.36 -30.42 -3.86
CA ASP D 239 -9.84 -31.77 -4.23
C ASP D 239 -11.21 -32.14 -3.63
N PRO D 240 -12.01 -32.97 -4.35
CA PRO D 240 -13.36 -33.27 -3.86
C PRO D 240 -13.40 -33.83 -2.42
N ALA D 241 -12.39 -34.62 -2.06
CA ALA D 241 -12.23 -35.15 -0.70
C ALA D 241 -12.15 -34.08 0.37
N MET D 242 -11.67 -32.88 0.04
CA MET D 242 -11.59 -31.77 1.03
C MET D 242 -12.88 -30.94 1.23
N VAL D 243 -13.88 -31.16 0.37
CA VAL D 243 -15.10 -30.34 0.39
C VAL D 243 -15.78 -30.29 1.78
N GLU D 244 -16.09 -31.44 2.36
CA GLU D 244 -16.77 -31.49 3.66
C GLU D 244 -16.04 -30.70 4.74
N LYS D 245 -14.72 -30.88 4.82
CA LYS D 245 -13.90 -30.20 5.80
C LYS D 245 -14.00 -28.69 5.59
N TRP D 246 -13.74 -28.25 4.36
CA TRP D 246 -13.82 -26.86 3.95
C TRP D 246 -15.19 -26.23 4.30
N PHE D 247 -16.26 -26.93 3.98
CA PHE D 247 -17.60 -26.45 4.26
C PHE D 247 -17.92 -26.21 5.75
N ASN D 248 -17.62 -27.18 6.60
CA ASN D 248 -17.71 -26.98 8.05
C ASN D 248 -16.83 -25.84 8.57
N ASP D 249 -15.56 -25.79 8.16
CA ASP D 249 -14.62 -24.77 8.64
C ASP D 249 -14.94 -23.33 8.20
N ASN D 250 -15.47 -23.18 6.98
CA ASN D 250 -15.65 -21.83 6.39
C ASN D 250 -17.08 -21.32 6.47
N ILE D 251 -18.03 -22.24 6.31
CA ILE D 251 -19.45 -21.90 6.16
C ILE D 251 -20.25 -22.25 7.41
N ILE D 252 -20.29 -23.53 7.78
CA ILE D 252 -21.08 -23.94 8.95
C ILE D 252 -20.49 -23.33 10.22
N ASN D 253 -19.16 -23.40 10.37
CA ASN D 253 -18.45 -22.89 11.56
C ASN D 253 -17.40 -21.81 11.24
N GLY D 254 -17.57 -21.05 10.16
CA GLY D 254 -16.52 -20.12 9.77
C GLY D 254 -16.95 -18.71 9.38
N LYS D 255 -18.25 -18.45 9.49
CA LYS D 255 -18.86 -17.14 9.22
C LYS D 255 -18.66 -16.56 7.81
N LYS D 256 -18.15 -17.32 6.84
CA LYS D 256 -18.15 -16.83 5.44
C LYS D 256 -19.46 -17.24 4.75
N ARG D 257 -19.93 -16.41 3.82
CA ARG D 257 -21.09 -16.79 3.00
C ARG D 257 -20.61 -17.79 1.95
N LEU D 258 -21.48 -18.71 1.57
CA LEU D 258 -21.21 -19.62 0.45
C LEU D 258 -21.45 -18.80 -0.83
N MET D 259 -20.37 -18.52 -1.56
CA MET D 259 -20.44 -17.66 -2.76
C MET D 259 -21.07 -18.42 -3.91
N GLY D 260 -21.98 -17.75 -4.61
CA GLY D 260 -22.71 -18.38 -5.72
C GLY D 260 -23.98 -19.05 -5.25
N PHE D 261 -24.30 -18.96 -3.95
CA PHE D 261 -25.61 -19.37 -3.44
C PHE D 261 -26.37 -18.13 -2.98
N GLY D 262 -27.69 -18.14 -3.13
CA GLY D 262 -28.51 -17.09 -2.54
C GLY D 262 -28.88 -16.01 -3.56
N HIS D 263 -29.99 -15.32 -3.30
CA HIS D 263 -30.53 -14.37 -4.23
C HIS D 263 -31.57 -13.50 -3.56
N ARG D 264 -31.55 -12.19 -3.86
CA ARG D 264 -32.63 -11.34 -3.33
C ARG D 264 -34.02 -11.82 -3.79
N VAL D 265 -34.13 -12.29 -5.03
CA VAL D 265 -35.45 -12.62 -5.57
C VAL D 265 -35.69 -14.13 -5.54
N TYR D 266 -34.79 -14.93 -6.14
CA TYR D 266 -34.99 -16.38 -6.23
C TYR D 266 -34.89 -17.03 -4.86
N LYS D 267 -35.93 -17.77 -4.53
CA LYS D 267 -35.95 -18.53 -3.29
C LYS D 267 -36.00 -19.99 -3.67
N THR D 268 -35.36 -20.30 -4.80
CA THR D 268 -35.40 -21.61 -5.41
C THR D 268 -34.18 -21.60 -6.34
N TYR D 269 -33.89 -22.71 -7.00
CA TYR D 269 -32.73 -22.79 -7.89
C TYR D 269 -32.86 -21.74 -9.05
N ASP D 270 -31.81 -21.01 -9.34
CA ASP D 270 -31.82 -19.93 -10.36
C ASP D 270 -31.90 -20.63 -11.74
N PRO D 271 -32.92 -20.29 -12.54
CA PRO D 271 -33.03 -20.98 -13.82
C PRO D 271 -31.81 -20.80 -14.75
N ARG D 272 -31.06 -19.70 -14.56
CA ARG D 272 -29.88 -19.48 -15.41
C ARG D 272 -28.72 -20.37 -14.98
N ALA D 273 -28.69 -20.65 -13.67
CA ALA D 273 -27.71 -21.51 -13.05
C ALA D 273 -27.85 -22.95 -13.56
N LYS D 274 -29.08 -23.45 -13.72
CA LYS D 274 -29.29 -24.81 -14.26
C LYS D 274 -28.73 -24.90 -15.65
N ILE D 275 -28.86 -23.79 -16.40
CA ILE D 275 -28.38 -23.77 -17.78
C ILE D 275 -26.85 -23.69 -17.78
N PHE D 276 -26.32 -22.80 -16.95
CA PHE D 276 -24.87 -22.73 -16.82
C PHE D 276 -24.26 -24.06 -16.34
N LYS D 277 -24.95 -24.76 -15.43
CA LYS D 277 -24.47 -26.04 -14.92
C LYS D 277 -24.33 -27.09 -16.06
N GLY D 278 -25.40 -27.25 -16.86
CA GLY D 278 -25.38 -28.16 -18.02
C GLY D 278 -24.24 -27.85 -18.96
N ILE D 279 -24.02 -26.56 -19.26
CA ILE D 279 -22.91 -26.18 -20.11
C ILE D 279 -21.58 -26.51 -19.46
N ALA D 280 -21.43 -26.14 -18.20
CA ALA D 280 -20.21 -26.42 -17.46
C ALA D 280 -19.91 -27.92 -17.47
N GLU D 281 -20.95 -28.75 -17.29
CA GLU D 281 -20.77 -30.22 -17.24
C GLU D 281 -20.24 -30.76 -18.57
N LYS D 282 -20.81 -30.26 -19.66
CA LYS D 282 -20.44 -30.73 -21.01
C LYS D 282 -19.06 -30.24 -21.43
N LEU D 283 -18.76 -28.97 -21.17
CA LEU D 283 -17.50 -28.35 -21.62
C LEU D 283 -16.31 -28.80 -20.79
N SER D 284 -16.52 -28.98 -19.50
CA SER D 284 -15.44 -29.39 -18.63
C SER D 284 -15.08 -30.86 -18.83
N SER D 285 -16.05 -31.66 -19.29
CA SER D 285 -15.86 -33.08 -19.64
C SER D 285 -14.45 -33.43 -20.12
N LYS D 286 -14.03 -32.84 -21.24
CA LYS D 286 -12.76 -33.18 -21.89
C LYS D 286 -11.55 -32.33 -21.49
N LYS D 287 -11.69 -31.53 -20.43
CA LYS D 287 -10.56 -30.79 -19.88
C LYS D 287 -10.30 -31.21 -18.44
N PRO D 288 -9.27 -32.07 -18.22
CA PRO D 288 -8.97 -32.61 -16.88
C PRO D 288 -8.89 -31.54 -15.75
N GLU D 289 -8.17 -30.46 -15.97
CA GLU D 289 -8.06 -29.43 -14.92
C GLU D 289 -9.39 -28.75 -14.58
N VAL D 290 -10.25 -28.56 -15.58
CA VAL D 290 -11.56 -27.93 -15.38
C VAL D 290 -12.59 -28.93 -14.85
N HIS D 291 -12.53 -30.15 -15.37
CA HIS D 291 -13.38 -31.25 -14.90
C HIS D 291 -13.29 -31.37 -13.38
N LYS D 292 -12.08 -31.25 -12.85
CA LYS D 292 -11.85 -31.35 -11.40
C LYS D 292 -12.57 -30.22 -10.64
N VAL D 293 -12.47 -29.01 -11.15
CA VAL D 293 -13.18 -27.87 -10.56
C VAL D 293 -14.70 -28.13 -10.56
N TYR D 294 -15.20 -28.69 -11.67
CA TYR D 294 -16.61 -29.02 -11.81
C TYR D 294 -17.04 -30.07 -10.81
N GLU D 295 -16.24 -31.13 -10.68
CA GLU D 295 -16.46 -32.18 -9.66
C GLU D 295 -16.56 -31.62 -8.23
N ILE D 296 -15.62 -30.77 -7.82
CA ILE D 296 -15.70 -30.04 -6.53
C ILE D 296 -16.98 -29.18 -6.38
N ALA D 297 -17.31 -28.44 -7.45
CA ALA D 297 -18.49 -27.58 -7.46
C ALA D 297 -19.78 -28.33 -7.09
N THR D 298 -19.96 -29.49 -7.73
CA THR D 298 -21.20 -30.26 -7.56
C THR D 298 -21.23 -30.91 -6.20
N LYS D 299 -20.05 -31.30 -5.72
CA LYS D 299 -19.95 -31.89 -4.38
C LYS D 299 -20.34 -30.84 -3.35
N LEU D 300 -19.68 -29.68 -3.42
CA LEU D 300 -20.04 -28.53 -2.57
C LEU D 300 -21.51 -28.13 -2.70
N GLU D 301 -22.05 -28.20 -3.92
CA GLU D 301 -23.42 -27.81 -4.16
C GLU D 301 -24.41 -28.61 -3.29
N ASP D 302 -24.19 -29.93 -3.24
CA ASP D 302 -25.03 -30.82 -2.45
C ASP D 302 -24.95 -30.48 -0.95
N PHE D 303 -23.76 -30.18 -0.42
CA PHE D 303 -23.66 -29.72 0.98
C PHE D 303 -24.40 -28.40 1.21
N GLY D 304 -24.26 -27.47 0.27
CA GLY D 304 -24.93 -26.17 0.35
C GLY D 304 -26.43 -26.26 0.36
N ILE D 305 -26.96 -27.09 -0.53
CA ILE D 305 -28.41 -27.22 -0.66
C ILE D 305 -29.01 -27.89 0.60
N LYS D 306 -28.33 -28.91 1.09
CA LYS D 306 -28.72 -29.55 2.36
C LYS D 306 -28.74 -28.57 3.52
N ALA D 307 -27.73 -27.70 3.55
CA ALA D 307 -27.59 -26.65 4.56
C ALA D 307 -28.56 -25.46 4.41
N PHE D 308 -28.76 -25.00 3.16
CA PHE D 308 -29.37 -23.68 2.93
C PHE D 308 -30.71 -23.67 2.22
N GLY D 309 -31.00 -24.75 1.49
CA GLY D 309 -32.25 -24.90 0.77
C GLY D 309 -33.50 -24.52 1.52
N SER D 310 -33.61 -24.96 2.77
CA SER D 310 -34.83 -24.70 3.57
C SER D 310 -35.00 -23.20 3.87
N LYS D 311 -33.89 -22.45 3.84
CA LYS D 311 -33.89 -20.99 3.98
C LYS D 311 -34.09 -20.27 2.62
N GLY D 312 -34.49 -21.01 1.60
CA GLY D 312 -34.62 -20.45 0.24
C GLY D 312 -33.30 -20.02 -0.39
N ILE D 313 -32.19 -20.59 0.06
CA ILE D 313 -30.86 -20.20 -0.47
C ILE D 313 -30.29 -21.35 -1.33
N TYR D 314 -30.20 -21.08 -2.64
CA TYR D 314 -29.86 -22.07 -3.67
C TYR D 314 -28.76 -21.53 -4.62
N PRO D 315 -28.13 -22.41 -5.45
CA PRO D 315 -27.16 -21.85 -6.41
C PRO D 315 -27.76 -20.73 -7.25
N ASN D 316 -26.94 -19.72 -7.49
CA ASN D 316 -27.34 -18.63 -8.41
C ASN D 316 -26.44 -18.74 -9.66
N THR D 317 -26.59 -17.83 -10.61
CA THR D 317 -25.85 -17.89 -11.88
C THR D 317 -24.34 -17.93 -11.68
N ASP D 318 -23.90 -17.23 -10.64
CA ASP D 318 -22.46 -17.03 -10.42
C ASP D 318 -21.74 -18.26 -9.87
N TYR D 319 -22.51 -19.26 -9.41
CA TYR D 319 -21.95 -20.55 -8.96
C TYR D 319 -21.26 -21.34 -10.09
N PHE D 320 -21.88 -21.35 -11.27
CA PHE D 320 -21.36 -22.15 -12.42
C PHE D 320 -20.76 -21.35 -13.60
N SER D 321 -21.03 -20.05 -13.68
CA SER D 321 -20.58 -19.28 -14.86
C SER D 321 -19.04 -19.23 -15.01
N GLY D 322 -18.33 -19.22 -13.89
CA GLY D 322 -16.86 -19.16 -13.88
C GLY D 322 -16.25 -20.41 -14.50
N ILE D 323 -16.85 -21.56 -14.20
CA ILE D 323 -16.44 -22.82 -14.83
C ILE D 323 -16.71 -22.73 -16.33
N VAL D 324 -17.87 -22.18 -16.70
CA VAL D 324 -18.14 -21.98 -18.13
C VAL D 324 -17.02 -21.12 -18.78
N TYR D 325 -16.74 -19.96 -18.18
CA TYR D 325 -15.73 -19.05 -18.72
C TYR D 325 -14.32 -19.66 -18.76
N MET D 326 -14.00 -20.44 -17.74
CA MET D 326 -12.72 -21.11 -17.70
C MET D 326 -12.63 -22.14 -18.83
N SER D 327 -13.70 -22.91 -19.04
CA SER D 327 -13.74 -23.92 -20.13
C SER D 327 -13.56 -23.28 -21.50
N ILE D 328 -14.13 -22.08 -21.67
CA ILE D 328 -14.03 -21.30 -22.89
C ILE D 328 -12.58 -20.83 -23.11
N GLY D 329 -11.83 -20.70 -22.02
CA GLY D 329 -10.43 -20.31 -22.07
C GLY D 329 -9.96 -19.15 -21.22
N PHE D 330 -10.84 -18.58 -20.39
CA PHE D 330 -10.48 -17.38 -19.62
C PHE D 330 -9.92 -17.74 -18.28
N PRO D 331 -8.79 -17.13 -17.88
CA PRO D 331 -8.14 -17.46 -16.60
C PRO D 331 -8.82 -16.87 -15.39
N LEU D 332 -8.64 -17.55 -14.26
CA LEU D 332 -9.16 -17.12 -12.99
C LEU D 332 -8.20 -16.10 -12.35
N ARG D 333 -8.34 -14.82 -12.73
CA ARG D 333 -7.53 -13.73 -12.20
C ARG D 333 -8.19 -12.37 -12.47
N ASN D 334 -7.83 -11.35 -11.67
CA ASN D 334 -8.19 -9.97 -11.98
C ASN D 334 -9.69 -9.74 -12.20
N ASN D 335 -10.53 -10.62 -11.67
CA ASN D 335 -11.99 -10.48 -11.75
C ASN D 335 -12.40 -10.45 -13.22
N ILE D 336 -11.68 -11.20 -14.07
CA ILE D 336 -12.01 -11.26 -15.51
C ILE D 336 -13.45 -11.81 -15.73
N TYR D 337 -13.86 -12.78 -14.91
CA TYR D 337 -15.19 -13.39 -15.03
C TYR D 337 -16.32 -12.36 -14.80
N THR D 338 -16.11 -11.48 -13.84
CA THR D 338 -17.01 -10.33 -13.63
C THR D 338 -17.05 -9.38 -14.82
N ALA D 339 -15.91 -9.16 -15.47
CA ALA D 339 -15.90 -8.31 -16.64
C ALA D 339 -16.71 -8.92 -17.79
N LEU D 340 -16.73 -10.24 -17.91
CA LEU D 340 -17.54 -10.93 -18.91
C LEU D 340 -19.02 -10.86 -18.62
N PHE D 341 -19.37 -10.98 -17.34
CA PHE D 341 -20.76 -10.66 -16.90
C PHE D 341 -21.13 -9.23 -17.39
N ALA D 342 -20.29 -8.24 -17.11
CA ALA D 342 -20.53 -6.85 -17.50
C ALA D 342 -20.69 -6.72 -19.00
N LEU D 343 -19.86 -7.45 -19.78
CA LEU D 343 -19.98 -7.40 -21.24
C LEU D 343 -21.42 -7.77 -21.68
N SER D 344 -21.99 -8.80 -21.08
CA SER D 344 -23.35 -9.21 -21.43
C SER D 344 -24.45 -8.22 -20.95
N ARG D 345 -24.29 -7.76 -19.71
CA ARG D 345 -25.31 -7.04 -19.00
C ARG D 345 -25.46 -5.58 -19.48
N VAL D 346 -24.44 -5.04 -20.14
CA VAL D 346 -24.55 -3.72 -20.71
C VAL D 346 -25.81 -3.53 -21.60
N THR D 347 -26.22 -4.57 -22.29
CA THR D 347 -27.50 -4.55 -23.03
C THR D 347 -28.71 -4.23 -22.11
N GLY D 348 -28.85 -5.01 -21.03
CA GLY D 348 -29.96 -4.78 -20.12
C GLY D 348 -29.85 -3.43 -19.43
N TRP D 349 -28.63 -3.03 -19.01
CA TRP D 349 -28.46 -1.72 -18.38
C TRP D 349 -29.02 -0.61 -19.25
N GLN D 350 -28.56 -0.54 -20.51
CA GLN D 350 -28.99 0.54 -21.40
C GLN D 350 -30.47 0.51 -21.69
N ALA D 351 -31.02 -0.69 -21.86
CA ALA D 351 -32.43 -0.88 -22.14
C ALA D 351 -33.30 -0.32 -21.01
N HIS D 352 -32.91 -0.65 -19.76
CA HIS D 352 -33.55 -0.06 -18.55
C HIS D 352 -33.40 1.44 -18.44
N PHE D 353 -32.21 1.98 -18.75
CA PHE D 353 -31.99 3.42 -18.64
C PHE D 353 -32.86 4.20 -19.61
N ILE D 354 -32.94 3.73 -20.84
CA ILE D 354 -33.77 4.35 -21.88
C ILE D 354 -35.27 4.30 -21.49
N GLU D 355 -35.68 3.14 -21.04
CA GLU D 355 -37.06 2.93 -20.65
C GLU D 355 -37.41 3.86 -19.49
N TYR D 356 -36.49 4.06 -18.55
CA TYR D 356 -36.73 4.92 -17.38
C TYR D 356 -36.81 6.43 -17.80
N VAL D 357 -35.76 6.91 -18.45
CA VAL D 357 -35.67 8.31 -18.87
C VAL D 357 -36.74 8.69 -19.90
N GLU D 358 -37.01 7.83 -20.87
CA GLU D 358 -37.98 8.13 -21.94
C GLU D 358 -39.41 8.20 -21.40
N GLU D 359 -39.76 7.36 -20.43
CA GLU D 359 -41.17 7.10 -20.15
C GLU D 359 -41.63 7.25 -18.69
N GLN D 360 -40.71 7.32 -17.75
CA GLN D 360 -41.13 7.43 -16.36
C GLN D 360 -40.09 8.20 -15.55
N GLN D 361 -39.49 9.20 -16.19
CA GLN D 361 -38.39 9.96 -15.59
C GLN D 361 -38.81 10.66 -14.31
N ARG D 362 -38.07 10.39 -13.24
CA ARG D 362 -38.13 11.17 -12.02
C ARG D 362 -36.81 11.01 -11.24
N LEU D 363 -36.31 12.11 -10.69
CA LEU D 363 -35.10 12.07 -9.87
C LEU D 363 -35.26 11.01 -8.76
N ILE D 364 -34.25 10.17 -8.54
CA ILE D 364 -34.32 9.14 -7.50
C ILE D 364 -33.57 9.77 -6.32
N ARG D 365 -34.28 10.03 -5.23
CA ARG D 365 -33.82 10.83 -4.13
C ARG D 365 -34.66 10.42 -2.91
N PRO D 366 -34.18 9.38 -2.23
CA PRO D 366 -34.83 8.87 -1.03
C PRO D 366 -34.49 9.74 0.21
N ARG D 367 -34.83 9.25 1.40
CA ARG D 367 -34.48 9.94 2.66
C ARG D 367 -33.74 8.99 3.62
N ALA D 368 -33.18 9.52 4.71
CA ALA D 368 -32.64 8.68 5.78
C ALA D 368 -33.35 8.97 7.08
N VAL D 369 -33.34 8.03 8.01
CA VAL D 369 -33.86 8.31 9.39
C VAL D 369 -32.72 8.87 10.21
N TYR D 370 -32.91 10.07 10.79
CA TYR D 370 -31.88 10.68 11.62
C TYR D 370 -31.87 10.12 13.05
N VAL D 371 -30.67 9.74 13.46
CA VAL D 371 -30.46 8.97 14.67
C VAL D 371 -29.20 9.54 15.41
N GLY D 372 -28.81 10.75 15.01
CA GLY D 372 -27.60 11.36 15.56
C GLY D 372 -27.89 12.38 16.66
N PRO D 373 -26.85 13.14 17.06
CA PRO D 373 -26.96 14.11 18.17
C PRO D 373 -28.02 15.18 17.99
N ALA D 374 -28.71 15.48 19.09
CA ALA D 374 -29.62 16.64 19.19
C ALA D 374 -28.87 17.91 18.84
N GLU D 375 -29.57 19.00 18.55
CA GLU D 375 -28.90 20.30 18.32
C GLU D 375 -27.90 20.71 19.42
N ARG D 376 -26.76 21.21 19.00
CA ARG D 376 -25.62 21.53 19.88
C ARG D 376 -25.08 22.84 19.31
N LYS D 377 -24.62 23.73 20.19
CA LYS D 377 -24.01 25.01 19.79
C LYS D 377 -22.55 24.73 19.46
N TYR D 378 -22.06 25.30 18.36
CA TYR D 378 -20.65 25.15 17.97
C TYR D 378 -19.69 25.75 19.02
N VAL D 379 -18.63 24.99 19.36
CA VAL D 379 -17.62 25.42 20.34
C VAL D 379 -16.25 25.60 19.65
N PRO D 380 -15.62 26.77 19.82
CA PRO D 380 -14.28 27.07 19.26
C PRO D 380 -13.21 26.05 19.62
N ILE D 381 -12.32 25.76 18.66
CA ILE D 381 -11.32 24.71 18.83
C ILE D 381 -10.44 24.90 20.08
N ALA D 382 -10.34 26.14 20.54
CA ALA D 382 -9.53 26.51 21.70
C ALA D 382 -10.02 25.85 23.01
N GLU D 383 -11.32 25.58 23.09
CA GLU D 383 -11.93 25.18 24.36
C GLU D 383 -12.60 23.82 24.30
N ARG D 384 -12.01 22.89 23.53
CA ARG D 384 -12.62 21.58 23.34
C ARG D 384 -11.99 20.52 24.24
#